data_8OJ7
#
_entry.id   8OJ7
#
_cell.length_a   1.00
_cell.length_b   1.00
_cell.length_c   1.00
_cell.angle_alpha   90.00
_cell.angle_beta   90.00
_cell.angle_gamma   90.00
#
_symmetry.space_group_name_H-M   'P 1'
#
loop_
_entity.id
_entity.type
_entity.pdbx_description
1 polymer 'DNA polymerase catalytic subunit'
2 polymer 'DNA polymerase processivity factor'
3 polymer 'DNA (53-MER)'
4 polymer 'DNA (67-MER)'
5 non-polymer 'MAGNESIUM ION'
6 non-polymer "2'-DEOXYADENOSINE 5'-TRIPHOSPHATE"
#
loop_
_entity_poly.entity_id
_entity_poly.type
_entity_poly.pdbx_seq_one_letter_code
_entity_poly.pdbx_strand_id
1 'polypeptide(L)'
;MFSGGGGPLSPGGKSAARAASGFFAPAGPRGASRGPPPCLRQNFYNPYLAPVGTQQKPTGPTQRHTYYSECDEFRFIAPR
VLDEDAPPEKRAGVHDGHLKRAPKVYCGGDERDVLRVGSGGFWPRRSRLWGGVDHAPAGFNPTVTVFHVYDILENVEHAY
GMRAAQFHARFMDAITPTGTVITLLGLTPEGHRVAVHVYGTRQYFYMNKEEVDRHLQCRAPRDLCERMAAALRESPGASF
RGISADHFEAEVVERTDVYYYETRPALFYRVYVRSGRVLSYLCDNFCPAIKKYEGGVDATTRFILDNPGFVTFGWYRLKP
GRNNTLAQPRAPMAFGTSSDVEFNCTADNLAIEGGMSDLPAYKLMCFDIECKAGGEDELAFPVAGHPEDLVIQISCLLYD
LSTTALEHVLLFSLGSCDLPESHLNELAARGLPTPVVLEFDSEFEMLLAFMTLVKQYGPEFVTGYNIINFDWPFLLAKLT
DIYKVPLDGYGRMNGRGVFRVWDIGQSHFQKRSKIKVNGMVNIDMYGIITDKIKLSSYKLNAVAEAVLKDKKKDLSYRDI
PAYYAAGPAQRGVIGEYCIQDSLLVGQLFFKFLPHLELSAVARLAGINITRTIYDGQQIRVFTCLLRLADQKGFILPDTQ
GRFRGAGGEAPKRPAAAREDEERPEEEGEDEDEREEGGGEREPEGARETAGRHVGYQGARVLDPTSGFHVNPVVVFDFAS
LYPSIIQAHNLCFSTLSLRADAVAHLEAGKDYLEIEVGGRRLFFVKAHVRESLLSILLRDWLAMRKQIRSRIPQSSPEEA
VLLDKQQAAIKVVCNSVYGFTGVQHGLLPCLHVAATVTTIGREMLLATREYVHARWAAFEQLLADFPEAADMRAPGPYSM
RIIYGDTDSIFVLCRGLTAAGLTAVGDKMASHISRALFLPPIKLECEKTFTKLLLIAKKKYIGVIYGGKMLIKGVDLVRK
NNCAFINRTSRALVDLLFYDDTVSGAAAALAERPAEEWLARPLPEGLQAFGAVLVDAHRRITDPERDIQDFVLTAELSRH
PRAYTNKRLAHLTVYYKLMARRAQVPSIKDRIPYVIVAQTREVEETVARLAALRELDAAAPGDEPAPPAALPSPAKRPRE
TPSPADPPGGASKPRKLLVSELAEDPAYAIAHGVALNTDYYFSHLLGAACVTFKALFGNNAKITESLLKRFIPEVWHPPD
DVAARLRTAGFGAVGAGATAEETRRMLHRAFDTLA
;
A
2 'polypeptide(L)'
;MTDSPGGVAPASPVEDASDASLGQPEEGAPCQVVLQGAELNGILQAFAPLRTSLLDSLLVMGDRGILIHNTIFGEQVFLP
LEHSQFSRYRWRGPTAAFLSLVDQKRSLLSVFRANQYPDLRRVELAITGQAPFRTLVQRIWTTTSDGEAVELASETLMKR
ELTSFVVLVPQGTPDVQLRLTRPQLTKVLNATGADSATPTTFELGVNGKFSVFTTSTCVTFAAREEGVSSSTSTQVQILS
NALTKAGQAAANAKTVYGENTHRTFSVVVDDCSMRAVLRRLQVGGGTLKFFLTTPVPSLCVTATGPNAVSAVFLLKPQKI
CLDWLGHSQGSPSAGSSASRASGSEPTDSQDSASDAVSHGDPEDLDGAARAGEAGALHACPMPSSTTRVTPTTKRGRSGG
EDARADTALKKPKTGSPTAPPPADPVPLDTEDDSDAADGTAARPAAPDARSGSRYACYFRDLPTGEASPGAFSAFRGGPQ
TPYGFGFP
;
B
3 'polydeoxyribonucleotide'
;(DG)(DC)(DC)(DA)(DC)(DT)(DA)(DC)(DG)(DA)(DC)(DA)(DC)(DC)(DT)(DT)(DG)(DA)(DT)(DC)
(DG)(DC)(DC)(DT)(DC)(DG)(DC)(DA)(DG)(DC)(DC)(DG)(DT)(DC)(DC)(DA)(DA)(DC)(DC)(DA)
(DA)(DC)(DT)(DC)(DA)(DA)(DT)(DT)(DA)(DG)(DA)(DA)(DOC)
;
C
4 'polydeoxyribonucleotide'
;(DA)(DT)(DT)(DT)(DG)(DC)(DT)(DG)(DA)(DC)(DC)(DT)(DT)(DT)(DG)(DT)(DT)(DC)(DT)(DA)
(DA)(DT)(DT)(DG)(DA)(DG)(DT)(DT)(DG)(DG)(DT)(DT)(DG)(DG)(DA)(DC)(DG)(DG)(DC)(DT)
(DG)(DC)(DG)(DA)(DG)(DG)(DC)(DG)(DA)(DT)(DC)(DA)(DA)(DG)(DG)(DT)(DG)(DT)(DC)(DG)
(DT)(DA)(DG)(DT)(DG)(DG)(DC)
;
D
#
# COMPACT_ATOMS: atom_id res chain seq x y z
N THR A 59 -27.30 -11.38 -51.60
CA THR A 59 -26.04 -12.13 -51.36
C THR A 59 -25.29 -11.53 -50.17
N GLY A 60 -24.87 -10.27 -50.32
CA GLY A 60 -24.26 -9.54 -49.22
C GLY A 60 -22.80 -9.93 -49.02
N PRO A 61 -22.18 -9.57 -47.88
CA PRO A 61 -20.76 -9.81 -47.67
C PRO A 61 -20.43 -11.30 -47.46
N THR A 62 -19.17 -11.63 -47.76
CA THR A 62 -18.71 -13.02 -47.84
C THR A 62 -18.88 -13.71 -46.48
N GLN A 63 -18.64 -12.95 -45.41
CA GLN A 63 -18.97 -13.37 -44.05
C GLN A 63 -19.94 -12.35 -43.45
N ARG A 64 -20.84 -12.85 -42.60
CA ARG A 64 -21.90 -12.05 -42.00
C ARG A 64 -21.31 -11.05 -41.02
N HIS A 65 -21.79 -9.81 -41.11
CA HIS A 65 -21.60 -8.81 -40.07
C HIS A 65 -22.53 -9.10 -38.91
N THR A 66 -22.01 -9.08 -37.69
CA THR A 66 -22.81 -9.44 -36.52
C THR A 66 -23.23 -8.23 -35.70
N TYR A 67 -22.64 -7.05 -35.93
CA TYR A 67 -23.11 -5.82 -35.30
C TYR A 67 -24.45 -5.41 -35.91
N TYR A 68 -25.19 -4.57 -35.19
CA TYR A 68 -26.53 -4.16 -35.62
C TYR A 68 -26.47 -3.01 -36.59
N SER A 69 -27.12 -3.17 -37.74
CA SER A 69 -27.24 -2.14 -38.75
C SER A 69 -28.71 -1.82 -38.98
N GLU A 70 -29.59 -2.62 -38.38
CA GLU A 70 -31.03 -2.39 -38.42
C GLU A 70 -31.65 -2.97 -37.16
N CYS A 71 -32.72 -2.36 -36.67
CA CYS A 71 -33.35 -2.74 -35.41
C CYS A 71 -34.75 -2.18 -35.35
N ASP A 72 -35.75 -3.07 -35.19
CA ASP A 72 -37.14 -2.66 -35.29
C ASP A 72 -37.86 -2.82 -33.96
N GLU A 73 -37.22 -3.41 -32.94
CA GLU A 73 -37.91 -3.78 -31.72
C GLU A 73 -36.88 -3.94 -30.60
N PHE A 74 -37.16 -3.37 -29.42
CA PHE A 74 -36.18 -3.42 -28.35
C PHE A 74 -36.85 -3.30 -26.98
N ARG A 75 -36.07 -3.69 -25.96
CA ARG A 75 -36.44 -3.54 -24.59
C ARG A 75 -36.28 -2.08 -24.15
N PHE A 76 -37.40 -1.41 -23.85
CA PHE A 76 -37.42 -0.04 -23.44
C PHE A 76 -37.40 0.05 -21.92
N ILE A 77 -36.36 0.67 -21.35
CA ILE A 77 -36.26 0.90 -19.93
C ILE A 77 -35.85 2.36 -19.72
N ALA A 78 -36.59 3.08 -18.87
CA ALA A 78 -36.34 4.50 -18.64
C ALA A 78 -36.97 4.96 -17.33
N PRO A 79 -36.35 5.97 -16.64
CA PRO A 79 -36.93 6.54 -15.43
C PRO A 79 -38.26 7.24 -15.63
N ARG A 80 -39.22 6.96 -14.74
CA ARG A 80 -40.53 7.57 -14.82
C ARG A 80 -40.48 9.06 -14.53
N VAL A 81 -39.44 9.53 -13.86
CA VAL A 81 -39.35 10.95 -13.55
C VAL A 81 -39.09 11.81 -14.80
N LEU A 82 -38.88 11.18 -15.95
CA LEU A 82 -38.76 11.96 -17.16
C LEU A 82 -40.13 12.33 -17.75
N ASP A 83 -41.23 11.78 -17.23
CA ASP A 83 -42.55 12.21 -17.69
C ASP A 83 -42.95 13.49 -16.97
N GLU A 84 -42.66 14.65 -17.56
CA GLU A 84 -42.63 15.91 -16.80
C GLU A 84 -44.04 16.27 -16.30
N ASP A 85 -45.07 15.77 -17.01
CA ASP A 85 -46.46 16.07 -16.71
C ASP A 85 -47.18 14.88 -16.07
N ALA A 86 -46.43 13.94 -15.49
CA ALA A 86 -47.04 12.82 -14.79
C ALA A 86 -47.46 13.24 -13.38
N PRO A 87 -48.46 12.55 -12.78
CA PRO A 87 -48.77 12.67 -11.34
C PRO A 87 -47.61 12.38 -10.38
N PRO A 88 -47.57 13.02 -9.20
CA PRO A 88 -46.52 12.75 -8.20
C PRO A 88 -46.37 11.28 -7.78
N GLU A 89 -47.46 10.52 -7.86
CA GLU A 89 -47.48 9.12 -7.45
C GLU A 89 -46.88 8.24 -8.53
N LYS A 90 -46.85 8.74 -9.77
CA LYS A 90 -46.34 7.98 -10.91
C LYS A 90 -44.86 8.28 -11.23
N ARG A 91 -44.17 9.09 -10.42
CA ARG A 91 -42.85 9.54 -10.79
C ARG A 91 -41.75 8.53 -10.45
N ALA A 92 -42.04 7.53 -9.62
CA ALA A 92 -41.00 6.66 -9.09
C ALA A 92 -40.69 5.47 -10.00
N GLY A 93 -39.47 4.93 -9.88
CA GLY A 93 -39.11 3.69 -10.56
C GLY A 93 -38.82 3.86 -12.05
N VAL A 94 -38.89 2.75 -12.81
CA VAL A 94 -38.61 2.73 -14.24
C VAL A 94 -39.74 2.02 -14.97
N HIS A 95 -40.03 2.49 -16.18
CA HIS A 95 -40.70 1.70 -17.21
C HIS A 95 -39.79 0.57 -17.66
N ASP A 96 -40.35 -0.62 -17.92
CA ASP A 96 -39.62 -1.72 -18.57
C ASP A 96 -40.61 -2.54 -19.39
N GLY A 97 -40.56 -2.40 -20.72
CA GLY A 97 -41.34 -3.22 -21.63
C GLY A 97 -40.78 -3.22 -23.04
N HIS A 98 -41.32 -4.08 -23.92
CA HIS A 98 -40.87 -4.11 -25.31
C HIS A 98 -41.59 -3.06 -26.11
N LEU A 99 -40.89 -2.56 -27.13
CA LEU A 99 -41.40 -1.47 -27.94
C LEU A 99 -40.98 -1.69 -29.38
N LYS A 100 -41.93 -1.66 -30.32
CA LYS A 100 -41.63 -1.87 -31.72
C LYS A 100 -41.48 -0.53 -32.42
N ARG A 101 -40.28 0.04 -32.37
CA ARG A 101 -39.89 1.09 -33.30
C ARG A 101 -38.38 1.14 -33.45
N ALA A 102 -37.89 1.87 -34.44
CA ALA A 102 -36.47 2.03 -34.65
C ALA A 102 -35.91 2.87 -33.51
N PRO A 103 -34.75 2.53 -32.93
CA PRO A 103 -34.09 3.40 -31.96
C PRO A 103 -33.79 4.81 -32.49
N LYS A 104 -34.06 5.83 -31.69
CA LYS A 104 -33.94 7.21 -32.11
C LYS A 104 -32.96 8.01 -31.24
N VAL A 105 -32.41 9.06 -31.82
CA VAL A 105 -31.56 10.00 -31.12
C VAL A 105 -32.06 11.43 -31.40
N TYR A 106 -32.00 12.30 -30.40
CA TYR A 106 -32.42 13.69 -30.54
C TYR A 106 -31.22 14.59 -30.34
N CYS A 107 -31.10 15.62 -31.19
CA CYS A 107 -30.00 16.55 -31.07
C CYS A 107 -30.38 17.90 -31.63
N GLY A 108 -30.55 18.87 -30.72
CA GLY A 108 -30.75 20.26 -31.10
C GLY A 108 -32.06 20.49 -31.86
N GLY A 109 -33.10 19.77 -31.46
CA GLY A 109 -34.41 19.94 -32.09
C GLY A 109 -34.60 18.98 -33.25
N ASP A 110 -33.51 18.41 -33.79
CA ASP A 110 -33.62 17.44 -34.86
C ASP A 110 -33.61 16.03 -34.27
N GLU A 111 -34.03 15.07 -35.09
CA GLU A 111 -34.28 13.72 -34.68
C GLU A 111 -33.86 12.77 -35.80
N ARG A 112 -33.21 11.66 -35.45
CA ARG A 112 -32.71 10.70 -36.42
C ARG A 112 -32.79 9.30 -35.85
N ASP A 113 -32.80 8.30 -36.72
CA ASP A 113 -32.59 6.91 -36.33
C ASP A 113 -31.13 6.71 -36.00
N VAL A 114 -30.86 5.97 -34.94
CA VAL A 114 -29.52 5.70 -34.46
C VAL A 114 -28.70 4.92 -35.51
N LEU A 115 -29.31 3.98 -36.25
CA LEU A 115 -28.56 3.03 -37.05
C LEU A 115 -28.53 3.40 -38.52
N ARG A 116 -28.88 4.66 -38.84
CA ARG A 116 -28.94 5.10 -40.21
C ARG A 116 -27.67 5.84 -40.63
N VAL A 117 -27.12 5.52 -41.80
CA VAL A 117 -26.00 6.28 -42.34
C VAL A 117 -26.45 7.02 -43.60
N GLY A 118 -25.96 8.25 -43.73
CA GLY A 118 -26.43 9.19 -44.74
C GLY A 118 -25.83 10.56 -44.51
N SER A 119 -26.63 11.62 -44.70
CA SER A 119 -26.07 12.95 -44.82
C SER A 119 -25.90 13.59 -43.45
N GLY A 120 -26.97 13.58 -42.66
CA GLY A 120 -27.10 14.57 -41.60
C GLY A 120 -26.72 14.04 -40.23
N GLY A 121 -25.61 13.28 -40.13
CA GLY A 121 -25.32 12.51 -38.92
C GLY A 121 -24.93 13.38 -37.73
N PHE A 122 -25.14 12.90 -36.52
CA PHE A 122 -24.88 13.70 -35.33
C PHE A 122 -23.51 13.43 -34.71
N TRP A 123 -22.79 12.38 -35.10
CA TRP A 123 -21.42 12.14 -34.65
C TRP A 123 -20.50 11.83 -35.84
N PRO A 124 -19.17 12.04 -35.74
CA PRO A 124 -18.28 11.72 -36.85
C PRO A 124 -18.16 10.24 -37.18
N ARG A 125 -17.75 9.94 -38.42
CA ARG A 125 -17.67 8.58 -38.94
C ARG A 125 -16.37 8.44 -39.71
N ARG A 126 -15.72 7.28 -39.58
CA ARG A 126 -14.56 6.92 -40.38
C ARG A 126 -14.81 5.57 -41.03
N SER A 127 -16.07 5.24 -41.29
CA SER A 127 -16.47 3.92 -41.74
C SER A 127 -16.86 3.96 -43.21
N ARG A 128 -16.40 2.94 -43.96
CA ARG A 128 -16.72 2.82 -45.37
C ARG A 128 -18.02 2.04 -45.56
N LEU A 129 -18.09 0.83 -45.03
CA LEU A 129 -19.24 -0.03 -45.19
C LEU A 129 -20.15 0.09 -43.99
N TRP A 130 -21.41 -0.24 -44.18
CA TRP A 130 -22.36 -0.33 -43.10
C TRP A 130 -23.44 -1.32 -43.50
N GLY A 131 -23.57 -2.39 -42.73
CA GLY A 131 -24.27 -3.55 -43.24
C GLY A 131 -23.55 -4.03 -44.49
N GLY A 132 -24.28 -4.15 -45.58
CA GLY A 132 -23.66 -4.54 -46.84
C GLY A 132 -23.45 -3.38 -47.79
N VAL A 133 -23.90 -2.17 -47.42
CA VAL A 133 -23.82 -1.03 -48.32
C VAL A 133 -22.46 -0.34 -48.21
N ASP A 134 -21.98 0.19 -49.34
CA ASP A 134 -20.73 0.91 -49.43
C ASP A 134 -21.04 2.40 -49.55
N HIS A 135 -20.42 3.21 -48.69
CA HIS A 135 -20.70 4.62 -48.60
C HIS A 135 -19.50 5.46 -49.02
N ALA A 136 -18.51 4.87 -49.69
CA ALA A 136 -17.39 5.64 -50.21
C ALA A 136 -17.87 6.36 -51.46
N PRO A 137 -17.34 7.56 -51.79
CA PRO A 137 -17.68 8.21 -53.06
C PRO A 137 -17.40 7.30 -54.25
N ALA A 138 -18.16 7.47 -55.33
CA ALA A 138 -17.97 6.63 -56.50
C ALA A 138 -16.57 6.84 -57.06
N GLY A 139 -15.93 5.72 -57.39
CA GLY A 139 -14.58 5.72 -57.95
C GLY A 139 -13.50 5.89 -56.90
N PHE A 140 -13.85 5.70 -55.62
CA PHE A 140 -12.88 5.76 -54.54
C PHE A 140 -11.93 4.56 -54.63
N ASN A 141 -10.62 4.84 -54.69
CA ASN A 141 -9.64 3.79 -54.94
C ASN A 141 -8.22 4.29 -54.64
N PRO A 142 -7.81 4.44 -53.37
CA PRO A 142 -6.49 4.99 -53.06
C PRO A 142 -5.34 3.99 -53.26
N THR A 143 -4.22 4.52 -53.76
CA THR A 143 -2.98 3.76 -53.87
C THR A 143 -2.32 3.65 -52.49
N VAL A 144 -2.03 2.42 -52.07
CA VAL A 144 -1.33 2.17 -50.82
C VAL A 144 0.07 1.70 -51.12
N THR A 145 1.07 2.41 -50.57
CA THR A 145 2.45 1.96 -50.59
C THR A 145 2.92 1.73 -49.15
N VAL A 146 2.90 2.77 -48.33
CA VAL A 146 3.33 2.68 -46.95
C VAL A 146 2.13 2.78 -46.02
N PHE A 147 2.21 2.03 -44.92
CA PHE A 147 1.18 2.03 -43.92
C PHE A 147 1.83 1.78 -42.57
N HIS A 148 1.25 2.33 -41.52
CA HIS A 148 1.71 2.09 -40.18
C HIS A 148 0.83 1.02 -39.52
N VAL A 149 1.43 0.01 -38.91
CA VAL A 149 0.72 -1.06 -38.23
C VAL A 149 0.77 -0.78 -36.74
N TYR A 150 -0.37 -0.83 -36.08
CA TYR A 150 -0.42 -0.68 -34.63
C TYR A 150 -0.87 -1.97 -33.94
N ASP A 151 -1.51 -2.88 -34.69
CA ASP A 151 -2.07 -4.07 -34.09
C ASP A 151 -2.05 -5.23 -35.08
N ILE A 152 -1.97 -6.47 -34.56
CA ILE A 152 -1.96 -7.68 -35.38
C ILE A 152 -2.96 -8.69 -34.86
N LEU A 153 -3.80 -9.23 -35.75
CA LEU A 153 -4.77 -10.26 -35.40
C LEU A 153 -4.39 -11.61 -36.01
N GLU A 154 -4.87 -12.69 -35.39
CA GLU A 154 -4.76 -14.05 -35.88
C GLU A 154 -6.18 -14.60 -36.02
N ASN A 155 -6.52 -15.13 -37.19
CA ASN A 155 -7.81 -15.74 -37.46
C ASN A 155 -7.62 -16.94 -38.36
N VAL A 156 -8.63 -17.81 -38.47
CA VAL A 156 -8.61 -18.96 -39.35
C VAL A 156 -9.62 -18.76 -40.46
N GLU A 157 -9.18 -18.94 -41.71
CA GLU A 157 -10.03 -18.84 -42.88
C GLU A 157 -10.11 -20.22 -43.52
N HIS A 158 -11.28 -20.54 -44.08
CA HIS A 158 -11.55 -21.79 -44.75
C HIS A 158 -11.84 -21.52 -46.22
N ALA A 159 -11.22 -22.28 -47.11
CA ALA A 159 -11.37 -22.06 -48.54
C ALA A 159 -12.83 -22.19 -48.95
N TYR A 160 -13.59 -23.10 -48.32
CA TYR A 160 -14.96 -23.30 -48.73
C TYR A 160 -15.80 -22.08 -48.34
N GLY A 161 -15.47 -21.46 -47.21
CA GLY A 161 -16.15 -20.24 -46.82
C GLY A 161 -15.81 -19.04 -47.71
N MET A 162 -14.80 -19.18 -48.57
CA MET A 162 -14.28 -18.07 -49.35
C MET A 162 -14.47 -18.30 -50.84
N ARG A 163 -15.21 -19.32 -51.25
CA ARG A 163 -15.49 -19.65 -52.64
C ARG A 163 -15.83 -18.42 -53.47
N ALA A 164 -16.74 -17.60 -52.95
CA ALA A 164 -17.39 -16.55 -53.72
C ALA A 164 -16.58 -15.26 -53.73
N ALA A 165 -15.59 -15.13 -52.84
CA ALA A 165 -14.67 -14.00 -52.88
C ALA A 165 -13.65 -14.23 -54.01
N GLN A 166 -13.32 -13.19 -54.74
CA GLN A 166 -12.58 -13.39 -55.97
C GLN A 166 -11.08 -13.45 -55.66
N PHE A 167 -10.67 -14.32 -54.73
CA PHE A 167 -9.28 -14.35 -54.30
C PHE A 167 -8.45 -15.07 -55.35
N HIS A 168 -7.22 -14.61 -55.56
CA HIS A 168 -6.27 -15.28 -56.43
C HIS A 168 -5.89 -16.64 -55.85
N ALA A 169 -5.44 -17.53 -56.73
CA ALA A 169 -5.20 -18.92 -56.38
C ALA A 169 -4.17 -19.06 -55.27
N ARG A 170 -3.11 -18.22 -55.26
CA ARG A 170 -2.03 -18.37 -54.31
C ARG A 170 -2.56 -18.26 -52.87
N PHE A 171 -3.61 -17.48 -52.64
CA PHE A 171 -4.13 -17.32 -51.30
C PHE A 171 -5.06 -18.46 -50.96
N MET A 172 -5.84 -18.94 -51.93
CA MET A 172 -6.74 -20.05 -51.70
C MET A 172 -5.95 -21.30 -51.32
N ASP A 173 -4.77 -21.52 -51.92
CA ASP A 173 -3.95 -22.66 -51.58
C ASP A 173 -3.50 -22.63 -50.13
N ALA A 174 -3.29 -21.44 -49.56
CA ALA A 174 -2.76 -21.33 -48.21
C ALA A 174 -3.80 -21.61 -47.14
N ILE A 175 -5.08 -21.66 -47.51
CA ILE A 175 -6.12 -21.88 -46.54
C ILE A 175 -7.02 -23.03 -47.00
N THR A 176 -6.44 -24.02 -47.68
CA THR A 176 -7.12 -25.21 -48.14
C THR A 176 -6.52 -26.42 -47.43
N PRO A 177 -7.23 -27.13 -46.53
CA PRO A 177 -8.68 -26.93 -46.30
C PRO A 177 -9.01 -25.84 -45.31
N THR A 178 -8.00 -25.36 -44.60
CA THR A 178 -8.14 -24.33 -43.59
C THR A 178 -6.76 -23.74 -43.39
N GLY A 179 -6.64 -22.49 -42.95
CA GLY A 179 -5.34 -21.96 -42.62
C GLY A 179 -5.47 -20.75 -41.72
N THR A 180 -4.39 -20.33 -41.09
CA THR A 180 -4.36 -19.15 -40.24
C THR A 180 -3.97 -17.95 -41.09
N VAL A 181 -4.66 -16.83 -40.88
CA VAL A 181 -4.39 -15.61 -41.61
C VAL A 181 -4.04 -14.56 -40.59
N ILE A 182 -3.04 -13.73 -40.90
CA ILE A 182 -2.54 -12.75 -39.97
C ILE A 182 -2.91 -11.38 -40.49
N THR A 183 -3.70 -10.62 -39.74
CA THR A 183 -4.20 -9.33 -40.22
C THR A 183 -3.49 -8.18 -39.53
N LEU A 184 -2.74 -7.42 -40.33
CA LEU A 184 -2.10 -6.20 -39.88
C LEU A 184 -3.10 -5.06 -39.93
N LEU A 185 -3.25 -4.30 -38.85
CA LEU A 185 -4.23 -3.20 -38.78
C LEU A 185 -3.48 -1.90 -38.71
N GLY A 186 -3.94 -0.90 -39.46
CA GLY A 186 -3.11 0.28 -39.62
C GLY A 186 -3.73 1.43 -40.36
N LEU A 187 -2.89 2.41 -40.66
CA LEU A 187 -3.34 3.66 -41.24
C LEU A 187 -2.32 4.13 -42.26
N THR A 188 -2.80 4.71 -43.36
CA THR A 188 -1.89 5.28 -44.36
C THR A 188 -1.60 6.72 -43.91
N PRO A 189 -0.52 7.35 -44.40
CA PRO A 189 -0.25 8.75 -44.11
C PRO A 189 -1.27 9.77 -44.63
N GLU A 190 -2.21 9.33 -45.46
CA GLU A 190 -3.33 10.14 -45.89
C GLU A 190 -4.55 9.96 -44.96
N GLY A 191 -4.42 9.10 -43.94
CA GLY A 191 -5.43 8.89 -42.91
C GLY A 191 -6.44 7.80 -43.26
N HIS A 192 -6.13 6.94 -44.20
CA HIS A 192 -7.03 5.86 -44.53
C HIS A 192 -6.78 4.63 -43.66
N ARG A 193 -7.84 4.00 -43.18
CA ARG A 193 -7.74 2.81 -42.36
C ARG A 193 -7.51 1.59 -43.26
N VAL A 194 -6.49 0.79 -42.94
CA VAL A 194 -6.11 -0.31 -43.80
C VAL A 194 -6.00 -1.58 -42.98
N ALA A 195 -6.36 -2.70 -43.60
CA ALA A 195 -6.10 -4.03 -43.08
C ALA A 195 -5.40 -4.84 -44.15
N VAL A 196 -4.24 -5.41 -43.82
CA VAL A 196 -3.51 -6.26 -44.73
C VAL A 196 -3.56 -7.68 -44.19
N HIS A 197 -4.08 -8.60 -44.99
CA HIS A 197 -4.25 -9.99 -44.61
C HIS A 197 -3.11 -10.84 -45.17
N VAL A 198 -2.33 -11.47 -44.30
CA VAL A 198 -1.13 -12.17 -44.68
C VAL A 198 -1.37 -13.68 -44.64
N TYR A 199 -1.08 -14.33 -45.75
CA TYR A 199 -1.33 -15.75 -45.96
C TYR A 199 -0.02 -16.51 -45.90
N GLY A 200 -0.05 -17.72 -45.34
CA GLY A 200 1.09 -18.62 -45.48
C GLY A 200 1.86 -18.87 -44.19
N THR A 201 1.54 -18.20 -43.09
CA THR A 201 2.20 -18.47 -41.81
C THR A 201 1.59 -19.71 -41.18
N ARG A 202 2.45 -20.63 -40.73
CA ARG A 202 2.01 -21.86 -40.05
C ARG A 202 2.69 -21.94 -38.69
N GLN A 203 1.95 -22.42 -37.68
CA GLN A 203 2.53 -22.75 -36.40
C GLN A 203 3.17 -24.14 -36.51
N TYR A 204 4.13 -24.39 -35.61
CA TYR A 204 4.82 -25.65 -35.55
C TYR A 204 5.45 -25.89 -34.19
N PHE A 205 5.69 -27.18 -33.91
CA PHE A 205 6.37 -27.65 -32.71
C PHE A 205 7.35 -28.75 -33.08
N TYR A 206 8.21 -29.14 -32.15
CA TYR A 206 9.16 -30.21 -32.42
C TYR A 206 8.99 -31.37 -31.44
N MET A 207 9.31 -32.58 -31.91
CA MET A 207 9.51 -33.74 -31.07
C MET A 207 10.72 -34.55 -31.55
N ASN A 208 11.42 -35.15 -30.60
CA ASN A 208 12.61 -35.94 -30.84
C ASN A 208 12.28 -37.17 -31.68
N LYS A 209 13.02 -37.38 -32.75
CA LYS A 209 12.66 -38.39 -33.74
C LYS A 209 12.80 -39.79 -33.16
N GLU A 210 13.94 -40.10 -32.53
CA GLU A 210 14.17 -41.42 -31.97
C GLU A 210 13.04 -41.80 -31.01
N GLU A 211 12.63 -40.84 -30.18
CA GLU A 211 11.57 -41.06 -29.22
C GLU A 211 10.26 -41.41 -29.95
N VAL A 212 9.89 -40.63 -30.95
CA VAL A 212 8.62 -40.77 -31.66
C VAL A 212 8.61 -42.10 -32.41
N ASP A 213 9.71 -42.43 -33.08
CA ASP A 213 9.90 -43.69 -33.76
C ASP A 213 9.70 -44.87 -32.81
N ARG A 214 10.36 -44.86 -31.67
CA ARG A 214 10.28 -45.92 -30.68
C ARG A 214 8.83 -46.09 -30.21
N HIS A 215 8.17 -44.99 -29.82
CA HIS A 215 6.87 -45.01 -29.18
C HIS A 215 5.74 -45.43 -30.14
N LEU A 216 5.77 -44.98 -31.39
CA LEU A 216 4.67 -45.18 -32.32
C LEU A 216 4.99 -46.18 -33.42
N GLN A 217 6.26 -46.52 -33.64
CA GLN A 217 6.68 -47.43 -34.69
C GLN A 217 6.50 -46.79 -36.08
N CYS A 218 6.66 -45.45 -36.14
CA CYS A 218 6.66 -44.73 -37.41
C CYS A 218 7.92 -45.06 -38.19
N ARG A 219 7.84 -44.92 -39.52
CA ARG A 219 8.90 -45.33 -40.42
C ARG A 219 9.13 -44.29 -41.52
N ALA A 220 8.17 -43.38 -41.71
CA ALA A 220 8.36 -42.22 -42.56
C ALA A 220 7.60 -41.04 -41.96
N PRO A 221 7.92 -39.78 -42.32
CA PRO A 221 7.20 -38.62 -41.77
C PRO A 221 5.69 -38.63 -41.99
N ARG A 222 5.26 -39.22 -43.11
CA ARG A 222 3.87 -39.36 -43.45
C ARG A 222 3.14 -40.20 -42.40
N ASP A 223 3.81 -41.17 -41.80
CA ASP A 223 3.20 -42.00 -40.76
C ASP A 223 2.80 -41.18 -39.55
N LEU A 224 3.68 -40.28 -39.12
CA LEU A 224 3.39 -39.45 -37.96
C LEU A 224 2.17 -38.57 -38.24
N CYS A 225 2.05 -38.08 -39.49
CA CYS A 225 0.91 -37.26 -39.87
C CYS A 225 -0.38 -38.09 -39.83
N GLU A 226 -0.30 -39.38 -40.15
CA GLU A 226 -1.46 -40.24 -40.10
C GLU A 226 -1.85 -40.54 -38.65
N ARG A 227 -0.86 -40.68 -37.77
CA ARG A 227 -1.13 -41.02 -36.38
C ARG A 227 -1.67 -39.81 -35.64
N MET A 228 -1.34 -38.59 -36.08
CA MET A 228 -1.86 -37.39 -35.46
C MET A 228 -3.31 -37.22 -35.89
N ALA A 229 -3.58 -37.41 -37.18
CA ALA A 229 -4.93 -37.31 -37.69
C ALA A 229 -5.85 -38.30 -36.98
N ALA A 230 -5.36 -39.53 -36.72
CA ALA A 230 -6.09 -40.52 -35.94
C ALA A 230 -6.44 -39.99 -34.55
N ALA A 231 -5.43 -39.46 -33.86
CA ALA A 231 -5.62 -38.97 -32.50
C ALA A 231 -6.70 -37.90 -32.47
N LEU A 232 -6.71 -37.01 -33.45
CA LEU A 232 -7.69 -35.92 -33.49
C LEU A 232 -9.09 -36.48 -33.70
N ARG A 233 -9.23 -37.43 -34.64
CA ARG A 233 -10.52 -37.99 -35.02
C ARG A 233 -11.17 -38.67 -33.83
N GLU A 234 -10.38 -39.39 -33.03
CA GLU A 234 -10.89 -40.14 -31.90
C GLU A 234 -11.01 -39.27 -30.64
N SER A 235 -11.13 -37.94 -30.79
CA SER A 235 -11.22 -37.08 -29.63
C SER A 235 -12.65 -37.13 -29.07
N PRO A 236 -12.83 -37.06 -27.73
CA PRO A 236 -14.17 -36.89 -27.16
C PRO A 236 -14.71 -35.49 -27.43
N GLY A 237 -15.96 -35.42 -27.90
CA GLY A 237 -16.55 -34.18 -28.36
C GLY A 237 -16.54 -34.10 -29.88
N ALA A 238 -15.65 -34.91 -30.48
CA ALA A 238 -15.53 -35.13 -31.92
C ALA A 238 -15.55 -33.81 -32.69
N SER A 239 -14.88 -32.80 -32.12
CA SER A 239 -14.88 -31.45 -32.67
C SER A 239 -13.84 -31.28 -33.77
N PHE A 240 -13.20 -32.37 -34.24
CA PHE A 240 -12.26 -32.30 -35.35
C PHE A 240 -12.67 -33.22 -36.48
N ARG A 241 -13.94 -33.17 -36.87
CA ARG A 241 -14.41 -33.95 -38.00
C ARG A 241 -13.69 -33.46 -39.25
N GLY A 242 -13.29 -34.41 -40.09
CA GLY A 242 -12.76 -34.08 -41.40
C GLY A 242 -11.25 -33.92 -41.40
N ILE A 243 -10.61 -33.89 -40.21
CA ILE A 243 -9.17 -33.72 -40.17
C ILE A 243 -8.51 -34.95 -40.79
N SER A 244 -7.55 -34.67 -41.67
CA SER A 244 -6.85 -35.69 -42.44
C SER A 244 -5.35 -35.50 -42.30
N ALA A 245 -4.56 -36.44 -42.83
CA ALA A 245 -3.12 -36.36 -42.70
C ALA A 245 -2.60 -35.14 -43.45
N ASP A 246 -3.33 -34.69 -44.47
CA ASP A 246 -2.89 -33.60 -45.33
C ASP A 246 -3.06 -32.25 -44.62
N HIS A 247 -3.71 -32.23 -43.46
CA HIS A 247 -3.77 -31.02 -42.65
C HIS A 247 -2.48 -30.77 -41.87
N PHE A 248 -1.49 -31.68 -42.00
CA PHE A 248 -0.23 -31.64 -41.29
C PHE A 248 0.92 -31.82 -42.27
N GLU A 249 2.10 -31.29 -41.93
CA GLU A 249 3.32 -31.54 -42.66
C GLU A 249 4.44 -31.75 -41.65
N ALA A 250 5.25 -32.80 -41.84
CA ALA A 250 6.31 -33.10 -40.88
C ALA A 250 7.65 -33.22 -41.60
N GLU A 251 8.68 -32.54 -41.10
CA GLU A 251 10.01 -32.68 -41.69
C GLU A 251 11.03 -32.99 -40.61
N VAL A 252 12.01 -33.81 -40.97
CA VAL A 252 13.16 -34.11 -40.13
C VAL A 252 14.19 -32.99 -40.25
N VAL A 253 14.61 -32.44 -39.09
CA VAL A 253 15.61 -31.38 -39.01
C VAL A 253 16.55 -31.68 -37.87
N GLU A 254 17.72 -31.03 -37.87
CA GLU A 254 18.66 -31.14 -36.76
C GLU A 254 18.60 -29.86 -35.94
N ARG A 255 18.54 -30.04 -34.61
CA ARG A 255 18.45 -28.96 -33.65
C ARG A 255 19.10 -29.41 -32.35
N THR A 256 19.18 -28.53 -31.37
CA THR A 256 19.67 -28.88 -30.05
C THR A 256 18.76 -28.30 -28.99
N ASP A 257 18.53 -29.07 -27.91
CA ASP A 257 17.81 -28.55 -26.77
C ASP A 257 18.73 -27.57 -26.08
N VAL A 258 18.15 -26.48 -25.56
CA VAL A 258 18.89 -25.32 -25.13
C VAL A 258 19.43 -25.48 -23.71
N TYR A 259 19.27 -26.62 -23.06
CA TYR A 259 19.38 -26.59 -21.62
C TYR A 259 20.76 -26.84 -21.06
N TYR A 260 21.69 -27.57 -21.68
CA TYR A 260 23.02 -27.64 -21.05
C TYR A 260 24.15 -27.72 -22.06
N TYR A 261 25.32 -27.34 -21.63
CA TYR A 261 26.44 -27.21 -22.55
C TYR A 261 26.77 -28.52 -23.28
N GLU A 262 26.79 -29.66 -22.58
CA GLU A 262 27.18 -30.93 -23.17
C GLU A 262 26.07 -31.61 -23.99
N THR A 263 24.97 -30.92 -24.23
CA THR A 263 23.87 -31.51 -24.96
C THR A 263 24.20 -31.55 -26.44
N ARG A 264 24.09 -32.73 -27.05
CA ARG A 264 24.45 -32.89 -28.46
C ARG A 264 23.26 -32.54 -29.35
N PRO A 265 23.49 -32.03 -30.58
CA PRO A 265 22.41 -31.91 -31.56
C PRO A 265 21.87 -33.27 -31.98
N ALA A 266 20.57 -33.31 -32.27
CA ALA A 266 19.82 -34.52 -32.58
C ALA A 266 18.80 -34.23 -33.66
N LEU A 267 18.17 -35.27 -34.17
CA LEU A 267 17.09 -35.16 -35.13
C LEU A 267 15.75 -35.02 -34.42
N PHE A 268 14.97 -34.05 -34.91
CA PHE A 268 13.61 -33.82 -34.47
C PHE A 268 12.73 -33.82 -35.69
N TYR A 269 11.50 -34.29 -35.54
CA TYR A 269 10.43 -33.90 -36.46
C TYR A 269 9.95 -32.51 -36.10
N ARG A 270 9.89 -31.63 -37.09
CA ARG A 270 9.17 -30.38 -36.98
C ARG A 270 7.82 -30.59 -37.66
N VAL A 271 6.73 -30.29 -36.95
CA VAL A 271 5.39 -30.58 -37.41
C VAL A 271 4.65 -29.27 -37.58
N TYR A 272 4.26 -28.97 -38.82
CA TYR A 272 3.49 -27.79 -39.14
C TYR A 272 2.02 -28.11 -38.98
N VAL A 273 1.30 -27.16 -38.39
CA VAL A 273 -0.12 -27.29 -38.11
C VAL A 273 -0.81 -26.05 -38.68
N ARG A 274 -1.97 -26.22 -39.29
CA ARG A 274 -2.68 -25.14 -39.97
C ARG A 274 -3.63 -24.37 -39.04
N SER A 275 -3.75 -24.78 -37.78
CA SER A 275 -4.67 -24.17 -36.82
C SER A 275 -4.11 -24.21 -35.40
N GLY A 276 -4.30 -23.14 -34.65
CA GLY A 276 -3.80 -23.09 -33.28
C GLY A 276 -4.64 -23.93 -32.32
N ARG A 277 -5.92 -24.08 -32.64
CA ARG A 277 -6.82 -24.93 -31.90
C ARG A 277 -6.38 -26.40 -32.03
N VAL A 278 -5.96 -26.80 -33.22
CA VAL A 278 -5.40 -28.13 -33.40
C VAL A 278 -4.12 -28.29 -32.59
N LEU A 279 -3.23 -27.30 -32.65
CA LEU A 279 -1.92 -27.39 -32.03
C LEU A 279 -2.06 -27.56 -30.52
N SER A 280 -3.00 -26.80 -29.95
CA SER A 280 -3.32 -26.88 -28.54
C SER A 280 -3.68 -28.30 -28.12
N TYR A 281 -4.53 -28.94 -28.91
CA TYR A 281 -5.01 -30.26 -28.59
C TYR A 281 -3.86 -31.25 -28.64
N LEU A 282 -3.02 -31.13 -29.65
CA LEU A 282 -1.93 -32.08 -29.81
C LEU A 282 -0.94 -31.92 -28.68
N CYS A 283 -0.68 -30.69 -28.24
CA CYS A 283 0.30 -30.48 -27.19
C CYS A 283 -0.16 -31.13 -25.91
N ASP A 284 -1.42 -30.86 -25.54
CA ASP A 284 -2.02 -31.38 -24.31
C ASP A 284 -2.12 -32.91 -24.35
N ASN A 285 -2.66 -33.47 -25.43
CA ASN A 285 -3.25 -34.81 -25.41
C ASN A 285 -2.48 -35.86 -26.21
N PHE A 286 -1.66 -35.49 -27.19
CA PHE A 286 -1.02 -36.49 -28.04
C PHE A 286 0.26 -36.97 -27.40
N CYS A 287 0.41 -38.30 -27.32
CA CYS A 287 1.60 -38.99 -26.83
C CYS A 287 2.26 -38.26 -25.66
N PRO A 288 1.62 -38.21 -24.48
CA PRO A 288 2.08 -37.34 -23.38
C PRO A 288 3.44 -37.64 -22.77
N ALA A 289 3.98 -38.83 -23.04
CA ALA A 289 5.29 -39.25 -22.59
C ALA A 289 6.41 -38.54 -23.35
N ILE A 290 6.08 -37.94 -24.50
CA ILE A 290 7.10 -37.41 -25.40
C ILE A 290 7.20 -35.91 -25.20
N LYS A 291 8.43 -35.42 -25.01
CA LYS A 291 8.67 -34.01 -24.75
C LYS A 291 8.43 -33.20 -26.04
N LYS A 292 7.75 -32.08 -25.94
CA LYS A 292 7.46 -31.22 -27.06
C LYS A 292 8.10 -29.86 -26.87
N TYR A 293 8.43 -29.21 -28.00
CA TYR A 293 9.14 -27.95 -27.98
C TYR A 293 8.41 -26.91 -28.80
N GLU A 294 8.20 -25.74 -28.19
CA GLU A 294 7.69 -24.53 -28.82
C GLU A 294 6.23 -24.64 -29.24
N GLY A 295 5.48 -25.56 -28.62
CA GLY A 295 4.08 -25.73 -28.92
C GLY A 295 3.22 -24.61 -28.39
N GLY A 296 3.78 -23.73 -27.54
CA GLY A 296 3.03 -22.62 -26.99
C GLY A 296 3.25 -21.33 -27.76
N VAL A 297 4.02 -21.35 -28.85
CA VAL A 297 4.29 -20.14 -29.61
C VAL A 297 3.12 -19.87 -30.54
N ASP A 298 2.57 -18.64 -30.53
CA ASP A 298 1.44 -18.27 -31.37
C ASP A 298 1.87 -17.89 -32.79
N ALA A 299 0.90 -17.78 -33.69
CA ALA A 299 1.19 -17.57 -35.10
C ALA A 299 1.76 -16.19 -35.38
N THR A 300 1.36 -15.21 -34.57
CA THR A 300 1.88 -13.86 -34.70
C THR A 300 3.38 -13.86 -34.47
N THR A 301 3.79 -14.58 -33.44
CA THR A 301 5.19 -14.66 -33.10
C THR A 301 5.94 -15.34 -34.25
N ARG A 302 5.34 -16.38 -34.81
CA ARG A 302 6.00 -17.06 -35.92
C ARG A 302 6.16 -16.12 -37.10
N PHE A 303 5.12 -15.34 -37.41
CA PHE A 303 5.22 -14.34 -38.45
C PHE A 303 6.36 -13.34 -38.18
N ILE A 304 6.44 -12.82 -36.98
CA ILE A 304 7.40 -11.78 -36.64
C ILE A 304 8.82 -12.30 -36.62
N LEU A 305 9.05 -13.52 -36.13
CA LEU A 305 10.40 -14.03 -35.98
C LEU A 305 10.90 -14.65 -37.25
N ASP A 306 10.04 -15.17 -38.12
CA ASP A 306 10.50 -15.84 -39.32
C ASP A 306 10.81 -14.86 -40.46
N ASN A 307 10.49 -13.57 -40.28
CA ASN A 307 10.72 -12.55 -41.29
C ASN A 307 11.59 -11.45 -40.72
N PRO A 308 12.93 -11.63 -40.70
CA PRO A 308 13.80 -10.77 -39.90
C PRO A 308 13.63 -9.28 -40.18
N GLY A 309 13.44 -8.53 -39.10
CA GLY A 309 13.29 -7.09 -39.21
C GLY A 309 11.85 -6.64 -39.02
N PHE A 310 10.88 -7.55 -39.18
CA PHE A 310 9.48 -7.21 -39.03
C PHE A 310 9.15 -6.89 -37.58
N VAL A 311 8.18 -5.99 -37.36
CA VAL A 311 7.86 -5.45 -36.04
C VAL A 311 6.35 -5.44 -35.84
N THR A 312 5.94 -5.47 -34.58
CA THR A 312 4.54 -5.44 -34.20
C THR A 312 3.98 -4.02 -34.18
N PHE A 313 4.82 -3.00 -34.26
CA PHE A 313 4.36 -1.62 -34.26
C PHE A 313 5.29 -0.76 -35.12
N GLY A 314 4.78 -0.18 -36.21
CA GLY A 314 5.66 0.59 -37.08
C GLY A 314 5.25 0.65 -38.53
N TRP A 315 6.15 1.19 -39.35
CA TRP A 315 5.94 1.47 -40.77
C TRP A 315 6.38 0.34 -41.64
N TYR A 316 5.45 -0.13 -42.47
CA TYR A 316 5.71 -1.11 -43.50
C TYR A 316 5.48 -0.52 -44.88
N ARG A 317 6.00 -1.16 -45.95
CA ARG A 317 5.56 -0.88 -47.30
C ARG A 317 5.28 -2.15 -48.08
N LEU A 318 4.37 -2.09 -49.05
CA LEU A 318 4.07 -3.22 -49.93
C LEU A 318 5.08 -3.22 -51.07
N LYS A 319 5.39 -4.42 -51.58
CA LYS A 319 6.44 -4.55 -52.58
C LYS A 319 6.15 -5.78 -53.44
N PRO A 320 6.75 -5.89 -54.66
CA PRO A 320 6.70 -7.14 -55.40
C PRO A 320 7.37 -8.28 -54.62
N GLY A 321 6.87 -9.48 -54.83
CA GLY A 321 7.31 -10.65 -54.10
C GLY A 321 8.15 -11.59 -54.96
N ARG A 322 8.09 -12.88 -54.63
CA ARG A 322 9.14 -13.81 -54.99
C ARG A 322 9.22 -14.04 -56.49
N ASN A 323 8.09 -14.19 -57.18
CA ASN A 323 8.13 -14.26 -58.63
C ASN A 323 7.45 -13.04 -59.27
N ASN A 324 7.65 -11.86 -58.68
CA ASN A 324 6.97 -10.64 -59.11
C ASN A 324 5.47 -10.70 -58.84
N THR A 325 5.05 -11.38 -57.78
CA THR A 325 3.68 -11.31 -57.33
C THR A 325 3.42 -10.00 -56.60
N LEU A 326 2.16 -9.56 -56.60
CA LEU A 326 1.75 -8.31 -55.99
C LEU A 326 0.57 -8.57 -55.06
N ALA A 327 0.39 -7.70 -54.07
CA ALA A 327 -0.74 -7.80 -53.15
C ALA A 327 -2.04 -7.51 -53.89
N GLN A 328 -3.09 -8.26 -53.54
CA GLN A 328 -4.35 -8.19 -54.23
C GLN A 328 -5.29 -7.30 -53.40
N PRO A 329 -5.90 -6.23 -53.94
CA PRO A 329 -6.95 -5.51 -53.22
C PRO A 329 -8.24 -6.34 -53.11
N ARG A 330 -8.85 -6.38 -51.93
CA ARG A 330 -10.12 -7.07 -51.75
C ARG A 330 -11.26 -6.22 -52.32
N ALA A 331 -12.31 -6.88 -52.79
CA ALA A 331 -13.54 -6.20 -53.13
C ALA A 331 -14.29 -5.89 -51.83
N PRO A 332 -15.03 -4.75 -51.74
CA PRO A 332 -15.69 -4.38 -50.51
C PRO A 332 -16.59 -5.41 -49.84
N MET A 333 -17.31 -6.23 -50.62
CA MET A 333 -18.12 -7.29 -50.05
C MET A 333 -17.30 -8.45 -49.50
N ALA A 334 -15.99 -8.44 -49.70
CA ALA A 334 -15.11 -9.44 -49.12
C ALA A 334 -14.30 -8.87 -47.94
N PHE A 335 -14.60 -7.65 -47.48
CA PHE A 335 -13.82 -7.06 -46.43
C PHE A 335 -14.10 -7.76 -45.11
N GLY A 336 -13.07 -7.98 -44.31
CA GLY A 336 -13.24 -8.65 -43.04
C GLY A 336 -13.50 -7.67 -41.90
N THR A 337 -13.14 -6.42 -42.14
CA THR A 337 -13.07 -5.45 -41.07
C THR A 337 -13.69 -4.13 -41.51
N SER A 338 -13.84 -3.25 -40.55
CA SER A 338 -14.16 -1.85 -40.76
C SER A 338 -12.93 -1.09 -41.23
N SER A 339 -12.66 -1.09 -42.52
CA SER A 339 -11.50 -0.46 -43.10
C SER A 339 -11.88 0.24 -44.40
N ASP A 340 -11.01 1.11 -44.86
CA ASP A 340 -11.21 1.78 -46.14
C ASP A 340 -10.73 0.87 -47.27
N VAL A 341 -9.61 0.20 -47.05
CA VAL A 341 -8.98 -0.65 -48.04
C VAL A 341 -8.40 -1.89 -47.38
N GLU A 342 -8.52 -3.04 -48.08
CA GLU A 342 -8.00 -4.29 -47.59
C GLU A 342 -7.17 -4.97 -48.67
N PHE A 343 -6.12 -5.68 -48.26
CA PHE A 343 -5.24 -6.36 -49.20
C PHE A 343 -4.96 -7.79 -48.76
N ASN A 344 -4.81 -8.69 -49.73
CA ASN A 344 -4.30 -10.05 -49.51
C ASN A 344 -2.85 -10.10 -49.96
N CYS A 345 -1.95 -10.64 -49.15
CA CYS A 345 -0.57 -10.83 -49.56
C CYS A 345 0.13 -11.94 -48.79
N THR A 346 1.38 -12.20 -49.18
CA THR A 346 2.27 -13.08 -48.42
C THR A 346 3.42 -12.24 -47.87
N ALA A 347 4.26 -12.84 -47.02
CA ALA A 347 5.26 -12.08 -46.27
C ALA A 347 6.30 -11.47 -47.20
N ASP A 348 6.50 -12.10 -48.37
CA ASP A 348 7.42 -11.62 -49.40
C ASP A 348 6.99 -10.26 -49.93
N ASN A 349 5.72 -9.91 -49.80
CA ASN A 349 5.19 -8.66 -50.29
C ASN A 349 5.31 -7.54 -49.27
N LEU A 350 5.96 -7.78 -48.14
CA LEU A 350 6.09 -6.77 -47.11
C LEU A 350 7.55 -6.49 -46.84
N ALA A 351 7.85 -5.24 -46.50
CA ALA A 351 9.15 -4.85 -46.00
C ALA A 351 8.98 -3.69 -45.04
N ILE A 352 9.97 -3.48 -44.16
CA ILE A 352 9.88 -2.39 -43.19
C ILE A 352 10.40 -1.14 -43.85
N GLU A 353 9.88 0.00 -43.41
CA GLU A 353 10.28 1.31 -43.86
C GLU A 353 11.05 1.96 -42.71
N GLY A 354 12.39 1.95 -42.79
CA GLY A 354 13.25 2.43 -41.72
C GLY A 354 13.12 3.94 -41.45
N GLY A 355 13.03 4.74 -42.52
CA GLY A 355 13.02 6.18 -42.39
C GLY A 355 11.84 6.72 -41.58
N MET A 356 10.63 6.28 -41.92
CA MET A 356 9.41 6.77 -41.28
C MET A 356 9.41 6.44 -39.78
N SER A 357 9.18 7.44 -38.92
CA SER A 357 9.13 7.20 -37.49
C SER A 357 7.93 7.87 -36.79
N ASP A 358 7.43 9.00 -37.29
CA ASP A 358 6.30 9.67 -36.65
C ASP A 358 5.05 8.81 -36.73
N LEU A 359 4.15 8.93 -35.73
CA LEU A 359 2.86 8.27 -35.77
C LEU A 359 1.96 8.92 -36.81
N PRO A 360 1.04 8.16 -37.44
CA PRO A 360 -0.01 8.75 -38.26
C PRO A 360 -1.15 9.26 -37.39
N ALA A 361 -2.22 9.74 -38.04
CA ALA A 361 -3.34 10.39 -37.39
C ALA A 361 -4.34 9.40 -36.83
N TYR A 362 -3.87 8.61 -35.86
CA TYR A 362 -4.73 7.73 -35.08
C TYR A 362 -5.67 8.57 -34.20
N LYS A 363 -6.83 8.02 -33.86
CA LYS A 363 -7.78 8.72 -33.02
C LYS A 363 -7.88 8.04 -31.66
N LEU A 364 -7.93 8.84 -30.59
CA LEU A 364 -8.05 8.37 -29.23
C LEU A 364 -9.43 8.75 -28.69
N MET A 365 -10.14 7.81 -28.08
CA MET A 365 -11.37 8.12 -27.41
C MET A 365 -11.12 8.04 -25.90
N CYS A 366 -11.52 9.10 -25.17
CA CYS A 366 -11.51 9.08 -23.72
C CYS A 366 -12.96 9.14 -23.24
N PHE A 367 -13.39 8.17 -22.42
CA PHE A 367 -14.79 8.09 -22.04
C PHE A 367 -14.98 7.83 -20.55
N ASP A 368 -16.13 8.25 -20.06
CA ASP A 368 -16.57 8.06 -18.70
C ASP A 368 -18.09 7.88 -18.70
N ILE A 369 -18.62 7.02 -17.82
CA ILE A 369 -20.05 6.82 -17.66
C ILE A 369 -20.53 7.31 -16.30
N GLU A 370 -21.80 7.68 -16.20
CA GLU A 370 -22.45 7.93 -14.94
C GLU A 370 -23.74 7.12 -14.85
N CYS A 371 -23.99 6.60 -13.65
CA CYS A 371 -25.04 5.65 -13.37
C CYS A 371 -25.94 6.15 -12.28
N LYS A 372 -27.18 5.68 -12.28
CA LYS A 372 -28.15 6.03 -11.27
C LYS A 372 -28.79 4.75 -10.82
N ALA A 373 -28.76 4.51 -9.51
CA ALA A 373 -29.50 3.41 -8.94
C ALA A 373 -30.99 3.70 -9.04
N GLY A 374 -31.81 2.67 -9.21
CA GLY A 374 -33.23 2.90 -9.47
C GLY A 374 -34.18 2.10 -8.57
N GLY A 375 -33.65 1.37 -7.59
CA GLY A 375 -34.46 0.54 -6.72
C GLY A 375 -35.10 1.36 -5.62
N GLU A 376 -35.43 0.68 -4.51
CA GLU A 376 -36.13 1.31 -3.42
C GLU A 376 -35.20 2.23 -2.63
N ASP A 377 -33.96 1.78 -2.37
CA ASP A 377 -32.96 2.66 -1.81
C ASP A 377 -32.25 3.41 -2.93
N GLU A 378 -32.66 4.66 -3.15
CA GLU A 378 -32.10 5.52 -4.18
C GLU A 378 -30.60 5.70 -3.96
N LEU A 379 -30.13 5.52 -2.73
CA LEU A 379 -28.78 5.89 -2.33
C LEU A 379 -27.88 4.67 -2.22
N ALA A 380 -28.34 3.51 -2.69
CA ALA A 380 -27.49 2.34 -2.90
C ALA A 380 -26.61 2.57 -4.12
N PHE A 381 -25.43 1.96 -4.13
CA PHE A 381 -24.59 2.04 -5.31
C PHE A 381 -25.21 1.19 -6.42
N PRO A 382 -25.23 1.65 -7.69
CA PRO A 382 -25.83 0.85 -8.77
C PRO A 382 -25.07 -0.42 -9.17
N VAL A 383 -25.84 -1.46 -9.46
CA VAL A 383 -25.34 -2.79 -9.79
C VAL A 383 -25.88 -3.11 -11.18
N ALA A 384 -24.98 -3.46 -12.11
CA ALA A 384 -25.33 -3.54 -13.52
C ALA A 384 -26.34 -4.65 -13.80
N GLY A 385 -26.34 -5.70 -13.00
CA GLY A 385 -27.25 -6.81 -13.19
C GLY A 385 -28.71 -6.52 -12.86
N HIS A 386 -28.98 -5.40 -12.17
CA HIS A 386 -30.33 -4.98 -11.88
C HIS A 386 -30.89 -4.15 -13.02
N PRO A 387 -32.00 -4.54 -13.68
CA PRO A 387 -32.56 -3.77 -14.78
C PRO A 387 -32.82 -2.28 -14.50
N GLU A 388 -33.15 -1.94 -13.26
CA GLU A 388 -33.55 -0.57 -12.94
C GLU A 388 -32.36 0.32 -12.58
N ASP A 389 -31.15 -0.23 -12.44
CA ASP A 389 -29.98 0.57 -12.17
C ASP A 389 -29.31 0.95 -13.49
N LEU A 390 -29.46 2.21 -13.93
CA LEU A 390 -29.24 2.56 -15.32
C LEU A 390 -27.99 3.42 -15.51
N VAL A 391 -27.40 3.30 -16.71
CA VAL A 391 -26.44 4.26 -17.21
C VAL A 391 -27.23 5.47 -17.69
N ILE A 392 -26.87 6.66 -17.22
CA ILE A 392 -27.66 7.85 -17.52
C ILE A 392 -26.88 8.81 -18.42
N GLN A 393 -25.55 8.86 -18.32
CA GLN A 393 -24.74 9.69 -19.17
C GLN A 393 -23.48 8.98 -19.60
N ILE A 394 -22.99 9.28 -20.81
CA ILE A 394 -21.64 8.90 -21.23
C ILE A 394 -20.97 10.11 -21.82
N SER A 395 -19.81 10.46 -21.30
CA SER A 395 -18.90 11.44 -21.90
C SER A 395 -17.97 10.72 -22.87
N CYS A 396 -17.72 11.35 -24.00
CA CYS A 396 -16.85 10.80 -25.01
C CYS A 396 -16.06 11.92 -25.71
N LEU A 397 -14.75 11.94 -25.50
CA LEU A 397 -13.88 12.95 -26.07
C LEU A 397 -12.99 12.30 -27.11
N LEU A 398 -12.93 12.91 -28.30
CA LEU A 398 -12.20 12.34 -29.41
C LEU A 398 -11.00 13.21 -29.70
N TYR A 399 -9.81 12.61 -29.71
CA TYR A 399 -8.56 13.31 -29.91
C TYR A 399 -7.80 12.76 -31.10
N ASP A 400 -6.99 13.62 -31.76
CA ASP A 400 -6.02 13.20 -32.76
C ASP A 400 -4.69 12.97 -32.05
N LEU A 401 -4.24 11.73 -31.98
CA LEU A 401 -2.99 11.38 -31.31
C LEU A 401 -1.76 11.95 -31.99
N SER A 402 -1.85 12.28 -33.28
CA SER A 402 -0.69 12.78 -33.98
C SER A 402 -0.42 14.22 -33.58
N THR A 403 -1.44 14.87 -33.00
CA THR A 403 -1.50 16.33 -32.90
C THR A 403 -1.85 16.79 -31.49
N THR A 404 -2.39 15.88 -30.69
CA THR A 404 -2.81 16.11 -29.30
C THR A 404 -4.12 16.88 -29.21
N ALA A 405 -4.67 17.31 -30.35
CA ALA A 405 -5.81 18.19 -30.37
C ALA A 405 -7.09 17.43 -30.06
N LEU A 406 -7.93 18.00 -29.21
CA LEU A 406 -9.28 17.53 -28.99
C LEU A 406 -10.16 17.99 -30.15
N GLU A 407 -10.94 17.07 -30.73
CA GLU A 407 -11.65 17.31 -31.97
C GLU A 407 -13.15 17.28 -31.77
N HIS A 408 -13.66 16.41 -30.89
CA HIS A 408 -15.09 16.34 -30.60
C HIS A 408 -15.32 16.13 -29.10
N VAL A 409 -16.43 16.65 -28.60
CA VAL A 409 -16.89 16.49 -27.23
C VAL A 409 -18.35 16.08 -27.32
N LEU A 410 -18.62 14.82 -27.01
CA LEU A 410 -19.96 14.29 -27.12
C LEU A 410 -20.42 13.91 -25.75
N LEU A 411 -21.64 14.31 -25.41
CA LEU A 411 -22.34 13.81 -24.22
C LEU A 411 -23.57 13.05 -24.65
N PHE A 412 -23.61 11.77 -24.31
CA PHE A 412 -24.81 10.94 -24.40
C PHE A 412 -25.61 11.07 -23.11
N SER A 413 -26.93 11.18 -23.22
CA SER A 413 -27.77 11.53 -22.08
C SER A 413 -29.13 10.88 -22.22
N LEU A 414 -29.44 10.03 -21.25
CA LEU A 414 -30.78 9.55 -21.04
C LEU A 414 -31.59 10.67 -20.40
N GLY A 415 -32.55 11.20 -21.14
CA GLY A 415 -33.31 12.37 -20.72
C GLY A 415 -32.67 13.64 -21.26
N SER A 416 -33.44 14.73 -21.26
CA SER A 416 -32.97 16.01 -21.75
C SER A 416 -31.95 16.62 -20.81
N CYS A 417 -31.06 17.43 -21.37
CA CYS A 417 -29.88 17.85 -20.67
C CYS A 417 -29.38 19.18 -21.24
N ASP A 418 -29.44 20.25 -20.44
CA ASP A 418 -29.00 21.58 -20.87
C ASP A 418 -27.76 21.99 -20.09
N LEU A 419 -26.62 22.05 -20.77
CA LEU A 419 -25.37 22.31 -20.08
C LEU A 419 -25.41 23.77 -19.60
N PRO A 420 -24.82 24.05 -18.42
CA PRO A 420 -24.85 25.41 -17.88
C PRO A 420 -23.98 26.33 -18.70
N GLU A 421 -24.39 27.59 -18.76
CA GLU A 421 -23.77 28.51 -19.69
C GLU A 421 -22.31 28.71 -19.28
N SER A 422 -22.03 28.60 -17.98
CA SER A 422 -20.69 28.85 -17.48
C SER A 422 -19.70 27.82 -18.01
N HIS A 423 -20.16 26.57 -18.12
CA HIS A 423 -19.32 25.49 -18.61
C HIS A 423 -19.03 25.71 -20.08
N LEU A 424 -20.02 26.17 -20.83
CA LEU A 424 -19.85 26.40 -22.25
C LEU A 424 -18.89 27.56 -22.48
N ASN A 425 -19.00 28.60 -21.66
CA ASN A 425 -18.11 29.75 -21.76
C ASN A 425 -16.67 29.39 -21.42
N GLU A 426 -16.50 28.55 -20.41
CA GLU A 426 -15.19 28.07 -20.00
C GLU A 426 -14.54 27.30 -21.15
N LEU A 427 -15.28 26.39 -21.77
CA LEU A 427 -14.74 25.57 -22.84
C LEU A 427 -14.35 26.44 -24.02
N ALA A 428 -15.19 27.44 -24.32
CA ALA A 428 -14.95 28.36 -25.43
C ALA A 428 -13.69 29.20 -25.19
N ALA A 429 -13.49 29.63 -23.94
CA ALA A 429 -12.34 30.39 -23.57
C ALA A 429 -11.05 29.59 -23.76
N ARG A 430 -11.07 28.28 -23.50
CA ARG A 430 -9.90 27.44 -23.73
C ARG A 430 -9.79 26.95 -25.18
N GLY A 431 -10.75 27.32 -26.03
CA GLY A 431 -10.65 27.03 -27.45
C GLY A 431 -10.94 25.57 -27.75
N LEU A 432 -11.75 24.95 -26.90
CA LEU A 432 -12.12 23.56 -27.07
C LEU A 432 -13.41 23.48 -27.86
N PRO A 433 -13.67 22.36 -28.57
CA PRO A 433 -14.90 22.22 -29.38
C PRO A 433 -16.17 22.36 -28.54
N THR A 434 -17.23 22.88 -29.15
CA THR A 434 -18.49 23.07 -28.45
C THR A 434 -19.12 21.69 -28.28
N PRO A 435 -19.59 21.32 -27.07
CA PRO A 435 -20.18 20.01 -26.84
C PRO A 435 -21.46 19.75 -27.63
N VAL A 436 -21.54 18.56 -28.20
CA VAL A 436 -22.76 18.07 -28.82
C VAL A 436 -23.44 17.12 -27.86
N VAL A 437 -24.69 17.43 -27.50
CA VAL A 437 -25.46 16.66 -26.54
C VAL A 437 -26.48 15.82 -27.30
N LEU A 438 -26.45 14.53 -27.04
CA LEU A 438 -27.28 13.54 -27.71
C LEU A 438 -28.27 13.01 -26.69
N GLU A 439 -29.56 13.09 -27.00
CA GLU A 439 -30.60 12.85 -26.03
C GLU A 439 -31.38 11.62 -26.43
N PHE A 440 -31.69 10.78 -25.43
CA PHE A 440 -32.31 9.50 -25.64
C PHE A 440 -33.45 9.29 -24.67
N ASP A 441 -34.44 8.50 -25.09
CA ASP A 441 -35.61 8.20 -24.30
C ASP A 441 -35.43 6.97 -23.45
N SER A 442 -34.52 6.07 -23.81
CA SER A 442 -34.33 4.84 -23.03
C SER A 442 -32.87 4.45 -23.01
N GLU A 443 -32.50 3.60 -22.06
CA GLU A 443 -31.13 3.20 -21.83
C GLU A 443 -30.58 2.46 -23.03
N PHE A 444 -31.41 1.62 -23.65
CA PHE A 444 -30.96 0.81 -24.75
C PHE A 444 -30.51 1.70 -25.91
N GLU A 445 -31.33 2.70 -26.21
CA GLU A 445 -31.06 3.55 -27.35
C GLU A 445 -29.74 4.29 -27.15
N MET A 446 -29.47 4.74 -25.93
CA MET A 446 -28.22 5.40 -25.65
C MET A 446 -27.02 4.44 -25.74
N LEU A 447 -27.13 3.24 -25.22
CA LEU A 447 -26.02 2.30 -25.24
C LEU A 447 -25.74 1.80 -26.66
N LEU A 448 -26.79 1.54 -27.42
CA LEU A 448 -26.63 1.16 -28.81
C LEU A 448 -25.94 2.27 -29.57
N ALA A 449 -26.32 3.51 -29.31
CA ALA A 449 -25.73 4.63 -29.98
C ALA A 449 -24.23 4.72 -29.66
N PHE A 450 -23.87 4.58 -28.40
CA PHE A 450 -22.48 4.62 -28.02
C PHE A 450 -21.67 3.52 -28.71
N MET A 451 -22.20 2.32 -28.79
CA MET A 451 -21.52 1.24 -29.48
C MET A 451 -21.47 1.49 -30.99
N THR A 452 -22.48 2.12 -31.52
CA THR A 452 -22.50 2.48 -32.91
C THR A 452 -21.38 3.49 -33.19
N LEU A 453 -21.18 4.45 -32.29
CA LEU A 453 -20.09 5.38 -32.47
C LEU A 453 -18.77 4.63 -32.42
N VAL A 454 -18.61 3.72 -31.48
CA VAL A 454 -17.37 3.01 -31.34
C VAL A 454 -17.07 2.23 -32.63
N LYS A 455 -18.08 1.66 -33.29
CA LYS A 455 -17.85 0.92 -34.50
C LYS A 455 -17.59 1.83 -35.68
N GLN A 456 -18.39 2.90 -35.83
CA GLN A 456 -18.34 3.73 -37.01
C GLN A 456 -17.16 4.68 -37.01
N TYR A 457 -16.69 5.11 -35.84
CA TYR A 457 -15.54 6.00 -35.73
C TYR A 457 -14.27 5.16 -35.60
N GLY A 458 -14.40 3.99 -34.95
CA GLY A 458 -13.31 3.05 -34.79
C GLY A 458 -12.05 3.63 -34.15
N PRO A 459 -12.12 4.20 -32.92
CA PRO A 459 -10.90 4.68 -32.24
C PRO A 459 -9.88 3.58 -32.05
N GLU A 460 -8.65 3.79 -32.49
CA GLU A 460 -7.59 2.79 -32.35
C GLU A 460 -7.13 2.72 -30.90
N PHE A 461 -7.16 3.86 -30.21
CA PHE A 461 -6.80 3.92 -28.79
C PHE A 461 -7.99 4.39 -28.01
N VAL A 462 -8.19 3.80 -26.83
CA VAL A 462 -9.27 4.13 -25.92
C VAL A 462 -8.68 4.28 -24.54
N THR A 463 -9.06 5.35 -23.86
CA THR A 463 -8.63 5.57 -22.50
C THR A 463 -9.76 6.07 -21.63
N GLY A 464 -9.45 6.12 -20.35
CA GLY A 464 -10.37 6.51 -19.31
C GLY A 464 -9.70 6.28 -17.97
N TYR A 465 -10.44 6.53 -16.89
CA TYR A 465 -9.93 6.36 -15.54
C TYR A 465 -10.78 5.35 -14.79
N ASN A 466 -10.19 4.21 -14.50
CA ASN A 466 -10.81 3.06 -13.87
C ASN A 466 -11.84 2.40 -14.79
N ILE A 467 -11.61 2.48 -16.08
CA ILE A 467 -12.54 1.93 -17.05
C ILE A 467 -12.50 0.40 -17.09
N ILE A 468 -11.40 -0.21 -16.68
CA ILE A 468 -11.28 -1.67 -16.72
C ILE A 468 -11.99 -2.29 -15.53
N ASN A 469 -12.04 -1.60 -14.39
CA ASN A 469 -12.75 -2.16 -13.26
C ASN A 469 -14.21 -1.76 -13.23
N PHE A 470 -14.58 -0.58 -13.72
CA PHE A 470 -15.97 -0.13 -13.59
C PHE A 470 -16.68 0.03 -14.94
N ASP A 471 -16.20 0.98 -15.79
CA ASP A 471 -17.00 1.46 -16.90
C ASP A 471 -17.31 0.37 -17.93
N TRP A 472 -16.27 -0.29 -18.46
CA TRP A 472 -16.51 -1.32 -19.44
C TRP A 472 -17.32 -2.46 -18.82
N PRO A 473 -16.96 -3.02 -17.65
CA PRO A 473 -17.81 -4.04 -17.04
C PRO A 473 -19.27 -3.66 -16.91
N PHE A 474 -19.58 -2.41 -16.59
CA PHE A 474 -20.97 -1.99 -16.40
C PHE A 474 -21.68 -1.98 -17.74
N LEU A 475 -21.03 -1.41 -18.75
CA LEU A 475 -21.57 -1.35 -20.08
C LEU A 475 -21.83 -2.72 -20.65
N LEU A 476 -20.84 -3.60 -20.55
CA LEU A 476 -20.89 -4.87 -21.24
C LEU A 476 -21.88 -5.78 -20.53
N ALA A 477 -22.02 -5.61 -19.23
CA ALA A 477 -23.03 -6.33 -18.48
C ALA A 477 -24.40 -5.98 -19.04
N LYS A 478 -24.69 -4.69 -19.17
CA LYS A 478 -25.99 -4.27 -19.68
C LYS A 478 -26.21 -4.82 -21.08
N LEU A 479 -25.21 -4.70 -21.96
CA LEU A 479 -25.35 -5.12 -23.34
C LEU A 479 -25.46 -6.63 -23.50
N THR A 480 -24.99 -7.43 -22.54
CA THR A 480 -25.00 -8.87 -22.66
C THR A 480 -26.19 -9.51 -21.92
N ASP A 481 -26.55 -8.96 -20.77
CA ASP A 481 -27.43 -9.64 -19.85
C ASP A 481 -28.83 -9.04 -19.86
N ILE A 482 -28.96 -7.73 -20.05
CA ILE A 482 -30.24 -7.06 -20.01
C ILE A 482 -30.81 -7.03 -21.40
N TYR A 483 -29.98 -6.56 -22.32
CA TYR A 483 -30.24 -6.61 -23.74
C TYR A 483 -29.35 -7.74 -24.22
N LYS A 484 -29.61 -8.32 -25.38
CA LYS A 484 -28.87 -9.54 -25.69
C LYS A 484 -27.97 -9.29 -26.89
N VAL A 485 -27.18 -8.22 -26.81
CA VAL A 485 -26.45 -7.73 -27.97
C VAL A 485 -25.16 -8.50 -28.08
N PRO A 486 -24.87 -9.13 -29.24
CA PRO A 486 -23.57 -9.78 -29.43
C PRO A 486 -22.48 -8.73 -29.61
N LEU A 487 -21.38 -8.88 -28.90
CA LEU A 487 -20.30 -7.90 -28.93
C LEU A 487 -19.21 -8.22 -29.93
N ASP A 488 -19.19 -9.43 -30.51
CA ASP A 488 -18.11 -9.90 -31.37
C ASP A 488 -17.94 -9.12 -32.68
N GLY A 489 -18.92 -8.29 -33.09
CA GLY A 489 -18.76 -7.46 -34.28
C GLY A 489 -18.43 -6.00 -33.97
N TYR A 490 -18.23 -5.63 -32.70
CA TYR A 490 -18.10 -4.23 -32.34
C TYR A 490 -16.67 -3.72 -32.27
N GLY A 491 -15.67 -4.61 -32.29
CA GLY A 491 -14.29 -4.23 -32.55
C GLY A 491 -14.05 -3.99 -34.03
N ARG A 492 -12.80 -4.12 -34.46
CA ARG A 492 -12.42 -3.81 -35.82
C ARG A 492 -12.99 -4.88 -36.78
N MET A 493 -12.98 -6.14 -36.40
CA MET A 493 -13.54 -7.21 -37.22
C MET A 493 -15.07 -7.08 -37.27
N ASN A 494 -15.71 -7.60 -38.30
CA ASN A 494 -17.13 -7.38 -38.50
C ASN A 494 -17.97 -8.47 -37.82
N GLY A 495 -17.32 -9.50 -37.31
CA GLY A 495 -17.94 -10.49 -36.48
C GLY A 495 -16.86 -11.47 -36.06
N ARG A 496 -17.14 -12.28 -35.05
CA ARG A 496 -16.27 -13.35 -34.58
C ARG A 496 -14.97 -12.83 -33.97
N GLY A 497 -14.93 -11.58 -33.54
CA GLY A 497 -13.75 -11.04 -32.88
C GLY A 497 -13.90 -11.03 -31.37
N VAL A 498 -12.78 -10.86 -30.66
CA VAL A 498 -12.76 -10.81 -29.21
C VAL A 498 -13.25 -9.45 -28.69
N PHE A 499 -14.04 -9.47 -27.60
CA PHE A 499 -14.47 -8.28 -26.88
C PHE A 499 -14.80 -8.68 -25.44
N ARG A 500 -13.79 -8.71 -24.58
CA ARG A 500 -13.91 -9.28 -23.24
C ARG A 500 -13.13 -8.51 -22.20
N VAL A 501 -13.66 -8.57 -20.98
CA VAL A 501 -12.96 -8.16 -19.77
C VAL A 501 -12.76 -9.39 -18.89
N TRP A 502 -11.61 -9.46 -18.24
CA TRP A 502 -11.29 -10.48 -17.26
C TRP A 502 -11.03 -9.78 -15.94
N ASP A 503 -11.85 -10.03 -14.92
CA ASP A 503 -11.52 -9.58 -13.57
C ASP A 503 -10.47 -10.54 -13.00
N ILE A 504 -9.85 -10.15 -11.88
CA ILE A 504 -8.97 -11.04 -11.14
C ILE A 504 -9.75 -12.21 -10.53
N GLY A 505 -10.83 -11.91 -9.78
CA GLY A 505 -11.70 -12.97 -9.29
C GLY A 505 -10.99 -13.96 -8.37
N GLN A 506 -11.39 -15.25 -8.42
CA GLN A 506 -10.91 -16.24 -7.49
C GLN A 506 -9.53 -16.78 -7.88
N SER A 507 -8.98 -16.30 -9.01
CA SER A 507 -7.75 -16.86 -9.57
C SER A 507 -6.54 -16.47 -8.71
N HIS A 508 -5.70 -17.47 -8.41
CA HIS A 508 -4.55 -17.31 -7.55
C HIS A 508 -3.42 -16.57 -8.28
N PHE A 509 -3.46 -16.64 -9.63
CA PHE A 509 -2.33 -16.27 -10.48
C PHE A 509 -2.35 -14.79 -10.83
N GLN A 510 -3.52 -14.28 -11.27
CA GLN A 510 -3.59 -13.05 -12.06
C GLN A 510 -3.07 -11.85 -11.30
N LYS A 511 -2.20 -11.09 -11.95
CA LYS A 511 -1.65 -9.91 -11.32
C LYS A 511 -2.66 -8.77 -11.45
N ARG A 512 -3.45 -8.79 -12.53
CA ARG A 512 -4.29 -7.65 -12.87
C ARG A 512 -5.51 -8.08 -13.67
N SER A 513 -6.52 -7.20 -13.68
CA SER A 513 -7.65 -7.33 -14.59
C SER A 513 -7.22 -6.86 -15.99
N LYS A 514 -7.93 -7.33 -17.02
CA LYS A 514 -7.52 -7.13 -18.40
C LYS A 514 -8.74 -6.88 -19.27
N ILE A 515 -8.53 -6.15 -20.36
CA ILE A 515 -9.53 -6.04 -21.41
C ILE A 515 -8.85 -6.29 -22.75
N LYS A 516 -9.51 -7.05 -23.61
CA LYS A 516 -9.07 -7.24 -24.98
C LYS A 516 -10.26 -6.97 -25.89
N VAL A 517 -10.06 -6.03 -26.82
CA VAL A 517 -11.01 -5.74 -27.88
C VAL A 517 -10.23 -5.80 -29.17
N ASN A 518 -10.72 -6.59 -30.12
CA ASN A 518 -9.88 -7.21 -31.12
C ASN A 518 -9.00 -6.19 -31.83
N GLY A 519 -9.48 -5.00 -32.20
CA GLY A 519 -8.51 -4.12 -32.89
C GLY A 519 -8.27 -2.77 -32.18
N MET A 520 -8.39 -2.72 -30.86
CA MET A 520 -8.54 -1.47 -30.13
C MET A 520 -7.68 -1.53 -28.88
N VAL A 521 -6.76 -0.60 -28.73
CA VAL A 521 -5.83 -0.57 -27.64
C VAL A 521 -6.47 0.21 -26.48
N ASN A 522 -6.79 -0.47 -25.40
CA ASN A 522 -7.30 0.15 -24.20
C ASN A 522 -6.15 0.41 -23.22
N ILE A 523 -6.03 1.67 -22.79
CA ILE A 523 -5.09 2.08 -21.77
C ILE A 523 -5.85 2.77 -20.64
N ASP A 524 -5.98 2.09 -19.49
CA ASP A 524 -6.59 2.67 -18.31
C ASP A 524 -5.56 3.54 -17.62
N MET A 525 -5.84 4.82 -17.46
CA MET A 525 -4.88 5.72 -16.84
C MET A 525 -4.78 5.45 -15.35
N TYR A 526 -5.77 4.77 -14.74
CA TYR A 526 -5.66 4.38 -13.34
C TYR A 526 -4.49 3.42 -13.18
N GLY A 527 -4.35 2.50 -14.11
CA GLY A 527 -3.19 1.61 -14.18
C GLY A 527 -1.87 2.35 -14.33
N ILE A 528 -1.83 3.28 -15.28
CA ILE A 528 -0.60 4.05 -15.54
C ILE A 528 -0.18 4.86 -14.32
N ILE A 529 -1.12 5.55 -13.68
CA ILE A 529 -0.79 6.51 -12.63
C ILE A 529 -0.26 5.80 -11.40
N THR A 530 -0.86 4.65 -11.08
CA THR A 530 -0.46 3.87 -9.91
C THR A 530 0.98 3.39 -10.05
N ASP A 531 1.48 3.27 -11.28
CA ASP A 531 2.85 2.86 -11.52
C ASP A 531 3.83 4.03 -11.51
N LYS A 532 3.38 5.29 -11.55
CA LYS A 532 4.31 6.39 -11.75
C LYS A 532 4.36 7.40 -10.60
N ILE A 533 3.27 7.57 -9.85
CA ILE A 533 3.25 8.50 -8.73
C ILE A 533 2.84 7.73 -7.46
N LYS A 534 3.53 7.98 -6.35
CA LYS A 534 3.24 7.32 -5.09
C LYS A 534 2.29 8.18 -4.25
N LEU A 535 1.06 7.69 -4.02
CA LEU A 535 0.02 8.38 -3.28
C LEU A 535 -0.73 7.40 -2.39
N SER A 536 -1.43 7.88 -1.37
CA SER A 536 -2.22 7.00 -0.50
C SER A 536 -3.58 6.71 -1.13
N SER A 537 -4.07 7.67 -1.91
CA SER A 537 -5.32 7.55 -2.64
C SER A 537 -5.05 7.77 -4.12
N TYR A 538 -5.83 7.06 -4.95
CA TYR A 538 -5.77 7.24 -6.39
C TYR A 538 -7.12 7.65 -6.94
N LYS A 539 -7.98 8.28 -6.12
CA LYS A 539 -9.17 8.91 -6.66
C LYS A 539 -8.73 10.05 -7.57
N LEU A 540 -9.53 10.35 -8.57
CA LEU A 540 -9.08 11.18 -9.66
C LEU A 540 -8.88 12.62 -9.18
N ASN A 541 -9.65 13.06 -8.19
CA ASN A 541 -9.44 14.41 -7.68
C ASN A 541 -8.08 14.53 -6.97
N ALA A 542 -7.70 13.50 -6.21
CA ALA A 542 -6.40 13.49 -5.56
C ALA A 542 -5.28 13.48 -6.60
N VAL A 543 -5.43 12.72 -7.68
CA VAL A 543 -4.41 12.64 -8.70
C VAL A 543 -4.32 13.97 -9.44
N ALA A 544 -5.47 14.58 -9.74
CA ALA A 544 -5.51 15.84 -10.45
C ALA A 544 -4.80 16.94 -9.65
N GLU A 545 -5.07 17.01 -8.35
CA GLU A 545 -4.36 17.88 -7.42
C GLU A 545 -2.85 17.62 -7.44
N ALA A 546 -2.44 16.35 -7.38
CA ALA A 546 -1.03 15.98 -7.22
C ALA A 546 -0.22 16.20 -8.51
N VAL A 547 -0.82 15.94 -9.67
CA VAL A 547 -0.09 15.83 -10.92
C VAL A 547 -0.36 17.05 -11.80
N LEU A 548 -1.62 17.43 -11.98
CA LEU A 548 -1.98 18.50 -12.89
C LEU A 548 -2.02 19.85 -12.17
N LYS A 549 -2.11 19.82 -10.83
CA LYS A 549 -2.16 20.99 -9.94
C LYS A 549 -3.41 21.83 -10.16
N ASP A 550 -4.59 21.20 -10.14
CA ASP A 550 -5.84 21.96 -10.04
C ASP A 550 -6.93 21.14 -9.34
N LYS A 551 -7.75 21.85 -8.56
CA LYS A 551 -8.83 21.24 -7.79
C LYS A 551 -10.09 21.15 -8.64
N LYS A 552 -10.54 19.93 -8.93
CA LYS A 552 -11.86 19.71 -9.48
C LYS A 552 -12.84 19.61 -8.31
N LYS A 553 -14.02 20.24 -8.48
CA LYS A 553 -15.16 19.94 -7.65
C LYS A 553 -15.57 18.51 -7.98
N ASP A 554 -16.36 17.88 -7.11
CA ASP A 554 -16.69 16.49 -7.32
C ASP A 554 -18.15 16.21 -6.97
N LEU A 555 -18.67 15.15 -7.59
CA LEU A 555 -20.06 14.75 -7.45
C LEU A 555 -20.07 13.32 -6.94
N SER A 556 -20.77 13.09 -5.82
CA SER A 556 -20.83 11.76 -5.24
C SER A 556 -22.04 11.02 -5.81
N TYR A 557 -21.97 9.69 -5.83
CA TYR A 557 -23.10 8.89 -6.29
C TYR A 557 -24.35 9.12 -5.42
N ARG A 558 -24.19 9.59 -4.17
CA ARG A 558 -25.32 9.84 -3.31
C ARG A 558 -26.10 11.06 -3.79
N ASP A 559 -25.44 11.95 -4.53
CA ASP A 559 -26.02 13.22 -4.90
C ASP A 559 -26.75 13.15 -6.24
N ILE A 560 -26.40 12.15 -7.07
CA ILE A 560 -26.83 12.11 -8.46
C ILE A 560 -28.33 11.88 -8.52
N PRO A 561 -28.94 11.02 -7.69
CA PRO A 561 -30.37 10.73 -7.88
C PRO A 561 -31.24 11.98 -7.67
N ALA A 562 -30.77 12.96 -6.91
CA ALA A 562 -31.60 14.12 -6.62
C ALA A 562 -31.43 15.19 -7.70
N TYR A 563 -30.21 15.31 -8.20
CA TYR A 563 -29.96 16.12 -9.38
C TYR A 563 -30.74 15.64 -10.59
N TYR A 564 -30.79 14.33 -10.81
CA TYR A 564 -31.43 13.76 -11.99
C TYR A 564 -32.92 14.06 -12.02
N ALA A 565 -33.58 14.00 -10.87
CA ALA A 565 -35.02 14.14 -10.79
C ALA A 565 -35.47 15.60 -10.92
N ALA A 566 -34.52 16.55 -10.89
CA ALA A 566 -34.87 17.95 -10.75
C ALA A 566 -35.21 18.62 -12.08
N GLY A 567 -34.90 17.99 -13.22
CA GLY A 567 -35.20 18.62 -14.49
C GLY A 567 -33.97 18.74 -15.39
N PRO A 568 -34.11 19.36 -16.59
CA PRO A 568 -33.03 19.36 -17.58
C PRO A 568 -31.75 20.09 -17.19
N ALA A 569 -31.89 21.15 -16.36
CA ALA A 569 -30.79 22.00 -15.97
C ALA A 569 -29.85 21.25 -15.03
N GLN A 570 -30.42 20.48 -14.11
CA GLN A 570 -29.63 19.74 -13.15
C GLN A 570 -29.01 18.53 -13.79
N ARG A 571 -29.70 17.95 -14.77
CA ARG A 571 -29.06 16.90 -15.56
C ARG A 571 -27.88 17.47 -16.33
N GLY A 572 -27.96 18.76 -16.66
CA GLY A 572 -26.86 19.51 -17.22
C GLY A 572 -25.67 19.65 -16.28
N VAL A 573 -25.94 19.81 -14.99
CA VAL A 573 -24.87 19.88 -14.00
C VAL A 573 -24.10 18.55 -13.97
N ILE A 574 -24.82 17.43 -14.03
CA ILE A 574 -24.18 16.12 -14.11
C ILE A 574 -23.33 16.06 -15.37
N GLY A 575 -23.87 16.58 -16.47
CA GLY A 575 -23.14 16.57 -17.73
C GLY A 575 -21.80 17.27 -17.61
N GLU A 576 -21.81 18.45 -16.98
CA GLU A 576 -20.60 19.21 -16.78
C GLU A 576 -19.59 18.37 -15.99
N TYR A 577 -20.01 17.72 -14.91
CA TYR A 577 -19.10 16.89 -14.13
C TYR A 577 -18.50 15.77 -14.99
N CYS A 578 -19.27 15.12 -15.84
CA CYS A 578 -18.74 14.07 -16.70
C CYS A 578 -17.69 14.59 -17.69
N ILE A 579 -18.00 15.73 -18.30
CA ILE A 579 -17.12 16.31 -19.28
C ILE A 579 -15.81 16.70 -18.60
N GLN A 580 -15.89 17.37 -17.44
CA GLN A 580 -14.71 17.82 -16.76
C GLN A 580 -13.83 16.63 -16.39
N ASP A 581 -14.44 15.55 -15.94
CA ASP A 581 -13.71 14.34 -15.59
C ASP A 581 -12.95 13.82 -16.80
N SER A 582 -13.61 13.74 -17.95
CA SER A 582 -12.99 13.23 -19.14
C SER A 582 -11.87 14.15 -19.65
N LEU A 583 -12.01 15.47 -19.45
CA LEU A 583 -10.99 16.42 -19.82
C LEU A 583 -9.74 16.27 -18.95
N LEU A 584 -9.91 15.95 -17.67
CA LEU A 584 -8.78 15.72 -16.81
C LEU A 584 -8.01 14.49 -17.25
N VAL A 585 -8.74 13.42 -17.57
CA VAL A 585 -8.10 12.18 -17.96
C VAL A 585 -7.29 12.40 -19.24
N GLY A 586 -7.81 13.21 -20.15
CA GLY A 586 -7.08 13.56 -21.35
C GLY A 586 -5.78 14.28 -21.04
N GLN A 587 -5.79 15.22 -20.10
CA GLN A 587 -4.57 15.91 -19.72
C GLN A 587 -3.56 14.95 -19.14
N LEU A 588 -3.98 14.05 -18.28
CA LEU A 588 -3.08 13.04 -17.75
C LEU A 588 -2.49 12.20 -18.87
N PHE A 589 -3.31 11.77 -19.82
CA PHE A 589 -2.82 10.99 -20.94
C PHE A 589 -1.71 11.74 -21.69
N PHE A 590 -1.88 13.00 -22.00
CA PHE A 590 -0.92 13.68 -22.84
C PHE A 590 0.27 14.21 -22.05
N LYS A 591 0.25 14.09 -20.71
CA LYS A 591 1.45 14.31 -19.92
C LYS A 591 2.34 13.07 -20.00
N PHE A 592 1.78 11.87 -19.74
CA PHE A 592 2.60 10.67 -19.61
C PHE A 592 2.89 10.02 -20.95
N LEU A 593 2.04 10.25 -21.95
CA LEU A 593 2.13 9.69 -23.31
C LEU A 593 2.39 8.19 -23.31
N PRO A 594 1.53 7.37 -22.67
CA PRO A 594 1.86 6.00 -22.36
C PRO A 594 2.08 5.11 -23.59
N HIS A 595 1.35 5.43 -24.66
CA HIS A 595 1.37 4.69 -25.91
C HIS A 595 2.78 4.72 -26.53
N LEU A 596 3.52 5.80 -26.35
CA LEU A 596 4.88 5.89 -26.89
C LEU A 596 5.83 5.00 -26.10
N GLU A 597 5.74 5.02 -24.78
CA GLU A 597 6.55 4.16 -23.94
C GLU A 597 6.26 2.68 -24.22
N LEU A 598 4.98 2.35 -24.30
CA LEU A 598 4.53 0.99 -24.53
C LEU A 598 4.92 0.47 -25.92
N SER A 599 4.83 1.31 -26.95
CA SER A 599 5.16 0.87 -28.30
C SER A 599 6.68 0.68 -28.47
N ALA A 600 7.48 1.44 -27.74
CA ALA A 600 8.92 1.24 -27.76
C ALA A 600 9.28 -0.15 -27.23
N VAL A 601 8.69 -0.50 -26.10
CA VAL A 601 8.88 -1.83 -25.52
C VAL A 601 8.34 -2.90 -26.46
N ALA A 602 7.18 -2.68 -27.05
CA ALA A 602 6.58 -3.67 -27.93
C ALA A 602 7.49 -4.01 -29.13
N ARG A 603 8.08 -2.97 -29.74
CA ARG A 603 9.01 -3.16 -30.84
C ARG A 603 10.20 -4.03 -30.45
N LEU A 604 10.75 -3.80 -29.29
CA LEU A 604 11.98 -4.45 -28.87
C LEU A 604 11.70 -5.89 -28.43
N ALA A 605 10.55 -6.13 -27.82
CA ALA A 605 10.22 -7.45 -27.33
C ALA A 605 9.70 -8.36 -28.44
N GLY A 606 9.07 -7.80 -29.48
CA GLY A 606 8.56 -8.61 -30.55
C GLY A 606 7.14 -9.09 -30.33
N ILE A 607 6.40 -8.40 -29.48
CA ILE A 607 5.04 -8.78 -29.13
C ILE A 607 4.13 -7.60 -29.43
N ASN A 608 2.81 -7.84 -29.59
CA ASN A 608 1.90 -6.74 -29.89
C ASN A 608 1.70 -5.87 -28.66
N ILE A 609 1.18 -4.67 -28.90
CA ILE A 609 1.11 -3.65 -27.87
C ILE A 609 0.09 -4.04 -26.79
N THR A 610 -0.93 -4.80 -27.11
CA THR A 610 -1.90 -5.18 -26.09
C THR A 610 -1.29 -6.17 -25.12
N ARG A 611 -0.52 -7.14 -25.62
CA ARG A 611 0.23 -8.01 -24.73
C ARG A 611 1.26 -7.21 -23.93
N THR A 612 1.87 -6.20 -24.54
CA THR A 612 2.84 -5.38 -23.85
C THR A 612 2.21 -4.68 -22.63
N ILE A 613 0.93 -4.35 -22.71
CA ILE A 613 0.24 -3.68 -21.62
C ILE A 613 -0.16 -4.70 -20.54
N TYR A 614 -0.71 -5.85 -20.94
CA TYR A 614 -1.42 -6.69 -19.99
C TYR A 614 -0.69 -7.99 -19.60
N ASP A 615 0.22 -8.52 -20.39
CA ASP A 615 0.56 -9.93 -20.28
C ASP A 615 1.87 -10.23 -19.58
N GLY A 616 2.40 -9.30 -18.77
CA GLY A 616 3.45 -9.58 -17.81
C GLY A 616 4.87 -9.47 -18.39
N GLN A 617 5.87 -9.67 -17.55
CA GLN A 617 7.26 -9.60 -17.95
C GLN A 617 7.75 -10.89 -18.61
N GLN A 618 7.35 -12.08 -18.18
CA GLN A 618 7.98 -13.29 -18.66
C GLN A 618 7.87 -13.45 -20.17
N ILE A 619 6.73 -13.09 -20.75
CA ILE A 619 6.49 -13.24 -22.16
C ILE A 619 7.39 -12.31 -22.95
N ARG A 620 7.71 -11.15 -22.42
CA ARG A 620 8.68 -10.27 -23.07
C ARG A 620 10.05 -10.95 -23.19
N VAL A 621 10.52 -11.52 -22.08
CA VAL A 621 11.82 -12.18 -22.04
C VAL A 621 11.82 -13.42 -22.92
N PHE A 622 10.74 -14.19 -22.85
CA PHE A 622 10.63 -15.44 -23.58
C PHE A 622 10.72 -15.20 -25.08
N THR A 623 10.02 -14.18 -25.56
CA THR A 623 9.98 -13.90 -26.98
C THR A 623 11.37 -13.46 -27.46
N CYS A 624 12.07 -12.67 -26.66
CA CYS A 624 13.40 -12.26 -27.01
C CYS A 624 14.35 -13.47 -27.06
N LEU A 625 14.19 -14.39 -26.11
CA LEU A 625 15.05 -15.55 -26.07
C LEU A 625 14.78 -16.44 -27.29
N LEU A 626 13.51 -16.56 -27.67
CA LEU A 626 13.12 -17.36 -28.81
C LEU A 626 13.73 -16.84 -30.12
N ARG A 627 13.78 -15.51 -30.27
CA ARG A 627 14.40 -14.91 -31.44
C ARG A 627 15.84 -15.40 -31.59
N LEU A 628 16.62 -15.30 -30.51
CA LEU A 628 18.02 -15.64 -30.52
C LEU A 628 18.26 -17.14 -30.61
N ALA A 629 17.42 -17.94 -29.96
CA ALA A 629 17.57 -19.37 -29.92
C ALA A 629 17.48 -19.94 -31.34
N ASP A 630 16.49 -19.43 -32.07
CA ASP A 630 16.17 -19.93 -33.39
C ASP A 630 17.38 -19.73 -34.28
N GLN A 631 17.94 -18.51 -34.26
CA GLN A 631 19.02 -18.20 -35.19
C GLN A 631 20.35 -18.82 -34.78
N LYS A 632 20.44 -19.45 -33.63
CA LYS A 632 21.63 -20.21 -33.21
C LYS A 632 21.45 -21.73 -33.30
N GLY A 633 20.26 -22.20 -33.66
CA GLY A 633 19.98 -23.63 -33.76
C GLY A 633 19.42 -24.29 -32.49
N PHE A 634 18.97 -23.53 -31.50
CA PHE A 634 18.42 -24.09 -30.28
C PHE A 634 16.90 -24.12 -30.37
N ILE A 635 16.28 -25.08 -29.66
CA ILE A 635 14.83 -25.15 -29.47
C ILE A 635 14.53 -25.18 -27.98
N LEU A 636 13.35 -24.67 -27.63
CA LEU A 636 12.96 -24.41 -26.24
C LEU A 636 11.91 -25.40 -25.79
N PRO A 637 12.16 -26.22 -24.75
CA PRO A 637 11.19 -27.23 -24.33
C PRO A 637 9.98 -26.63 -23.64
N ASP A 638 8.81 -27.24 -23.87
CA ASP A 638 7.57 -26.72 -23.33
C ASP A 638 7.53 -27.01 -21.84
N THR A 639 7.57 -28.29 -21.45
CA THR A 639 7.81 -28.68 -20.06
C THR A 639 7.02 -27.79 -19.08
N GLN A 640 5.70 -27.74 -19.29
CA GLN A 640 4.81 -26.85 -18.55
C GLN A 640 3.42 -27.49 -18.45
N GLY A 641 3.38 -28.82 -18.26
CA GLY A 641 2.15 -29.59 -18.35
C GLY A 641 1.21 -29.37 -17.17
N ARG A 642 1.75 -28.83 -16.07
CA ARG A 642 0.98 -28.58 -14.85
C ARG A 642 1.32 -27.20 -14.27
N PHE A 643 0.49 -26.74 -13.33
CA PHE A 643 0.68 -25.46 -12.65
C PHE A 643 0.87 -24.34 -13.69
N GLY A 691 3.50 -25.14 -2.67
CA GLY A 691 4.68 -24.56 -1.99
C GLY A 691 4.53 -23.05 -1.86
N ARG A 692 5.20 -22.46 -0.86
CA ARG A 692 4.98 -21.07 -0.51
C ARG A 692 6.28 -20.34 -0.14
N HIS A 693 7.42 -21.04 -0.12
CA HIS A 693 8.67 -20.46 0.35
C HIS A 693 9.59 -20.18 -0.84
N VAL A 694 10.76 -19.57 -0.56
CA VAL A 694 11.70 -19.12 -1.58
C VAL A 694 12.47 -20.30 -2.15
N GLY A 695 12.92 -20.14 -3.42
CA GLY A 695 13.60 -21.18 -4.16
C GLY A 695 15.11 -21.17 -3.95
N TYR A 696 15.69 -20.02 -3.61
CA TYR A 696 17.15 -19.95 -3.52
C TYR A 696 17.54 -18.74 -2.71
N GLN A 697 18.79 -18.70 -2.29
CA GLN A 697 19.33 -17.61 -1.50
C GLN A 697 19.58 -16.37 -2.35
N GLY A 698 19.14 -15.22 -1.84
CA GLY A 698 19.25 -13.96 -2.55
C GLY A 698 20.45 -13.14 -2.12
N ALA A 699 20.23 -11.85 -1.87
CA ALA A 699 21.28 -10.87 -1.62
C ALA A 699 21.76 -10.87 -0.17
N ARG A 700 22.97 -10.32 0.05
CA ARG A 700 23.49 -10.10 1.39
C ARG A 700 23.29 -8.63 1.72
N VAL A 701 22.62 -8.38 2.85
CA VAL A 701 22.52 -7.07 3.44
C VAL A 701 23.47 -7.04 4.63
N LEU A 702 24.36 -6.06 4.66
CA LEU A 702 25.30 -5.93 5.76
C LEU A 702 24.54 -5.38 6.96
N ASP A 703 24.97 -5.84 8.13
CA ASP A 703 24.43 -5.36 9.39
C ASP A 703 24.82 -3.89 9.54
N PRO A 704 23.86 -2.94 9.59
CA PRO A 704 24.17 -1.53 9.67
C PRO A 704 24.71 -1.10 11.03
N THR A 705 25.74 -0.24 11.04
CA THR A 705 26.12 0.45 12.26
C THR A 705 25.11 1.55 12.56
N SER A 706 24.02 1.22 13.25
CA SER A 706 22.99 2.22 13.45
C SER A 706 23.59 3.44 14.16
N GLY A 707 22.99 4.61 13.92
CA GLY A 707 23.44 5.81 14.59
C GLY A 707 23.12 7.05 13.77
N PHE A 708 23.43 8.20 14.34
CA PHE A 708 23.48 9.45 13.63
C PHE A 708 24.91 9.79 13.28
N HIS A 709 25.19 9.93 11.98
CA HIS A 709 26.55 10.15 11.49
C HIS A 709 26.63 11.56 10.94
N VAL A 710 27.59 12.34 11.45
CA VAL A 710 27.74 13.74 11.09
C VAL A 710 29.04 13.96 10.33
N ASN A 711 29.83 12.90 10.14
CA ASN A 711 30.95 12.91 9.21
C ASN A 711 30.46 12.47 7.84
N PRO A 712 31.15 12.80 6.71
CA PRO A 712 30.66 12.45 5.37
C PRO A 712 30.59 10.96 5.06
N VAL A 713 29.56 10.56 4.32
CA VAL A 713 29.39 9.16 3.95
C VAL A 713 29.29 9.09 2.44
N VAL A 714 30.12 8.26 1.82
CA VAL A 714 30.13 8.10 0.37
C VAL A 714 29.45 6.78 0.04
N VAL A 715 28.53 6.79 -0.91
CA VAL A 715 27.84 5.61 -1.35
C VAL A 715 28.40 5.18 -2.71
N PHE A 716 28.87 3.93 -2.76
CA PHE A 716 29.23 3.29 -4.00
C PHE A 716 28.14 2.30 -4.37
N ASP A 717 27.74 2.25 -5.65
CA ASP A 717 26.73 1.31 -6.11
C ASP A 717 27.15 0.77 -7.48
N PHE A 718 26.93 -0.52 -7.71
CA PHE A 718 27.15 -1.11 -9.02
C PHE A 718 26.03 -0.78 -9.99
N ALA A 719 26.43 -0.35 -11.18
CA ALA A 719 25.54 -0.06 -12.29
C ALA A 719 25.05 -1.36 -12.89
N SER A 720 23.73 -1.54 -12.97
CA SER A 720 23.17 -2.73 -13.62
C SER A 720 23.83 -4.03 -13.14
N LEU A 721 23.81 -4.28 -11.83
CA LEU A 721 24.60 -5.35 -11.25
C LEU A 721 24.30 -6.72 -11.86
N TYR A 722 23.08 -7.20 -11.71
CA TYR A 722 22.77 -8.57 -12.07
C TYR A 722 22.93 -8.77 -13.57
N PRO A 723 22.46 -7.84 -14.44
CA PRO A 723 22.77 -7.97 -15.85
C PRO A 723 24.26 -8.02 -16.11
N SER A 724 25.02 -7.18 -15.43
CA SER A 724 26.46 -7.14 -15.67
C SER A 724 27.14 -8.47 -15.25
N ILE A 725 26.60 -9.17 -14.25
CA ILE A 725 27.13 -10.43 -13.84
C ILE A 725 26.83 -11.50 -14.90
N ILE A 726 25.61 -11.50 -15.43
CA ILE A 726 25.22 -12.42 -16.47
C ILE A 726 26.13 -12.24 -17.68
N GLN A 727 26.46 -11.00 -18.01
CA GLN A 727 27.28 -10.68 -19.16
C GLN A 727 28.74 -10.98 -18.88
N ALA A 728 29.25 -10.52 -17.75
CA ALA A 728 30.66 -10.68 -17.40
C ALA A 728 31.06 -12.14 -17.28
N HIS A 729 30.23 -12.97 -16.68
CA HIS A 729 30.54 -14.37 -16.46
C HIS A 729 29.80 -15.30 -17.40
N ASN A 730 29.20 -14.82 -18.47
CA ASN A 730 28.68 -15.64 -19.56
C ASN A 730 27.64 -16.67 -19.11
N LEU A 731 26.72 -16.31 -18.23
CA LEU A 731 25.79 -17.23 -17.62
C LEU A 731 24.61 -17.51 -18.55
N CYS A 732 24.23 -18.77 -18.71
CA CYS A 732 23.11 -19.16 -19.54
C CYS A 732 22.74 -20.63 -19.33
N PHE A 733 21.54 -21.00 -19.79
CA PHE A 733 21.13 -22.40 -19.93
C PHE A 733 22.15 -23.16 -20.78
N SER A 734 22.50 -22.53 -21.91
CA SER A 734 23.33 -23.16 -22.90
C SER A 734 24.79 -23.25 -22.48
N THR A 735 25.21 -22.55 -21.43
CA THR A 735 26.63 -22.54 -21.07
C THR A 735 26.87 -23.26 -19.75
N LEU A 736 25.78 -23.66 -19.08
CA LEU A 736 25.82 -24.37 -17.82
C LEU A 736 26.13 -25.85 -18.03
N SER A 737 26.93 -26.42 -17.13
CA SER A 737 26.99 -27.86 -16.95
C SER A 737 26.94 -28.19 -15.46
N LEU A 738 26.40 -29.39 -15.16
CA LEU A 738 26.37 -29.92 -13.81
C LEU A 738 27.32 -31.11 -13.68
N ARG A 739 28.16 -31.37 -14.67
CA ARG A 739 29.08 -32.49 -14.67
C ARG A 739 30.49 -32.02 -15.00
N ALA A 740 31.49 -32.63 -14.37
CA ALA A 740 32.88 -32.31 -14.67
C ALA A 740 33.35 -32.94 -15.98
N ASP A 741 32.79 -34.10 -16.36
CA ASP A 741 33.21 -34.80 -17.57
C ASP A 741 32.85 -33.98 -18.82
N ALA A 742 31.84 -33.11 -18.72
CA ALA A 742 31.46 -32.22 -19.80
C ALA A 742 32.55 -31.22 -20.18
N VAL A 743 33.40 -30.82 -19.22
CA VAL A 743 34.36 -29.75 -19.47
C VAL A 743 35.78 -30.31 -19.41
N ALA A 744 35.93 -31.63 -19.42
CA ALA A 744 37.22 -32.32 -19.29
C ALA A 744 38.23 -31.92 -20.37
N HIS A 745 37.77 -31.51 -21.55
CA HIS A 745 38.65 -31.19 -22.66
C HIS A 745 39.01 -29.70 -22.74
N LEU A 746 38.41 -28.89 -21.86
CA LEU A 746 38.70 -27.48 -21.76
C LEU A 746 39.74 -27.26 -20.66
N GLU A 747 40.29 -26.05 -20.61
CA GLU A 747 41.24 -25.66 -19.58
C GLU A 747 40.53 -24.94 -18.44
N ALA A 748 40.81 -25.33 -17.19
CA ALA A 748 40.14 -24.72 -16.07
C ALA A 748 40.58 -23.27 -15.90
N GLY A 749 39.63 -22.39 -15.58
CA GLY A 749 39.96 -21.00 -15.32
C GLY A 749 40.09 -20.18 -16.61
N LYS A 750 40.72 -20.76 -17.62
CA LYS A 750 40.91 -20.06 -18.88
C LYS A 750 39.66 -20.19 -19.77
N ASP A 751 38.97 -21.32 -19.67
CA ASP A 751 37.84 -21.62 -20.54
C ASP A 751 36.51 -21.70 -19.76
N TYR A 752 36.53 -21.90 -18.45
CA TYR A 752 35.28 -21.99 -17.71
C TYR A 752 35.42 -21.52 -16.27
N LEU A 753 34.31 -21.03 -15.73
CA LEU A 753 34.15 -20.74 -14.32
C LEU A 753 33.64 -21.99 -13.62
N GLU A 754 34.26 -22.34 -12.49
CA GLU A 754 33.72 -23.34 -11.57
C GLU A 754 33.27 -22.62 -10.32
N ILE A 755 32.06 -22.92 -9.84
CA ILE A 755 31.52 -22.18 -8.70
C ILE A 755 30.57 -23.06 -7.90
N GLU A 756 30.71 -23.04 -6.58
CA GLU A 756 29.84 -23.77 -5.70
C GLU A 756 28.62 -22.91 -5.41
N VAL A 757 27.43 -23.47 -5.64
CA VAL A 757 26.17 -22.77 -5.61
C VAL A 757 25.16 -23.73 -5.01
N GLY A 758 24.76 -23.46 -3.77
CA GLY A 758 23.74 -24.26 -3.12
C GLY A 758 24.22 -25.67 -2.81
N GLY A 759 25.53 -25.83 -2.61
CA GLY A 759 26.09 -27.14 -2.32
C GLY A 759 26.34 -27.99 -3.56
N ARG A 760 26.13 -27.45 -4.77
CA ARG A 760 26.58 -28.12 -5.98
C ARG A 760 27.71 -27.35 -6.65
N ARG A 761 28.62 -28.12 -7.25
CA ARG A 761 29.71 -27.63 -8.05
C ARG A 761 29.23 -27.42 -9.49
N LEU A 762 29.02 -26.16 -9.90
CA LEU A 762 28.50 -25.84 -11.22
C LEU A 762 29.62 -25.35 -12.11
N PHE A 763 29.40 -25.41 -13.42
CA PHE A 763 30.37 -24.98 -14.41
C PHE A 763 29.69 -24.12 -15.45
N PHE A 764 30.33 -23.00 -15.80
CA PHE A 764 29.84 -22.15 -16.86
C PHE A 764 30.98 -21.87 -17.78
N VAL A 765 30.77 -22.19 -19.04
CA VAL A 765 31.77 -22.07 -20.10
C VAL A 765 31.94 -20.57 -20.46
N LYS A 766 33.12 -20.12 -20.84
CA LYS A 766 33.34 -18.71 -21.18
C LYS A 766 32.94 -18.35 -22.63
N ALA A 767 32.85 -17.08 -22.95
CA ALA A 767 32.16 -16.62 -24.15
C ALA A 767 32.89 -16.99 -25.44
N HIS A 768 34.21 -17.20 -25.38
CA HIS A 768 34.96 -17.64 -26.54
C HIS A 768 34.74 -19.12 -26.87
N VAL A 769 34.14 -19.84 -25.94
CA VAL A 769 33.76 -21.22 -26.12
C VAL A 769 32.28 -21.31 -26.56
N ARG A 770 31.42 -20.45 -26.01
CA ARG A 770 30.05 -20.31 -26.48
C ARG A 770 29.44 -19.06 -25.86
N GLU A 771 28.81 -18.18 -26.64
CA GLU A 771 28.16 -17.00 -26.08
C GLU A 771 26.84 -17.36 -25.40
N SER A 772 26.62 -16.75 -24.24
CA SER A 772 25.37 -16.80 -23.50
C SER A 772 24.25 -16.09 -24.26
N LEU A 773 23.12 -16.79 -24.44
CA LEU A 773 21.96 -16.20 -25.07
C LEU A 773 21.40 -15.08 -24.21
N LEU A 774 21.44 -15.22 -22.89
CA LEU A 774 20.98 -14.19 -21.96
C LEU A 774 21.85 -12.95 -22.06
N SER A 775 23.15 -13.17 -22.25
CA SER A 775 24.11 -12.07 -22.39
C SER A 775 23.77 -11.22 -23.63
N ILE A 776 23.43 -11.90 -24.73
CA ILE A 776 23.13 -11.21 -25.97
C ILE A 776 21.78 -10.52 -25.82
N LEU A 777 20.81 -11.21 -25.24
CA LEU A 777 19.49 -10.65 -25.04
C LEU A 777 19.56 -9.30 -24.32
N LEU A 778 20.39 -9.18 -23.30
CA LEU A 778 20.48 -7.98 -22.49
C LEU A 778 20.98 -6.77 -23.26
N ARG A 779 21.72 -6.95 -24.34
CA ARG A 779 22.38 -5.82 -24.96
C ARG A 779 21.40 -4.74 -25.43
N ASP A 780 20.31 -5.16 -26.08
CA ASP A 780 19.30 -4.23 -26.56
C ASP A 780 18.65 -3.44 -25.43
N TRP A 781 18.30 -4.10 -24.34
CA TRP A 781 17.60 -3.43 -23.27
C TRP A 781 18.53 -2.47 -22.54
N LEU A 782 19.79 -2.84 -22.35
CA LEU A 782 20.73 -1.92 -21.74
C LEU A 782 20.96 -0.70 -22.62
N ALA A 783 21.05 -0.91 -23.93
CA ALA A 783 21.17 0.19 -24.87
C ALA A 783 19.97 1.11 -24.79
N MET A 784 18.78 0.55 -24.65
CA MET A 784 17.57 1.33 -24.65
C MET A 784 17.58 2.22 -23.41
N ARG A 785 17.98 1.67 -22.26
CA ARG A 785 18.06 2.46 -21.04
C ARG A 785 19.10 3.58 -21.18
N LYS A 786 20.26 3.31 -21.75
CA LYS A 786 21.23 4.38 -21.98
C LYS A 786 20.62 5.50 -22.82
N GLN A 787 19.91 5.15 -23.88
CA GLN A 787 19.44 6.15 -24.81
C GLN A 787 18.45 7.08 -24.10
N ILE A 788 17.63 6.57 -23.18
CA ILE A 788 16.76 7.44 -22.40
C ILE A 788 17.61 8.35 -21.50
N ARG A 789 18.54 7.81 -20.74
CA ARG A 789 19.28 8.61 -19.77
C ARG A 789 20.17 9.65 -20.45
N SER A 790 20.62 9.38 -21.66
CA SER A 790 21.39 10.32 -22.45
C SER A 790 20.67 11.67 -22.64
N ARG A 791 19.33 11.70 -22.49
CA ARG A 791 18.52 12.85 -22.81
C ARG A 791 18.18 13.69 -21.58
N ILE A 792 18.55 13.23 -20.39
CA ILE A 792 18.08 13.89 -19.19
C ILE A 792 18.69 15.27 -19.06
N PRO A 793 20.03 15.47 -19.21
CA PRO A 793 20.62 16.78 -18.92
C PRO A 793 20.20 17.96 -19.79
N GLN A 794 19.64 17.68 -20.99
CA GLN A 794 19.18 18.72 -21.89
C GLN A 794 17.69 19.00 -21.75
N SER A 795 16.99 18.21 -20.92
CA SER A 795 15.55 18.27 -20.81
C SER A 795 15.12 19.25 -19.71
N SER A 796 13.85 19.66 -19.74
CA SER A 796 13.30 20.61 -18.78
C SER A 796 13.14 19.94 -17.41
N PRO A 797 12.86 20.71 -16.33
CA PRO A 797 12.66 20.11 -15.01
C PRO A 797 11.49 19.14 -14.90
N GLU A 798 10.50 19.26 -15.79
CA GLU A 798 9.38 18.33 -15.83
C GLU A 798 9.72 17.13 -16.71
N GLU A 799 10.31 17.38 -17.88
CA GLU A 799 10.72 16.31 -18.77
C GLU A 799 11.67 15.35 -18.05
N ALA A 800 12.56 15.90 -17.22
CA ALA A 800 13.57 15.11 -16.53
C ALA A 800 12.93 14.08 -15.60
N VAL A 801 11.79 14.42 -15.00
CA VAL A 801 11.12 13.51 -14.08
C VAL A 801 10.45 12.40 -14.88
N LEU A 802 9.87 12.76 -16.02
CA LEU A 802 9.21 11.79 -16.87
C LEU A 802 10.22 10.80 -17.45
N LEU A 803 11.35 11.32 -17.92
CA LEU A 803 12.42 10.51 -18.46
C LEU A 803 12.99 9.55 -17.42
N ASP A 804 13.07 10.00 -16.17
CA ASP A 804 13.58 9.18 -15.09
C ASP A 804 12.68 7.98 -14.83
N LYS A 805 11.38 8.15 -14.98
CA LYS A 805 10.47 7.04 -14.76
C LYS A 805 10.49 6.08 -15.95
N GLN A 806 10.63 6.59 -17.17
CA GLN A 806 10.75 5.71 -18.31
C GLN A 806 12.02 4.86 -18.18
N GLN A 807 13.12 5.50 -17.82
CA GLN A 807 14.39 4.88 -17.57
C GLN A 807 14.20 3.70 -16.61
N ALA A 808 13.48 3.94 -15.52
CA ALA A 808 13.33 2.96 -14.48
C ALA A 808 12.47 1.77 -14.94
N ALA A 809 11.48 1.98 -15.80
CA ALA A 809 10.70 0.88 -16.33
C ALA A 809 11.55 -0.06 -17.21
N ILE A 810 12.52 0.46 -17.94
CA ILE A 810 13.35 -0.38 -18.78
C ILE A 810 14.32 -1.17 -17.91
N LYS A 811 14.79 -0.57 -16.82
CA LYS A 811 15.60 -1.27 -15.84
C LYS A 811 14.83 -2.50 -15.31
N VAL A 812 13.52 -2.37 -15.07
CA VAL A 812 12.72 -3.48 -14.60
C VAL A 812 12.76 -4.63 -15.61
N VAL A 813 12.75 -4.37 -16.91
CA VAL A 813 12.84 -5.45 -17.88
C VAL A 813 14.20 -6.14 -17.81
N CYS A 814 15.30 -5.40 -17.75
CA CYS A 814 16.62 -5.99 -17.62
C CYS A 814 16.73 -6.89 -16.37
N ASN A 815 16.20 -6.44 -15.24
CA ASN A 815 16.23 -7.26 -14.04
C ASN A 815 15.29 -8.46 -14.17
N SER A 816 14.23 -8.34 -14.92
CA SER A 816 13.30 -9.45 -15.08
C SER A 816 13.91 -10.58 -15.92
N VAL A 817 14.99 -10.33 -16.63
CA VAL A 817 15.73 -11.40 -17.27
C VAL A 817 16.36 -12.30 -16.19
N TYR A 818 16.96 -11.71 -15.14
CA TYR A 818 17.42 -12.48 -14.01
C TYR A 818 16.22 -13.21 -13.39
N GLY A 819 15.16 -12.47 -13.11
CA GLY A 819 13.96 -13.01 -12.49
C GLY A 819 13.35 -14.18 -13.22
N PHE A 820 13.43 -14.15 -14.53
CA PHE A 820 12.84 -15.16 -15.41
C PHE A 820 13.40 -16.53 -15.06
N THR A 821 14.71 -16.59 -14.85
CA THR A 821 15.37 -17.85 -14.53
C THR A 821 14.96 -18.34 -13.15
N GLY A 822 14.49 -17.44 -12.28
CA GLY A 822 14.11 -17.79 -10.93
C GLY A 822 12.68 -18.23 -10.72
N VAL A 823 11.86 -18.27 -11.77
CA VAL A 823 10.43 -18.58 -11.61
C VAL A 823 10.24 -20.10 -11.63
N GLN A 824 9.97 -20.69 -10.47
CA GLN A 824 9.43 -22.05 -10.43
C GLN A 824 8.09 -22.06 -11.17
N HIS A 825 7.92 -23.04 -12.06
CA HIS A 825 6.71 -23.16 -12.85
C HIS A 825 6.54 -22.04 -13.88
N GLY A 826 7.62 -21.31 -14.22
CA GLY A 826 7.57 -20.31 -15.26
C GLY A 826 7.73 -20.94 -16.65
N LEU A 827 7.88 -20.11 -17.68
CA LEU A 827 7.98 -20.56 -19.05
C LEU A 827 9.29 -21.29 -19.33
N LEU A 828 10.41 -20.89 -18.75
CA LEU A 828 11.67 -21.59 -18.97
C LEU A 828 12.56 -21.41 -17.75
N PRO A 829 12.29 -22.12 -16.64
CA PRO A 829 13.03 -21.93 -15.39
C PRO A 829 14.46 -22.45 -15.44
N CYS A 830 15.34 -21.82 -14.69
CA CYS A 830 16.61 -22.45 -14.40
C CYS A 830 17.22 -21.88 -13.13
N LEU A 831 16.97 -22.56 -12.01
CA LEU A 831 17.29 -22.03 -10.69
C LEU A 831 18.79 -22.06 -10.46
N HIS A 832 19.50 -22.84 -11.26
CA HIS A 832 20.93 -22.86 -11.20
C HIS A 832 21.49 -21.52 -11.65
N VAL A 833 20.92 -20.95 -12.70
CA VAL A 833 21.40 -19.67 -13.20
C VAL A 833 21.08 -18.57 -12.18
N ALA A 834 19.84 -18.57 -11.69
CA ALA A 834 19.42 -17.52 -10.76
C ALA A 834 20.28 -17.52 -9.50
N ALA A 835 20.50 -18.73 -8.93
CA ALA A 835 21.27 -18.87 -7.73
C ALA A 835 22.74 -18.51 -7.96
N THR A 836 23.27 -18.76 -9.17
CA THR A 836 24.62 -18.36 -9.48
C THR A 836 24.74 -16.83 -9.44
N VAL A 837 23.81 -16.13 -10.04
CA VAL A 837 23.86 -14.70 -10.12
C VAL A 837 23.94 -14.13 -8.69
N THR A 838 23.01 -14.55 -7.81
CA THR A 838 22.99 -14.05 -6.45
C THR A 838 24.26 -14.48 -5.70
N THR A 839 24.78 -15.67 -5.93
CA THR A 839 26.01 -16.07 -5.30
C THR A 839 27.15 -15.09 -5.67
N ILE A 840 27.31 -14.81 -6.94
CA ILE A 840 28.41 -13.97 -7.39
C ILE A 840 28.24 -12.56 -6.82
N GLY A 841 27.00 -12.08 -6.76
CA GLY A 841 26.72 -10.80 -6.17
C GLY A 841 27.15 -10.73 -4.71
N ARG A 842 26.81 -11.74 -3.95
CA ARG A 842 27.24 -11.84 -2.56
C ARG A 842 28.78 -11.79 -2.47
N GLU A 843 29.49 -12.47 -3.35
CA GLU A 843 30.94 -12.49 -3.27
C GLU A 843 31.50 -11.10 -3.56
N MET A 844 30.92 -10.42 -4.54
CA MET A 844 31.41 -9.13 -4.97
C MET A 844 31.23 -8.08 -3.88
N LEU A 845 30.11 -8.13 -3.14
CA LEU A 845 29.86 -7.15 -2.09
C LEU A 845 30.91 -7.29 -1.01
N LEU A 846 31.17 -8.52 -0.57
CA LEU A 846 32.15 -8.75 0.49
C LEU A 846 33.53 -8.40 -0.01
N ALA A 847 33.86 -8.75 -1.24
CA ALA A 847 35.17 -8.42 -1.79
C ALA A 847 35.41 -6.91 -1.77
N THR A 848 34.38 -6.13 -2.09
CA THR A 848 34.50 -4.69 -2.19
C THR A 848 34.77 -4.09 -0.82
N ARG A 849 34.06 -4.56 0.21
CA ARG A 849 34.33 -4.13 1.56
C ARG A 849 35.77 -4.46 1.97
N GLU A 850 36.23 -5.70 1.77
CA GLU A 850 37.56 -6.08 2.19
C GLU A 850 38.61 -5.26 1.45
N TYR A 851 38.35 -4.87 0.21
CA TYR A 851 39.32 -4.09 -0.54
C TYR A 851 39.50 -2.71 0.10
N VAL A 852 38.39 -2.07 0.43
CA VAL A 852 38.40 -0.73 0.99
C VAL A 852 39.07 -0.69 2.36
N HIS A 853 38.82 -1.72 3.19
CA HIS A 853 39.45 -1.82 4.50
C HIS A 853 40.94 -2.13 4.43
N ALA A 854 41.46 -2.70 3.33
CA ALA A 854 42.87 -3.04 3.25
C ALA A 854 43.67 -1.90 2.61
N ARG A 855 43.08 -1.19 1.65
CA ARG A 855 43.85 -0.40 0.71
C ARG A 855 44.08 0.98 1.26
N TRP A 856 43.14 1.46 2.08
CA TRP A 856 43.08 2.87 2.45
C TRP A 856 42.83 2.97 3.94
N ALA A 857 43.45 2.09 4.71
CA ALA A 857 43.36 2.14 6.16
C ALA A 857 44.00 3.41 6.72
N ALA A 858 45.06 3.89 6.08
CA ALA A 858 45.78 5.07 6.50
C ALA A 858 45.72 6.14 5.43
N PHE A 859 45.81 7.39 5.83
CA PHE A 859 45.68 8.49 4.89
C PHE A 859 46.85 8.44 3.89
N GLU A 860 48.02 7.98 4.34
CA GLU A 860 49.19 7.85 3.49
C GLU A 860 48.88 7.11 2.20
N GLN A 861 48.18 5.98 2.35
CA GLN A 861 47.87 5.08 1.25
C GLN A 861 46.93 5.76 0.26
N LEU A 862 45.97 6.51 0.78
CA LEU A 862 45.00 7.21 -0.06
C LEU A 862 45.69 8.32 -0.85
N LEU A 863 46.54 9.10 -0.19
CA LEU A 863 47.27 10.17 -0.84
C LEU A 863 48.25 9.61 -1.86
N ALA A 864 48.75 8.39 -1.64
CA ALA A 864 49.58 7.71 -2.62
C ALA A 864 48.76 7.34 -3.88
N ASP A 865 47.47 7.02 -3.73
CA ASP A 865 46.64 6.66 -4.87
C ASP A 865 46.03 7.91 -5.53
N PHE A 866 45.73 8.98 -4.77
CA PHE A 866 45.03 10.15 -5.27
C PHE A 866 45.65 11.42 -4.70
N PRO A 867 46.62 12.08 -5.39
CA PRO A 867 47.32 13.22 -4.82
C PRO A 867 46.47 14.41 -4.45
N GLU A 868 45.24 14.49 -4.99
CA GLU A 868 44.32 15.58 -4.68
C GLU A 868 43.75 15.47 -3.27
N ALA A 869 43.99 14.35 -2.61
CA ALA A 869 43.51 14.11 -1.26
C ALA A 869 44.02 15.16 -0.28
N ALA A 870 45.15 15.82 -0.55
CA ALA A 870 45.80 16.66 0.43
C ALA A 870 44.93 17.87 0.81
N ASP A 871 44.21 18.41 -0.17
CA ASP A 871 43.34 19.56 0.06
C ASP A 871 42.08 19.18 0.85
N MET A 872 41.85 17.89 1.08
CA MET A 872 40.60 17.39 1.62
C MET A 872 40.69 17.01 3.10
N ARG A 873 41.83 17.24 3.76
CA ARG A 873 42.06 16.66 5.07
C ARG A 873 41.39 17.53 6.13
N ALA A 874 40.42 16.95 6.84
CA ALA A 874 39.79 17.59 7.98
C ALA A 874 40.58 17.29 9.26
N PRO A 875 40.29 17.97 10.40
CA PRO A 875 41.21 17.96 11.55
C PRO A 875 41.42 16.70 12.40
N GLY A 876 40.42 15.83 12.53
CA GLY A 876 40.51 14.74 13.48
C GLY A 876 41.32 13.56 12.95
N PRO A 877 41.17 12.35 13.55
CA PRO A 877 41.78 11.14 13.00
C PRO A 877 41.12 10.67 11.71
N TYR A 878 41.93 10.13 10.80
CA TYR A 878 41.47 9.57 9.54
C TYR A 878 40.86 8.17 9.75
N SER A 879 39.72 7.91 9.12
CA SER A 879 39.17 6.57 9.02
C SER A 879 38.32 6.40 7.75
N MET A 880 38.36 5.23 7.11
CA MET A 880 37.39 4.88 6.10
C MET A 880 36.80 3.52 6.42
N ARG A 881 35.49 3.43 6.69
CA ARG A 881 34.90 2.19 7.15
C ARG A 881 33.50 1.98 6.62
N ILE A 882 33.17 0.76 6.19
CA ILE A 882 31.87 0.43 5.67
C ILE A 882 30.90 0.29 6.86
N ILE A 883 29.87 1.12 6.88
CA ILE A 883 28.88 1.16 7.95
C ILE A 883 27.57 0.52 7.50
N TYR A 884 27.40 0.30 6.21
CA TYR A 884 26.19 -0.34 5.72
C TYR A 884 26.38 -0.76 4.27
N GLY A 885 25.53 -1.69 3.81
CA GLY A 885 25.47 -1.96 2.39
C GLY A 885 24.43 -3.01 2.06
N ASP A 886 23.73 -2.84 0.94
CA ASP A 886 22.62 -3.70 0.56
C ASP A 886 22.77 -4.10 -0.90
N THR A 887 22.97 -5.39 -1.11
CA THR A 887 22.98 -6.06 -2.41
C THR A 887 24.19 -5.64 -3.24
N ASP A 888 24.22 -4.37 -3.67
CA ASP A 888 25.14 -3.88 -4.68
C ASP A 888 25.69 -2.50 -4.33
N SER A 889 25.60 -2.12 -3.06
CA SER A 889 26.10 -0.83 -2.64
C SER A 889 26.73 -0.91 -1.25
N ILE A 890 27.76 -0.09 -1.03
CA ILE A 890 28.36 0.07 0.28
C ILE A 890 28.37 1.57 0.67
N PHE A 891 28.22 1.81 1.96
CA PHE A 891 28.25 3.11 2.59
C PHE A 891 29.56 3.27 3.35
N VAL A 892 30.46 4.16 2.93
CA VAL A 892 31.76 4.33 3.56
C VAL A 892 31.78 5.64 4.35
N LEU A 893 31.90 5.53 5.67
CA LEU A 893 32.02 6.64 6.59
C LEU A 893 33.44 7.15 6.49
N CYS A 894 33.59 8.45 6.19
CA CYS A 894 34.88 9.03 5.83
C CYS A 894 35.31 10.12 6.81
N ARG A 895 35.38 9.78 8.11
CA ARG A 895 35.73 10.78 9.09
C ARG A 895 37.20 11.14 8.93
N GLY A 896 37.47 12.45 8.94
CA GLY A 896 38.80 13.00 8.75
C GLY A 896 38.98 13.64 7.38
N LEU A 897 37.97 13.58 6.51
CA LEU A 897 38.02 14.18 5.19
C LEU A 897 36.80 15.08 5.01
N THR A 898 36.88 16.05 4.10
CA THR A 898 35.82 17.03 3.89
C THR A 898 34.85 16.58 2.81
N ALA A 899 33.58 16.96 2.91
CA ALA A 899 32.59 16.54 1.93
C ALA A 899 32.82 17.18 0.56
N ALA A 900 33.43 18.37 0.53
CA ALA A 900 33.52 19.16 -0.68
C ALA A 900 34.34 18.43 -1.75
N GLY A 901 35.40 17.74 -1.33
CA GLY A 901 36.28 17.08 -2.27
C GLY A 901 35.92 15.62 -2.53
N LEU A 902 35.16 14.99 -1.62
CA LEU A 902 34.95 13.55 -1.66
C LEU A 902 34.14 13.14 -2.89
N THR A 903 33.38 14.06 -3.47
CA THR A 903 32.65 13.76 -4.68
C THR A 903 33.62 13.35 -5.80
N ALA A 904 34.61 14.23 -6.06
CA ALA A 904 35.61 14.01 -7.09
C ALA A 904 36.47 12.79 -6.79
N VAL A 905 36.90 12.66 -5.55
CA VAL A 905 37.78 11.57 -5.17
C VAL A 905 37.03 10.23 -5.25
N GLY A 906 35.71 10.28 -4.98
CA GLY A 906 34.88 9.09 -5.01
C GLY A 906 34.82 8.48 -6.40
N ASP A 907 34.67 9.29 -7.44
CA ASP A 907 34.67 8.80 -8.81
C ASP A 907 35.96 8.02 -9.10
N LYS A 908 37.08 8.51 -8.58
CA LYS A 908 38.36 7.92 -8.86
C LYS A 908 38.52 6.62 -8.06
N MET A 909 38.06 6.61 -6.81
CA MET A 909 38.03 5.40 -6.01
C MET A 909 37.18 4.33 -6.69
N ALA A 910 36.02 4.71 -7.23
CA ALA A 910 35.14 3.73 -7.83
C ALA A 910 35.84 3.10 -9.04
N SER A 911 36.47 3.93 -9.86
CA SER A 911 37.19 3.48 -11.03
C SER A 911 38.30 2.50 -10.61
N HIS A 912 39.05 2.87 -9.58
CA HIS A 912 40.16 2.10 -9.12
C HIS A 912 39.70 0.71 -8.69
N ILE A 913 38.70 0.66 -7.79
CA ILE A 913 38.20 -0.61 -7.28
C ILE A 913 37.75 -1.48 -8.45
N SER A 914 37.03 -0.90 -9.38
CA SER A 914 36.40 -1.63 -10.45
C SER A 914 37.46 -2.34 -11.30
N ARG A 915 38.49 -1.58 -11.70
CA ARG A 915 39.57 -2.03 -12.54
C ARG A 915 40.51 -2.99 -11.81
N ALA A 916 40.49 -2.97 -10.48
CA ALA A 916 41.30 -3.88 -9.69
C ALA A 916 40.63 -5.23 -9.58
N LEU A 917 39.30 -5.27 -9.39
CA LEU A 917 38.63 -6.47 -8.90
C LEU A 917 37.79 -7.21 -9.93
N PHE A 918 37.16 -6.52 -10.88
CA PHE A 918 36.10 -7.17 -11.66
C PHE A 918 36.30 -7.12 -13.17
N LEU A 919 35.50 -7.92 -13.87
CA LEU A 919 35.57 -8.08 -15.31
C LEU A 919 34.53 -7.18 -15.95
N PRO A 920 34.83 -6.42 -17.02
CA PRO A 920 33.80 -5.62 -17.68
C PRO A 920 32.77 -6.55 -18.30
N PRO A 921 31.48 -6.23 -18.35
CA PRO A 921 30.93 -4.89 -18.10
C PRO A 921 30.61 -4.41 -16.67
N ILE A 922 31.12 -5.06 -15.62
CA ILE A 922 30.90 -4.67 -14.24
C ILE A 922 31.62 -3.37 -13.92
N LYS A 923 30.90 -2.41 -13.37
CA LYS A 923 31.37 -1.06 -13.09
C LYS A 923 30.79 -0.61 -11.75
N LEU A 924 31.60 -0.47 -10.71
CA LEU A 924 31.21 0.25 -9.51
C LEU A 924 31.22 1.75 -9.78
N GLU A 925 30.20 2.46 -9.30
CA GLU A 925 30.08 3.91 -9.45
C GLU A 925 29.93 4.60 -8.09
N CYS A 926 30.33 5.87 -8.04
CA CYS A 926 30.17 6.68 -6.84
C CYS A 926 28.89 7.51 -6.98
N GLU A 927 27.87 7.19 -6.17
CA GLU A 927 26.51 7.60 -6.41
C GLU A 927 26.23 8.96 -5.77
N LYS A 928 26.58 9.11 -4.48
CA LYS A 928 26.29 10.33 -3.75
C LYS A 928 27.08 10.37 -2.45
N THR A 929 27.13 11.56 -1.85
CA THR A 929 27.75 11.79 -0.56
C THR A 929 26.71 12.40 0.37
N PHE A 930 26.59 11.87 1.58
CA PHE A 930 25.81 12.48 2.64
C PHE A 930 26.69 13.37 3.51
N THR A 931 26.15 14.47 3.99
CA THR A 931 26.78 15.28 5.03
C THR A 931 26.25 14.92 6.43
N LYS A 932 24.99 14.46 6.52
CA LYS A 932 24.47 13.83 7.71
C LYS A 932 23.62 12.63 7.31
N LEU A 933 23.65 11.58 8.14
CA LEU A 933 22.99 10.30 7.87
C LEU A 933 22.46 9.70 9.16
N LEU A 934 21.24 9.23 9.13
CA LEU A 934 20.68 8.45 10.20
C LEU A 934 20.46 7.02 9.70
N LEU A 935 21.39 6.09 10.01
CA LEU A 935 21.13 4.69 9.76
C LEU A 935 20.24 4.18 10.86
N ILE A 936 19.00 3.81 10.52
CA ILE A 936 18.03 3.36 11.47
C ILE A 936 18.08 1.85 11.57
N ALA A 937 17.90 1.16 10.46
CA ALA A 937 17.93 -0.30 10.40
C ALA A 937 18.25 -0.73 9.00
N LYS A 938 18.27 -2.03 8.76
CA LYS A 938 18.41 -2.54 7.39
C LYS A 938 17.24 -2.01 6.57
N LYS A 939 17.59 -1.36 5.46
CA LYS A 939 16.66 -0.83 4.48
C LYS A 939 15.90 0.41 4.98
N LYS A 940 16.36 1.05 6.06
CA LYS A 940 15.71 2.25 6.60
C LYS A 940 16.75 3.28 7.01
N TYR A 941 16.82 4.41 6.31
CA TYR A 941 17.74 5.49 6.62
C TYR A 941 17.26 6.82 6.04
N ILE A 942 17.71 7.92 6.63
CA ILE A 942 17.39 9.27 6.22
C ILE A 942 18.69 10.07 6.18
N GLY A 943 18.86 10.88 5.16
CA GLY A 943 20.12 11.59 5.02
C GLY A 943 20.01 12.86 4.17
N VAL A 944 21.05 13.68 4.23
CA VAL A 944 21.11 14.87 3.41
C VAL A 944 22.33 14.78 2.50
N ILE A 945 22.09 14.93 1.19
CA ILE A 945 23.12 14.92 0.15
C ILE A 945 23.87 16.24 0.15
N TYR A 946 25.12 16.27 -0.32
CA TYR A 946 26.03 17.41 -0.19
C TYR A 946 25.45 18.71 -0.75
N GLY A 947 24.57 18.65 -1.76
CA GLY A 947 23.88 19.86 -2.21
C GLY A 947 22.95 20.52 -1.18
N GLY A 948 22.34 19.70 -0.32
CA GLY A 948 21.26 20.15 0.55
C GLY A 948 20.00 19.28 0.45
N LYS A 949 19.91 18.39 -0.55
CA LYS A 949 18.70 17.63 -0.80
C LYS A 949 18.52 16.51 0.21
N MET A 950 17.28 16.30 0.68
CA MET A 950 17.02 15.26 1.66
C MET A 950 16.58 13.97 0.97
N LEU A 951 17.16 12.84 1.39
CA LEU A 951 16.75 11.54 0.90
C LEU A 951 16.20 10.68 2.05
N ILE A 952 15.11 9.96 1.77
CA ILE A 952 14.42 9.17 2.77
C ILE A 952 14.14 7.78 2.19
N LYS A 953 14.57 6.73 2.89
CA LYS A 953 14.37 5.38 2.42
C LYS A 953 13.71 4.51 3.48
N GLY A 954 12.58 3.89 3.15
CA GLY A 954 12.07 2.80 3.94
C GLY A 954 11.20 3.17 5.15
N VAL A 955 11.44 4.31 5.78
CA VAL A 955 10.71 4.72 6.98
C VAL A 955 9.25 5.09 6.67
N ASP A 956 8.38 5.01 7.69
CA ASP A 956 6.95 5.24 7.54
C ASP A 956 6.61 6.61 6.94
N LEU A 957 7.51 7.56 7.08
CA LEU A 957 7.38 8.88 6.48
C LEU A 957 7.24 8.82 4.95
N VAL A 958 7.60 7.70 4.32
CA VAL A 958 7.46 7.54 2.88
C VAL A 958 6.79 6.22 2.51
N ARG A 959 5.99 5.65 3.42
CA ARG A 959 5.15 4.50 3.11
C ARG A 959 3.72 4.99 3.01
N LYS A 960 2.91 4.37 2.16
CA LYS A 960 1.66 4.99 1.74
C LYS A 960 0.53 4.69 2.72
N ASN A 961 0.79 3.87 3.72
CA ASN A 961 -0.25 3.38 4.61
C ASN A 961 -0.68 4.43 5.64
N ASN A 962 0.20 5.36 5.96
CA ASN A 962 0.05 6.16 7.16
C ASN A 962 -0.73 7.45 6.90
N CYS A 963 -1.29 8.06 7.96
CA CYS A 963 -2.12 9.24 7.80
C CYS A 963 -1.29 10.51 7.71
N ALA A 964 -1.93 11.55 7.14
CA ALA A 964 -1.28 12.81 6.83
C ALA A 964 -0.86 13.56 8.10
N PHE A 965 -1.64 13.49 9.18
CA PHE A 965 -1.29 14.11 10.43
C PHE A 965 0.04 13.58 10.98
N ILE A 966 0.20 12.25 11.00
CA ILE A 966 1.39 11.66 11.58
C ILE A 966 2.59 11.87 10.64
N ASN A 967 2.34 11.86 9.33
CA ASN A 967 3.40 12.08 8.37
C ASN A 967 3.97 13.50 8.46
N ARG A 968 3.10 14.49 8.53
CA ARG A 968 3.52 15.88 8.57
C ARG A 968 4.27 16.19 9.88
N THR A 969 3.83 15.63 10.98
CA THR A 969 4.53 15.77 12.25
C THR A 969 5.91 15.10 12.20
N SER A 970 5.98 13.90 11.63
CA SER A 970 7.24 13.17 11.55
C SER A 970 8.25 13.93 10.71
N ARG A 971 7.75 14.55 9.63
CA ARG A 971 8.61 15.34 8.76
C ARG A 971 9.17 16.55 9.50
N ALA A 972 8.41 17.12 10.41
CA ALA A 972 8.86 18.25 11.21
C ALA A 972 9.98 17.87 12.16
N LEU A 973 9.87 16.70 12.77
CA LEU A 973 10.92 16.18 13.66
C LEU A 973 12.19 15.90 12.85
N VAL A 974 12.03 15.40 11.64
CA VAL A 974 13.18 15.07 10.80
C VAL A 974 13.89 16.36 10.39
N ASP A 975 13.12 17.38 10.04
CA ASP A 975 13.67 18.66 9.63
C ASP A 975 14.49 19.32 10.76
N LEU A 976 14.06 19.17 12.00
CA LEU A 976 14.81 19.72 13.09
C LEU A 976 16.12 18.96 13.28
N LEU A 977 16.13 17.63 13.16
CA LEU A 977 17.36 16.87 13.35
C LEU A 977 18.38 17.26 12.30
N PHE A 978 17.94 17.56 11.08
CA PHE A 978 18.85 17.71 9.97
C PHE A 978 19.22 19.16 9.68
N TYR A 979 18.31 20.12 9.88
CA TYR A 979 18.56 21.48 9.41
C TYR A 979 18.59 22.53 10.54
N ASP A 980 18.32 22.16 11.80
CA ASP A 980 18.48 23.07 12.93
C ASP A 980 19.76 22.72 13.68
N ASP A 981 20.71 23.66 13.70
CA ASP A 981 22.06 23.44 14.20
C ASP A 981 22.06 23.12 15.69
N THR A 982 21.12 23.73 16.43
CA THR A 982 21.03 23.53 17.88
C THR A 982 20.57 22.11 18.16
N VAL A 983 19.64 21.61 17.34
CA VAL A 983 19.10 20.27 17.50
C VAL A 983 20.11 19.23 17.00
N SER A 984 20.70 19.43 15.81
CA SER A 984 21.68 18.49 15.28
C SER A 984 22.82 18.29 16.26
N GLY A 985 23.28 19.40 16.86
CA GLY A 985 24.38 19.36 17.80
C GLY A 985 24.03 18.56 19.04
N ALA A 986 22.82 18.81 19.54
CA ALA A 986 22.31 18.17 20.74
C ALA A 986 22.11 16.68 20.48
N ALA A 987 21.59 16.31 19.31
CA ALA A 987 21.46 14.92 18.89
C ALA A 987 22.82 14.20 18.83
N ALA A 988 23.84 14.86 18.32
CA ALA A 988 25.18 14.28 18.28
C ALA A 988 25.76 14.09 19.68
N ALA A 989 25.29 14.87 20.67
CA ALA A 989 25.79 14.80 22.03
C ALA A 989 25.24 13.57 22.76
N LEU A 990 24.04 13.11 22.40
CA LEU A 990 23.44 11.95 23.03
C LEU A 990 24.34 10.71 22.94
N ALA A 991 25.18 10.62 21.91
CA ALA A 991 25.99 9.45 21.69
C ALA A 991 27.15 9.34 22.68
N GLU A 992 27.39 10.36 23.52
CA GLU A 992 28.53 10.36 24.44
C GLU A 992 28.26 9.52 25.68
N ARG A 993 26.98 9.24 25.98
CA ARG A 993 26.65 8.42 27.13
C ARG A 993 25.95 7.15 26.69
N PRO A 994 26.05 6.02 27.45
CA PRO A 994 25.20 4.86 27.22
C PRO A 994 23.74 5.26 27.33
N ALA A 995 22.88 4.59 26.58
CA ALA A 995 21.53 5.08 26.35
C ALA A 995 20.77 5.20 27.67
N GLU A 996 20.91 4.22 28.56
CA GLU A 996 20.08 4.16 29.76
C GLU A 996 20.48 5.25 30.76
N GLU A 997 21.66 5.86 30.59
CA GLU A 997 22.06 6.97 31.44
C GLU A 997 21.13 8.16 31.28
N TRP A 998 20.51 8.32 30.11
CA TRP A 998 19.58 9.43 29.88
C TRP A 998 18.26 9.26 30.65
N LEU A 999 18.02 8.08 31.22
CA LEU A 999 16.85 7.88 32.05
C LEU A 999 16.97 8.64 33.36
N ALA A 1000 18.21 8.89 33.80
CA ALA A 1000 18.48 9.40 35.13
C ALA A 1000 19.08 10.81 35.10
N ARG A 1001 18.93 11.50 33.96
CA ARG A 1001 19.56 12.79 33.74
C ARG A 1001 18.68 13.59 32.78
N PRO A 1002 18.56 14.93 32.91
CA PRO A 1002 17.85 15.73 31.91
C PRO A 1002 18.63 15.76 30.58
N LEU A 1003 17.90 15.89 29.46
CA LEU A 1003 18.51 15.75 28.15
C LEU A 1003 19.27 17.02 27.79
N PRO A 1004 20.18 16.97 26.81
CA PRO A 1004 20.83 18.19 26.31
C PRO A 1004 19.79 19.22 25.89
N GLU A 1005 20.05 20.47 26.27
CA GLU A 1005 19.03 21.51 26.27
C GLU A 1005 18.58 21.83 24.85
N GLY A 1006 19.42 21.51 23.86
CA GLY A 1006 19.12 21.86 22.48
C GLY A 1006 17.96 21.08 21.88
N LEU A 1007 17.51 20.01 22.56
CA LEU A 1007 16.38 19.23 22.09
C LEU A 1007 15.04 19.87 22.43
N GLN A 1008 15.08 21.12 22.92
CA GLN A 1008 13.90 21.91 23.25
C GLN A 1008 12.91 21.91 22.09
N ALA A 1009 13.36 22.30 20.90
CA ALA A 1009 12.41 22.50 19.81
C ALA A 1009 11.80 21.17 19.39
N PHE A 1010 12.58 20.08 19.50
CA PHE A 1010 12.13 18.74 19.16
C PHE A 1010 10.93 18.34 20.03
N GLY A 1011 11.08 18.50 21.35
CA GLY A 1011 10.01 18.34 22.29
C GLY A 1011 8.82 19.25 22.02
N ALA A 1012 9.06 20.50 21.62
CA ALA A 1012 7.97 21.44 21.36
C ALA A 1012 7.07 21.00 20.19
N VAL A 1013 7.63 20.30 19.21
CA VAL A 1013 6.84 19.83 18.07
C VAL A 1013 5.86 18.74 18.50
N LEU A 1014 6.26 17.91 19.46
CA LEU A 1014 5.43 16.84 19.97
C LEU A 1014 4.31 17.41 20.83
N VAL A 1015 4.56 18.48 21.60
CA VAL A 1015 3.53 18.99 22.47
C VAL A 1015 2.48 19.69 21.62
N ASP A 1016 2.91 20.37 20.57
CA ASP A 1016 1.97 20.98 19.64
C ASP A 1016 1.11 19.90 18.97
N ALA A 1017 1.71 18.79 18.54
CA ALA A 1017 0.95 17.72 17.93
C ALA A 1017 -0.09 17.17 18.92
N HIS A 1018 0.28 16.97 20.17
CA HIS A 1018 -0.65 16.51 21.19
C HIS A 1018 -1.77 17.50 21.42
N ARG A 1019 -1.53 18.80 21.21
CA ARG A 1019 -2.58 19.79 21.31
C ARG A 1019 -3.53 19.66 20.13
N ARG A 1020 -2.99 19.77 18.91
CA ARG A 1020 -3.79 19.91 17.70
C ARG A 1020 -4.66 18.70 17.47
N ILE A 1021 -4.20 17.54 17.90
CA ILE A 1021 -4.93 16.31 17.67
C ILE A 1021 -6.29 16.29 18.41
N THR A 1022 -6.48 17.15 19.42
CA THR A 1022 -7.72 17.18 20.19
C THR A 1022 -8.73 18.23 19.71
N ASP A 1023 -8.28 19.23 18.95
CA ASP A 1023 -9.12 20.35 18.51
C ASP A 1023 -10.39 19.86 17.82
N PRO A 1024 -11.59 20.35 18.19
CA PRO A 1024 -12.82 19.95 17.51
C PRO A 1024 -12.87 20.28 16.02
N GLU A 1025 -12.11 21.31 15.58
CA GLU A 1025 -12.10 21.71 14.18
C GLU A 1025 -11.19 20.81 13.33
N ARG A 1026 -10.78 19.65 13.88
CA ARG A 1026 -9.91 18.70 13.21
C ARG A 1026 -10.53 18.27 11.87
N ASP A 1027 -9.70 18.24 10.83
CA ASP A 1027 -10.13 17.78 9.52
C ASP A 1027 -9.93 16.27 9.46
N ILE A 1028 -11.03 15.53 9.38
CA ILE A 1028 -10.99 14.07 9.40
C ILE A 1028 -10.08 13.51 8.29
N GLN A 1029 -9.95 14.22 7.17
CA GLN A 1029 -9.16 13.72 6.07
C GLN A 1029 -7.69 13.56 6.45
N ASP A 1030 -7.24 14.33 7.46
CA ASP A 1030 -5.88 14.25 7.95
C ASP A 1030 -5.62 12.97 8.74
N PHE A 1031 -6.70 12.24 9.09
CA PHE A 1031 -6.63 11.06 9.93
C PHE A 1031 -6.88 9.77 9.13
N VAL A 1032 -7.03 9.86 7.82
CA VAL A 1032 -7.35 8.69 7.00
C VAL A 1032 -6.12 7.81 6.81
N LEU A 1033 -6.26 6.54 7.18
CA LEU A 1033 -5.28 5.49 6.94
C LEU A 1033 -5.72 4.72 5.71
N THR A 1034 -4.79 3.97 5.09
CA THR A 1034 -5.14 3.17 3.93
C THR A 1034 -4.35 1.88 3.89
N ALA A 1035 -4.93 0.84 3.27
CA ALA A 1035 -4.17 -0.35 2.88
C ALA A 1035 -4.68 -0.92 1.59
N GLU A 1036 -3.83 -1.61 0.84
CA GLU A 1036 -4.28 -2.24 -0.39
C GLU A 1036 -5.08 -3.51 -0.06
N LEU A 1037 -6.20 -3.73 -0.77
CA LEU A 1037 -6.80 -5.05 -0.81
C LEU A 1037 -5.99 -5.94 -1.74
N SER A 1038 -5.01 -6.70 -1.21
CA SER A 1038 -4.01 -7.33 -2.04
C SER A 1038 -4.56 -8.50 -2.81
N ARG A 1039 -5.70 -9.03 -2.41
CA ARG A 1039 -6.21 -10.28 -2.95
C ARG A 1039 -7.69 -10.38 -2.66
N HIS A 1040 -8.32 -11.44 -3.17
CA HIS A 1040 -9.73 -11.64 -2.92
C HIS A 1040 -9.92 -11.80 -1.42
N PRO A 1041 -10.93 -11.15 -0.80
CA PRO A 1041 -11.07 -11.20 0.64
C PRO A 1041 -11.18 -12.60 1.26
N ARG A 1042 -11.56 -13.59 0.47
CA ARG A 1042 -11.71 -14.96 0.97
C ARG A 1042 -10.35 -15.65 1.14
N ALA A 1043 -9.32 -15.18 0.44
CA ALA A 1043 -8.03 -15.84 0.40
C ALA A 1043 -7.16 -15.49 1.61
N TYR A 1044 -7.61 -14.57 2.46
CA TYR A 1044 -6.92 -14.19 3.67
C TYR A 1044 -7.10 -15.24 4.77
N THR A 1045 -6.02 -15.55 5.49
CA THR A 1045 -6.02 -16.46 6.63
C THR A 1045 -6.36 -15.70 7.90
N ASN A 1046 -5.59 -14.65 8.19
CA ASN A 1046 -5.94 -13.71 9.24
C ASN A 1046 -7.02 -12.80 8.70
N LYS A 1047 -8.18 -12.77 9.37
CA LYS A 1047 -9.34 -12.05 8.85
C LYS A 1047 -9.63 -10.81 9.67
N ARG A 1048 -8.97 -10.68 10.85
CA ARG A 1048 -9.08 -9.50 11.68
C ARG A 1048 -8.11 -8.46 11.18
N LEU A 1049 -8.50 -7.76 10.10
CA LEU A 1049 -7.74 -6.66 9.52
C LEU A 1049 -8.64 -5.46 9.37
N ALA A 1050 -8.10 -4.27 9.59
CA ALA A 1050 -8.84 -3.02 9.50
C ALA A 1050 -9.45 -2.85 8.12
N HIS A 1051 -8.67 -3.09 7.05
CA HIS A 1051 -9.20 -2.88 5.71
C HIS A 1051 -10.27 -3.91 5.35
N LEU A 1052 -10.18 -5.13 5.87
CA LEU A 1052 -11.19 -6.14 5.68
C LEU A 1052 -12.45 -5.79 6.48
N THR A 1053 -12.29 -5.20 7.65
CA THR A 1053 -13.45 -4.76 8.42
C THR A 1053 -14.24 -3.74 7.61
N VAL A 1054 -13.52 -2.76 7.06
CA VAL A 1054 -14.16 -1.71 6.27
C VAL A 1054 -14.74 -2.28 4.96
N TYR A 1055 -14.07 -3.27 4.36
CA TYR A 1055 -14.56 -3.93 3.18
C TYR A 1055 -15.98 -4.49 3.39
N TYR A 1056 -16.18 -5.27 4.44
CA TYR A 1056 -17.46 -5.92 4.68
C TYR A 1056 -18.50 -4.89 5.11
N LYS A 1057 -18.12 -3.83 5.80
CA LYS A 1057 -19.10 -2.83 6.18
C LYS A 1057 -19.68 -2.24 4.91
N LEU A 1058 -18.81 -1.89 3.97
CA LEU A 1058 -19.21 -1.26 2.73
C LEU A 1058 -20.18 -2.17 1.97
N MET A 1059 -19.85 -3.46 1.90
CA MET A 1059 -20.69 -4.45 1.24
C MET A 1059 -22.09 -4.51 1.85
N ALA A 1060 -22.20 -4.52 3.16
CA ALA A 1060 -23.47 -4.62 3.84
C ALA A 1060 -24.29 -3.33 3.75
N ARG A 1061 -23.66 -2.18 3.62
CA ARG A 1061 -24.35 -0.91 3.44
C ARG A 1061 -24.67 -0.61 1.96
N ARG A 1062 -24.29 -1.53 1.06
CA ARG A 1062 -24.46 -1.41 -0.38
C ARG A 1062 -23.80 -0.15 -0.95
N ALA A 1063 -22.65 0.19 -0.41
CA ALA A 1063 -21.84 1.29 -0.89
C ALA A 1063 -21.02 0.77 -2.07
N GLN A 1064 -20.21 1.63 -2.70
CA GLN A 1064 -19.26 1.12 -3.68
C GLN A 1064 -18.26 0.17 -3.03
N VAL A 1065 -18.23 -1.10 -3.47
CA VAL A 1065 -17.29 -2.09 -2.95
C VAL A 1065 -15.94 -1.92 -3.65
N PRO A 1066 -14.80 -1.96 -2.92
CA PRO A 1066 -13.48 -1.86 -3.55
C PRO A 1066 -13.15 -3.07 -4.43
N SER A 1067 -12.37 -2.82 -5.47
CA SER A 1067 -11.86 -3.88 -6.31
C SER A 1067 -10.62 -4.46 -5.68
N ILE A 1068 -10.25 -5.66 -6.10
CA ILE A 1068 -8.98 -6.21 -5.69
C ILE A 1068 -7.91 -5.32 -6.25
N LYS A 1069 -6.88 -5.06 -5.45
CA LYS A 1069 -5.73 -4.20 -5.73
C LYS A 1069 -6.06 -2.72 -5.58
N ASP A 1070 -7.28 -2.36 -5.16
CA ASP A 1070 -7.55 -1.00 -4.74
C ASP A 1070 -7.02 -0.74 -3.33
N ARG A 1071 -6.61 0.47 -3.04
CA ARG A 1071 -6.37 0.91 -1.68
C ARG A 1071 -7.70 1.24 -0.99
N ILE A 1072 -7.87 0.82 0.25
CA ILE A 1072 -9.09 1.08 0.99
C ILE A 1072 -8.79 2.10 2.08
N PRO A 1073 -9.42 3.29 2.08
CA PRO A 1073 -9.29 4.22 3.20
C PRO A 1073 -10.17 3.88 4.39
N TYR A 1074 -9.64 4.09 5.60
CA TYR A 1074 -10.37 3.94 6.84
C TYR A 1074 -9.87 4.90 7.89
N VAL A 1075 -10.72 5.18 8.88
CA VAL A 1075 -10.34 5.86 10.10
C VAL A 1075 -10.57 4.95 11.30
N ILE A 1076 -9.87 5.20 12.42
CA ILE A 1076 -10.09 4.48 13.66
C ILE A 1076 -10.99 5.34 14.57
N VAL A 1077 -12.16 4.82 14.93
CA VAL A 1077 -13.14 5.56 15.71
C VAL A 1077 -12.98 5.28 17.20
N ALA A 1078 -13.44 6.20 18.02
CA ALA A 1078 -13.56 5.98 19.46
C ALA A 1078 -14.66 4.98 19.74
N GLN A 1079 -14.36 4.06 20.65
CA GLN A 1079 -15.33 3.07 21.12
C GLN A 1079 -16.29 3.69 22.12
N THR A 1080 -17.33 4.34 21.60
CA THR A 1080 -18.56 4.59 22.34
C THR A 1080 -19.34 3.27 22.42
N ARG A 1081 -20.21 3.14 23.42
CA ARG A 1081 -20.86 1.88 23.79
C ARG A 1081 -21.67 1.29 22.63
N GLU A 1082 -22.15 2.16 21.72
CA GLU A 1082 -22.88 1.72 20.53
C GLU A 1082 -22.03 0.79 19.67
N VAL A 1083 -20.70 0.95 19.72
CA VAL A 1083 -19.77 0.08 19.01
C VAL A 1083 -19.80 -1.32 19.64
N GLU A 1084 -19.59 -1.41 20.98
CA GLU A 1084 -19.63 -2.69 21.68
C GLU A 1084 -20.94 -3.42 21.37
N GLU A 1085 -22.05 -2.69 21.44
CA GLU A 1085 -23.36 -3.23 21.16
C GLU A 1085 -23.39 -3.79 19.74
N THR A 1086 -22.93 -3.00 18.76
CA THR A 1086 -22.97 -3.37 17.35
C THR A 1086 -22.11 -4.62 17.09
N VAL A 1087 -20.85 -4.61 17.55
CA VAL A 1087 -19.91 -5.67 17.17
C VAL A 1087 -20.30 -6.98 17.87
N ALA A 1088 -20.74 -6.90 19.14
CA ALA A 1088 -21.18 -8.07 19.88
C ALA A 1088 -22.41 -8.69 19.23
N ARG A 1089 -23.38 -7.84 18.82
CA ARG A 1089 -24.61 -8.25 18.17
C ARG A 1089 -24.31 -9.06 16.90
N LEU A 1090 -23.39 -8.57 16.08
CA LEU A 1090 -23.09 -9.16 14.78
C LEU A 1090 -22.21 -10.40 14.92
N ALA A 1091 -21.31 -10.42 15.92
CA ALA A 1091 -20.37 -11.53 16.11
C ALA A 1091 -21.05 -12.72 16.79
N ALA A 1092 -21.62 -12.48 17.99
CA ALA A 1092 -22.26 -13.54 18.76
C ALA A 1092 -23.24 -12.93 19.77
N PRO A 1134 -16.50 -5.67 30.12
CA PRO A 1134 -15.33 -4.83 29.79
C PRO A 1134 -14.35 -5.44 28.78
N ARG A 1135 -14.81 -5.64 27.55
CA ARG A 1135 -13.97 -6.14 26.47
C ARG A 1135 -13.36 -4.95 25.73
N LYS A 1136 -12.04 -4.84 25.75
CA LYS A 1136 -11.37 -3.82 24.97
C LYS A 1136 -11.26 -4.32 23.53
N LEU A 1137 -11.93 -3.60 22.61
CA LEU A 1137 -11.94 -3.99 21.21
C LEU A 1137 -10.55 -3.81 20.61
N LEU A 1138 -10.28 -4.60 19.58
CA LEU A 1138 -9.07 -4.53 18.79
C LEU A 1138 -9.16 -3.39 17.79
N VAL A 1139 -8.02 -3.02 17.22
CA VAL A 1139 -7.89 -1.95 16.24
C VAL A 1139 -8.75 -2.24 15.03
N SER A 1140 -8.68 -3.47 14.53
CA SER A 1140 -9.44 -3.90 13.37
C SER A 1140 -10.95 -3.84 13.57
N GLU A 1141 -11.44 -3.77 14.81
CA GLU A 1141 -12.87 -3.69 15.07
C GLU A 1141 -13.33 -2.24 15.22
N LEU A 1142 -12.40 -1.29 15.24
CA LEU A 1142 -12.74 0.12 15.30
C LEU A 1142 -12.57 0.82 13.95
N ALA A 1143 -12.10 0.12 12.91
CA ALA A 1143 -11.97 0.73 11.59
C ALA A 1143 -13.32 1.11 11.01
N GLU A 1144 -13.35 2.20 10.22
CA GLU A 1144 -14.59 2.72 9.66
C GLU A 1144 -14.29 3.49 8.39
N ASP A 1145 -15.26 3.52 7.47
CA ASP A 1145 -15.25 4.33 6.26
C ASP A 1145 -15.22 5.82 6.58
N PRO A 1146 -14.31 6.64 6.01
CA PRO A 1146 -14.29 8.06 6.28
C PRO A 1146 -15.59 8.79 5.92
N ALA A 1147 -16.25 8.43 4.83
CA ALA A 1147 -17.48 9.11 4.42
C ALA A 1147 -18.59 8.86 5.43
N TYR A 1148 -18.70 7.63 5.91
CA TYR A 1148 -19.68 7.31 6.91
C TYR A 1148 -19.38 8.06 8.21
N ALA A 1149 -18.12 8.15 8.57
CA ALA A 1149 -17.74 8.76 9.83
C ALA A 1149 -18.06 10.25 9.83
N ILE A 1150 -17.82 10.93 8.69
CA ILE A 1150 -18.24 12.31 8.48
C ILE A 1150 -19.75 12.44 8.63
N ALA A 1151 -20.50 11.71 7.80
CA ALA A 1151 -21.94 11.83 7.72
C ALA A 1151 -22.64 11.62 9.05
N HIS A 1152 -22.19 10.65 9.86
CA HIS A 1152 -22.84 10.31 11.13
C HIS A 1152 -22.12 10.93 12.33
N GLY A 1153 -21.20 11.87 12.09
CA GLY A 1153 -20.55 12.61 13.16
C GLY A 1153 -19.78 11.73 14.14
N VAL A 1154 -19.18 10.65 13.65
CA VAL A 1154 -18.51 9.69 14.53
C VAL A 1154 -17.15 10.24 14.95
N ALA A 1155 -16.78 10.02 16.22
CA ALA A 1155 -15.59 10.60 16.80
C ALA A 1155 -14.36 9.71 16.59
N LEU A 1156 -13.20 10.34 16.31
CA LEU A 1156 -11.93 9.67 16.08
C LEU A 1156 -11.34 9.21 17.40
N ASN A 1157 -10.53 8.15 17.34
CA ASN A 1157 -9.89 7.56 18.50
C ASN A 1157 -8.56 8.27 18.74
N THR A 1158 -8.61 9.33 19.54
CA THR A 1158 -7.46 10.16 19.85
C THR A 1158 -6.33 9.34 20.47
N ASP A 1159 -6.65 8.35 21.30
CA ASP A 1159 -5.63 7.53 21.93
C ASP A 1159 -4.86 6.71 20.89
N TYR A 1160 -5.56 6.12 19.94
CA TYR A 1160 -4.90 5.37 18.88
C TYR A 1160 -3.95 6.29 18.13
N TYR A 1161 -4.45 7.45 17.71
CA TYR A 1161 -3.70 8.29 16.82
C TYR A 1161 -2.47 8.86 17.53
N PHE A 1162 -2.58 9.21 18.80
CA PHE A 1162 -1.45 9.83 19.47
C PHE A 1162 -0.41 8.77 19.84
N SER A 1163 -0.85 7.58 20.22
CA SER A 1163 0.09 6.50 20.49
C SER A 1163 0.82 6.06 19.22
N HIS A 1164 0.13 6.13 18.07
CA HIS A 1164 0.66 5.74 16.78
C HIS A 1164 1.66 6.79 16.31
N LEU A 1165 1.41 8.05 16.67
CA LEU A 1165 2.32 9.15 16.39
C LEU A 1165 3.61 9.00 17.19
N LEU A 1166 3.51 8.76 18.50
CA LEU A 1166 4.68 8.47 19.31
C LEU A 1166 5.40 7.22 18.83
N GLY A 1167 4.65 6.20 18.43
CA GLY A 1167 5.22 4.99 17.82
C GLY A 1167 6.14 5.31 16.65
N ALA A 1168 5.65 6.14 15.72
CA ALA A 1168 6.38 6.54 14.52
C ALA A 1168 7.66 7.27 14.89
N ALA A 1169 7.57 8.22 15.83
CA ALA A 1169 8.73 8.95 16.30
C ALA A 1169 9.73 7.97 16.93
N CYS A 1170 9.22 7.08 17.76
CA CYS A 1170 10.06 6.12 18.45
C CYS A 1170 10.88 5.26 17.48
N VAL A 1171 10.24 4.62 16.50
CA VAL A 1171 10.96 3.76 15.56
C VAL A 1171 11.97 4.57 14.74
N THR A 1172 11.76 5.89 14.57
CA THR A 1172 12.67 6.68 13.73
C THR A 1172 13.84 7.27 14.52
N PHE A 1173 13.72 7.43 15.85
CA PHE A 1173 14.75 8.10 16.63
C PHE A 1173 15.40 7.17 17.68
N LYS A 1174 15.06 5.89 17.69
CA LYS A 1174 15.77 4.89 18.48
C LYS A 1174 17.27 4.92 18.17
N ALA A 1175 17.64 5.34 16.95
CA ALA A 1175 19.03 5.32 16.51
C ALA A 1175 19.88 6.36 17.26
N LEU A 1176 19.25 7.36 17.88
CA LEU A 1176 19.96 8.35 18.70
C LEU A 1176 20.14 7.85 20.12
N PHE A 1177 19.49 6.74 20.49
CA PHE A 1177 19.58 6.16 21.82
C PHE A 1177 19.94 4.68 21.79
N GLY A 1178 20.91 4.30 20.95
CA GLY A 1178 21.45 2.96 20.98
C GLY A 1178 20.50 1.88 20.46
N ASN A 1179 19.52 2.26 19.62
CA ASN A 1179 18.52 1.39 19.05
C ASN A 1179 17.58 0.81 20.10
N ASN A 1180 17.61 1.34 21.31
CA ASN A 1180 16.77 0.81 22.36
C ASN A 1180 15.40 1.45 22.28
N ALA A 1181 14.39 0.66 21.87
CA ALA A 1181 13.05 1.21 21.66
C ALA A 1181 12.38 1.59 22.98
N LYS A 1182 12.58 0.79 24.04
CA LYS A 1182 11.96 1.08 25.33
C LYS A 1182 12.49 2.39 25.93
N ILE A 1183 13.80 2.62 25.83
CA ILE A 1183 14.34 3.85 26.34
C ILE A 1183 13.84 5.03 25.50
N THR A 1184 13.84 4.85 24.17
CA THR A 1184 13.38 5.91 23.28
C THR A 1184 11.95 6.30 23.62
N GLU A 1185 11.05 5.31 23.77
CA GLU A 1185 9.67 5.54 24.17
C GLU A 1185 9.59 6.36 25.46
N SER A 1186 10.37 5.98 26.46
CA SER A 1186 10.32 6.61 27.78
C SER A 1186 10.76 8.07 27.70
N LEU A 1187 11.88 8.33 27.03
CA LEU A 1187 12.40 9.68 26.92
C LEU A 1187 11.45 10.57 26.12
N LEU A 1188 10.81 10.03 25.09
CA LEU A 1188 9.86 10.79 24.29
C LEU A 1188 8.62 11.13 25.11
N LYS A 1189 8.21 10.25 26.03
CA LYS A 1189 7.05 10.55 26.85
C LYS A 1189 7.34 11.71 27.82
N ARG A 1190 8.60 11.91 28.22
CA ARG A 1190 8.93 12.97 29.16
C ARG A 1190 8.71 14.36 28.56
N PHE A 1191 8.42 14.47 27.26
CA PHE A 1191 8.14 15.77 26.67
C PHE A 1191 6.68 16.16 26.89
N ILE A 1192 5.81 15.18 27.11
CA ILE A 1192 4.39 15.43 27.01
C ILE A 1192 3.84 15.95 28.34
N PRO A 1193 2.95 16.98 28.32
CA PRO A 1193 2.19 17.38 29.50
C PRO A 1193 1.25 16.31 30.07
N GLU A 1194 1.62 15.72 31.22
CA GLU A 1194 0.76 14.81 31.95
C GLU A 1194 -0.30 15.58 32.73
N VAL A 1195 -1.52 15.01 32.84
CA VAL A 1195 -2.59 15.58 33.65
C VAL A 1195 -3.39 14.45 34.34
N TRP A 1196 -3.92 14.75 35.54
CA TRP A 1196 -4.68 13.80 36.35
C TRP A 1196 -5.91 14.46 36.96
N HIS A 1197 -7.07 13.79 36.87
CA HIS A 1197 -8.27 14.25 37.56
C HIS A 1197 -9.09 13.05 38.06
N PRO A 1198 -9.95 13.22 39.10
CA PRO A 1198 -10.99 12.24 39.38
C PRO A 1198 -12.03 12.23 38.27
N PRO A 1199 -12.69 11.08 37.97
CA PRO A 1199 -13.84 11.05 37.07
C PRO A 1199 -15.01 11.91 37.53
N ASP A 1200 -15.92 12.21 36.60
CA ASP A 1200 -16.93 13.27 36.79
C ASP A 1200 -17.94 12.87 37.88
N ASP A 1201 -18.43 11.63 37.85
CA ASP A 1201 -19.43 11.20 38.83
C ASP A 1201 -18.76 10.96 40.19
N VAL A 1202 -17.46 10.63 40.17
CA VAL A 1202 -16.67 10.47 41.38
C VAL A 1202 -16.59 11.83 42.08
N ALA A 1203 -16.34 12.90 41.32
CA ALA A 1203 -16.38 14.25 41.85
C ALA A 1203 -17.78 14.62 42.33
N ALA A 1204 -18.82 14.25 41.55
CA ALA A 1204 -20.20 14.60 41.90
C ALA A 1204 -20.58 14.03 43.27
N ARG A 1205 -19.98 12.89 43.64
CA ARG A 1205 -20.10 12.33 44.98
C ARG A 1205 -19.19 13.07 45.96
N LEU A 1206 -17.86 13.06 45.75
CA LEU A 1206 -16.89 13.55 46.74
C LEU A 1206 -17.17 14.99 47.15
N ARG A 1207 -17.68 15.83 46.25
CA ARG A 1207 -17.93 17.23 46.58
C ARG A 1207 -18.88 17.34 47.76
N THR A 1208 -19.81 16.38 47.89
CA THR A 1208 -20.78 16.37 48.97
C THR A 1208 -20.07 16.44 50.32
N ALA A 1209 -18.96 15.67 50.47
CA ALA A 1209 -18.15 15.70 51.67
C ALA A 1209 -16.67 15.65 51.29
N GLY A 1210 -15.94 16.74 51.57
CA GLY A 1210 -14.52 16.84 51.25
C GLY A 1210 -14.27 17.70 50.02
N PHE A 1211 -13.78 18.92 50.23
CA PHE A 1211 -13.60 19.90 49.17
C PHE A 1211 -12.19 19.78 48.58
N GLY A 1212 -12.08 19.08 47.45
CA GLY A 1212 -10.78 18.91 46.81
C GLY A 1212 -10.34 20.14 46.04
N ALA A 1213 -9.79 21.12 46.77
CA ALA A 1213 -9.26 22.33 46.16
C ALA A 1213 -7.78 22.15 45.82
N VAL A 1214 -7.29 20.91 45.84
CA VAL A 1214 -5.86 20.66 45.63
C VAL A 1214 -5.52 20.98 44.17
N GLY A 1215 -4.68 22.01 43.96
CA GLY A 1215 -4.23 22.39 42.64
C GLY A 1215 -5.31 23.08 41.82
N ALA A 1216 -5.28 22.90 40.49
CA ALA A 1216 -6.25 23.51 39.60
C ALA A 1216 -7.65 23.46 40.21
N GLY A 1217 -8.39 24.57 40.11
CA GLY A 1217 -9.73 24.69 40.68
C GLY A 1217 -9.76 25.61 41.90
N ALA A 1218 -8.59 26.14 42.31
CA ALA A 1218 -8.48 27.05 43.43
C ALA A 1218 -7.17 27.81 43.35
N THR A 1219 -7.07 28.94 44.08
CA THR A 1219 -5.86 29.76 44.10
C THR A 1219 -4.79 29.06 44.94
N ALA A 1220 -3.51 29.38 44.68
CA ALA A 1220 -2.40 28.81 45.42
C ALA A 1220 -2.60 29.02 46.93
N GLU A 1221 -3.21 30.16 47.31
CA GLU A 1221 -3.51 30.38 48.72
C GLU A 1221 -4.54 29.35 49.21
N GLU A 1222 -5.64 29.19 48.46
CA GLU A 1222 -6.65 28.19 48.78
C GLU A 1222 -6.09 26.78 48.67
N THR A 1223 -5.07 26.57 47.81
CA THR A 1223 -4.40 25.28 47.70
C THR A 1223 -3.66 24.96 48.99
N ARG A 1224 -2.77 25.85 49.45
CA ARG A 1224 -2.02 25.57 50.67
C ARG A 1224 -2.96 25.48 51.87
N ARG A 1225 -4.02 26.30 51.86
CA ARG A 1225 -5.00 26.31 52.93
C ARG A 1225 -5.67 24.93 53.02
N MET A 1226 -6.13 24.39 51.88
CA MET A 1226 -6.89 23.15 51.89
C MET A 1226 -5.98 21.96 52.22
N LEU A 1227 -4.71 21.99 51.78
CA LEU A 1227 -3.77 20.93 52.15
C LEU A 1227 -3.51 20.93 53.66
N HIS A 1228 -3.32 22.12 54.28
CA HIS A 1228 -3.24 22.23 55.73
C HIS A 1228 -4.51 21.70 56.42
N ARG A 1229 -5.66 22.08 55.85
CA ARG A 1229 -6.99 21.74 56.37
C ARG A 1229 -7.11 20.22 56.43
N ALA A 1230 -6.50 19.53 55.45
CA ALA A 1230 -6.71 18.10 55.21
C ALA A 1230 -5.78 17.21 56.02
N PHE A 1231 -4.45 17.39 55.90
CA PHE A 1231 -3.45 16.64 56.68
C PHE A 1231 -3.86 16.53 58.15
N ASP A 1232 -4.25 17.65 58.77
CA ASP A 1232 -4.48 17.73 60.20
C ASP A 1232 -5.75 17.01 60.66
N THR A 1233 -6.59 16.50 59.74
CA THR A 1233 -7.80 15.75 60.09
C THR A 1233 -7.70 14.32 59.55
N LEU A 1234 -6.97 14.14 58.45
CA LEU A 1234 -6.77 12.84 57.83
C LEU A 1234 -5.75 12.03 58.62
N ALA A 1235 -4.84 12.72 59.32
CA ALA A 1235 -3.92 12.08 60.25
C ALA A 1235 -4.50 12.13 61.68
N GLY B 28 20.94 26.19 45.20
CA GLY B 28 20.72 24.87 44.57
C GLY B 28 19.71 24.03 45.33
N ALA B 29 18.82 23.35 44.58
CA ALA B 29 17.71 22.59 45.12
C ALA B 29 16.88 23.42 46.09
N PRO B 30 16.07 24.39 45.59
CA PRO B 30 15.25 25.24 46.47
C PRO B 30 14.30 24.47 47.40
N CYS B 31 13.75 23.34 46.91
CA CYS B 31 13.09 22.38 47.79
C CYS B 31 13.99 21.16 48.00
N GLN B 32 14.15 20.78 49.28
CA GLN B 32 14.83 19.56 49.67
C GLN B 32 14.02 18.86 50.76
N VAL B 33 13.90 17.53 50.65
CA VAL B 33 13.31 16.71 51.71
C VAL B 33 14.24 15.52 51.95
N VAL B 34 14.54 15.23 53.22
CA VAL B 34 15.55 14.24 53.57
C VAL B 34 15.04 13.30 54.65
N LEU B 35 15.40 12.01 54.51
CA LEU B 35 15.15 10.99 55.50
C LEU B 35 16.48 10.30 55.86
N GLN B 36 17.16 10.87 56.87
CA GLN B 36 18.31 10.23 57.48
C GLN B 36 17.81 9.05 58.30
N GLY B 37 18.72 8.11 58.62
CA GLY B 37 18.37 6.89 59.33
C GLY B 37 17.58 7.10 60.63
N ALA B 38 17.85 8.21 61.33
CA ALA B 38 17.17 8.52 62.58
C ALA B 38 15.66 8.67 62.36
N GLU B 39 15.28 9.15 61.17
CA GLU B 39 13.89 9.43 60.84
C GLU B 39 13.32 8.38 59.88
N LEU B 40 14.20 7.73 59.11
CA LEU B 40 13.79 6.81 58.05
C LEU B 40 12.87 5.73 58.62
N ASN B 41 13.25 5.15 59.76
CA ASN B 41 12.48 4.06 60.34
C ASN B 41 11.11 4.54 60.79
N GLY B 42 10.97 5.86 61.05
CA GLY B 42 9.67 6.45 61.35
C GLY B 42 8.68 6.31 60.19
N ILE B 43 9.21 6.38 58.95
CA ILE B 43 8.43 6.18 57.74
C ILE B 43 8.22 4.67 57.55
N LEU B 44 9.31 3.89 57.56
CA LEU B 44 9.26 2.47 57.25
C LEU B 44 8.32 1.69 58.19
N GLN B 45 8.26 2.10 59.47
CA GLN B 45 7.37 1.47 60.44
C GLN B 45 5.90 1.63 60.03
N ALA B 46 5.58 2.74 59.34
CA ALA B 46 4.22 2.97 58.84
C ALA B 46 4.03 2.29 57.49
N PHE B 47 5.13 2.12 56.72
CA PHE B 47 5.08 1.70 55.33
C PHE B 47 5.18 0.18 55.19
N ALA B 48 5.80 -0.52 56.15
CA ALA B 48 5.97 -1.97 56.08
C ALA B 48 4.63 -2.71 55.93
N PRO B 49 3.58 -2.41 56.73
CA PRO B 49 2.26 -3.01 56.52
C PRO B 49 1.80 -2.89 55.08
N LEU B 50 2.21 -1.81 54.40
CA LEU B 50 1.89 -1.64 52.98
C LEU B 50 2.76 -2.61 52.18
N ARG B 51 2.13 -3.43 51.32
CA ARG B 51 2.85 -4.46 50.59
C ARG B 51 2.57 -4.31 49.09
N THR B 52 3.35 -3.45 48.41
CA THR B 52 3.14 -3.16 47.00
C THR B 52 1.66 -2.79 46.77
N SER B 53 1.05 -2.15 47.77
CA SER B 53 -0.35 -1.76 47.72
C SER B 53 -0.47 -0.27 47.39
N LEU B 54 0.52 0.51 47.84
CA LEU B 54 0.51 1.95 47.65
C LEU B 54 1.46 2.37 46.54
N LEU B 55 2.11 1.39 45.87
CA LEU B 55 3.24 1.66 45.01
C LEU B 55 2.87 2.60 43.86
N ASP B 56 1.64 2.48 43.35
CA ASP B 56 1.11 3.39 42.35
C ASP B 56 0.19 4.39 43.04
N SER B 57 0.63 5.66 43.10
CA SER B 57 -0.03 6.71 43.86
C SER B 57 0.30 8.08 43.29
N LEU B 58 -0.52 9.07 43.61
CA LEU B 58 -0.17 10.47 43.42
C LEU B 58 0.53 10.98 44.68
N LEU B 59 1.56 11.82 44.51
CA LEU B 59 2.17 12.60 45.58
C LEU B 59 1.68 14.05 45.49
N VAL B 60 1.51 14.70 46.64
CA VAL B 60 1.26 16.14 46.69
C VAL B 60 2.11 16.73 47.79
N MET B 61 2.71 17.90 47.52
CA MET B 61 3.73 18.48 48.39
C MET B 61 3.44 19.95 48.63
N GLY B 62 3.61 20.35 49.90
CA GLY B 62 3.71 21.74 50.29
C GLY B 62 4.64 21.88 51.49
N ASP B 63 4.44 22.94 52.29
CA ASP B 63 5.25 23.21 53.46
C ASP B 63 5.10 22.10 54.51
N ARG B 64 3.92 21.47 54.56
CA ARG B 64 3.50 20.64 55.69
C ARG B 64 3.99 19.19 55.57
N GLY B 65 4.59 18.80 54.43
CA GLY B 65 5.02 17.43 54.19
C GLY B 65 4.42 16.85 52.90
N ILE B 66 4.42 15.51 52.79
CA ILE B 66 3.95 14.79 51.61
C ILE B 66 2.60 14.18 51.91
N LEU B 67 1.69 14.23 50.94
CA LEU B 67 0.49 13.42 50.98
C LEU B 67 0.56 12.43 49.83
N ILE B 68 0.37 11.16 50.15
CA ILE B 68 0.27 10.11 49.14
C ILE B 68 -1.20 9.76 48.99
N HIS B 69 -1.64 9.50 47.77
CA HIS B 69 -3.05 9.19 47.56
C HIS B 69 -3.20 8.16 46.45
N ASN B 70 -4.16 7.23 46.65
CA ASN B 70 -4.52 6.19 45.70
C ASN B 70 -5.96 5.72 45.93
N THR B 71 -6.55 5.12 44.90
CA THR B 71 -7.83 4.44 45.00
C THR B 71 -7.59 2.93 45.05
N ILE B 72 -8.21 2.23 46.02
CA ILE B 72 -8.11 0.78 46.13
C ILE B 72 -9.53 0.21 46.12
N PHE B 73 -9.78 -0.74 45.20
CA PHE B 73 -11.08 -1.37 44.98
C PHE B 73 -12.20 -0.32 44.91
N GLY B 74 -11.89 0.85 44.33
CA GLY B 74 -12.88 1.87 44.08
C GLY B 74 -13.20 2.73 45.30
N GLU B 75 -12.30 2.75 46.30
CA GLU B 75 -12.47 3.63 47.45
C GLU B 75 -11.14 4.28 47.84
N GLN B 76 -11.22 5.48 48.44
CA GLN B 76 -10.10 6.40 48.54
C GLN B 76 -9.20 6.08 49.72
N VAL B 77 -7.88 6.13 49.48
CA VAL B 77 -6.87 5.86 50.50
C VAL B 77 -5.87 7.01 50.51
N PHE B 78 -5.41 7.41 51.71
CA PHE B 78 -4.49 8.52 51.87
C PHE B 78 -3.45 8.22 52.95
N LEU B 79 -2.22 8.69 52.72
CA LEU B 79 -1.15 8.58 53.68
C LEU B 79 -0.49 9.95 53.85
N PRO B 80 -0.80 10.68 54.94
CA PRO B 80 -0.15 11.96 55.22
C PRO B 80 1.18 11.83 55.96
N LEU B 81 2.27 12.14 55.25
CA LEU B 81 3.62 12.11 55.79
C LEU B 81 4.06 13.52 56.12
N GLU B 82 3.79 13.93 57.36
CA GLU B 82 4.04 15.29 57.85
C GLU B 82 5.54 15.61 57.86
N HIS B 83 5.88 16.88 57.59
CA HIS B 83 7.26 17.35 57.52
C HIS B 83 8.03 17.16 58.84
N SER B 84 7.30 16.89 59.94
CA SER B 84 7.89 16.49 61.21
C SER B 84 8.72 15.21 61.10
N GLN B 85 8.27 14.30 60.22
CA GLN B 85 8.81 12.95 60.15
C GLN B 85 10.12 12.92 59.37
N PHE B 86 10.71 14.08 59.10
CA PHE B 86 11.84 14.20 58.17
C PHE B 86 13.00 14.95 58.83
N SER B 87 14.23 14.57 58.45
CA SER B 87 15.43 15.08 59.13
C SER B 87 15.81 16.47 58.61
N ARG B 88 15.60 16.73 57.30
CA ARG B 88 15.65 18.08 56.76
C ARG B 88 14.48 18.26 55.79
N TYR B 89 13.94 19.48 55.75
CA TYR B 89 12.76 19.79 54.95
C TYR B 89 12.79 21.27 54.55
N ARG B 90 12.48 21.56 53.28
CA ARG B 90 12.17 22.92 52.88
C ARG B 90 11.23 22.90 51.68
N TRP B 91 10.22 23.77 51.73
CA TRP B 91 9.33 23.98 50.60
C TRP B 91 9.32 25.45 50.19
N ARG B 92 9.08 25.66 48.89
CA ARG B 92 9.12 26.96 48.24
C ARG B 92 8.11 26.97 47.10
N GLY B 93 7.60 28.17 46.79
CA GLY B 93 6.69 28.33 45.66
C GLY B 93 5.37 27.61 45.90
N PRO B 94 4.59 27.33 44.85
CA PRO B 94 3.28 26.71 45.02
C PRO B 94 3.44 25.23 45.32
N THR B 95 2.33 24.57 45.67
CA THR B 95 2.35 23.12 45.87
C THR B 95 2.74 22.43 44.57
N ALA B 96 3.30 21.21 44.70
CA ALA B 96 3.68 20.39 43.56
C ALA B 96 2.99 19.04 43.66
N ALA B 97 2.75 18.41 42.50
CA ALA B 97 2.15 17.09 42.47
C ALA B 97 2.84 16.22 41.43
N PHE B 98 3.04 14.94 41.76
CA PHE B 98 3.73 13.98 40.90
C PHE B 98 3.08 12.59 41.01
N LEU B 99 2.98 11.84 39.90
CA LEU B 99 2.60 10.43 40.00
C LEU B 99 3.82 9.60 40.38
N SER B 100 3.63 8.54 41.18
CA SER B 100 4.72 7.81 41.81
C SER B 100 5.46 6.94 40.80
N LEU B 101 4.75 6.50 39.77
CA LEU B 101 5.34 5.62 38.78
C LEU B 101 6.27 6.40 37.85
N VAL B 102 7.32 5.72 37.39
CA VAL B 102 8.21 6.22 36.35
C VAL B 102 8.25 5.17 35.26
N ASP B 103 8.17 5.60 33.98
CA ASP B 103 8.02 4.70 32.84
C ASP B 103 6.73 3.88 32.99
N GLN B 104 5.82 4.34 33.86
CA GLN B 104 4.63 3.62 34.30
C GLN B 104 4.96 2.18 34.74
N LYS B 105 6.18 1.94 35.24
CA LYS B 105 6.68 0.60 35.52
C LYS B 105 7.38 0.57 36.89
N ARG B 106 8.49 1.30 37.02
CA ARG B 106 9.19 1.46 38.29
C ARG B 106 8.48 2.53 39.10
N SER B 107 8.78 2.65 40.39
CA SER B 107 8.08 3.62 41.23
C SER B 107 9.03 4.19 42.27
N LEU B 108 8.81 5.46 42.62
CA LEU B 108 9.65 6.15 43.58
C LEU B 108 9.33 5.68 45.00
N LEU B 109 8.11 5.19 45.23
CA LEU B 109 7.74 4.68 46.55
C LEU B 109 8.38 3.33 46.84
N SER B 110 9.02 2.70 45.84
CA SER B 110 9.62 1.38 46.00
C SER B 110 10.58 1.31 47.19
N VAL B 111 11.35 2.38 47.44
CA VAL B 111 12.35 2.37 48.50
C VAL B 111 11.77 1.93 49.85
N PHE B 112 10.49 2.24 50.10
CA PHE B 112 9.91 2.01 51.41
C PHE B 112 9.25 0.63 51.54
N ARG B 113 9.25 -0.16 50.46
CA ARG B 113 8.64 -1.49 50.46
C ARG B 113 9.58 -2.53 51.07
N ALA B 114 9.14 -3.18 52.18
CA ALA B 114 9.78 -4.35 52.76
C ALA B 114 11.31 -4.24 52.78
N ASN B 115 11.99 -5.18 52.11
CA ASN B 115 13.43 -5.12 51.90
C ASN B 115 13.74 -4.95 50.40
N GLN B 116 13.01 -4.04 49.74
CA GLN B 116 13.27 -3.69 48.35
C GLN B 116 14.76 -3.49 48.16
N TYR B 117 15.39 -2.84 49.14
CA TYR B 117 16.82 -2.71 49.24
C TYR B 117 17.17 -3.20 50.64
N PRO B 118 18.25 -4.00 50.82
CA PRO B 118 18.55 -4.60 52.13
C PRO B 118 18.93 -3.56 53.17
N ASP B 119 19.65 -2.52 52.71
CA ASP B 119 20.00 -1.39 53.53
C ASP B 119 19.70 -0.11 52.76
N LEU B 120 19.57 0.97 53.53
CA LEU B 120 19.17 2.29 53.05
C LEU B 120 19.58 3.30 54.13
N ARG B 121 20.74 3.93 53.95
CA ARG B 121 21.28 4.78 55.00
C ARG B 121 20.51 6.12 55.03
N ARG B 122 20.14 6.64 53.85
CA ARG B 122 19.26 7.80 53.73
C ARG B 122 18.64 7.85 52.34
N VAL B 123 17.56 8.64 52.22
CA VAL B 123 16.95 8.93 50.93
C VAL B 123 16.59 10.42 50.90
N GLU B 124 16.58 10.99 49.69
CA GLU B 124 16.42 12.43 49.50
C GLU B 124 15.52 12.69 48.29
N LEU B 125 14.58 13.62 48.44
CA LEU B 125 13.84 14.21 47.33
C LEU B 125 14.34 15.64 47.13
N ALA B 126 14.64 16.00 45.86
CA ALA B 126 15.00 17.36 45.50
C ALA B 126 14.16 17.80 44.31
N ILE B 127 13.60 19.03 44.38
CA ILE B 127 12.72 19.57 43.36
C ILE B 127 13.29 20.90 42.84
N THR B 128 13.28 21.06 41.50
CA THR B 128 14.06 22.09 40.81
C THR B 128 13.24 22.72 39.68
N GLY B 129 13.63 23.92 39.23
CA GLY B 129 12.93 24.62 38.16
C GLY B 129 11.82 25.54 38.69
N GLN B 130 10.84 25.88 37.85
CA GLN B 130 9.87 26.91 38.18
C GLN B 130 8.47 26.61 37.66
N ALA B 131 7.46 27.19 38.33
CA ALA B 131 6.07 27.09 37.89
C ALA B 131 5.78 25.62 37.51
N PRO B 132 4.79 25.29 36.65
CA PRO B 132 4.66 23.93 36.13
C PRO B 132 5.96 23.54 35.44
N PHE B 133 6.23 22.23 35.34
CA PHE B 133 7.44 21.71 34.70
C PHE B 133 8.62 21.68 35.68
N ARG B 134 8.34 21.60 36.99
CA ARG B 134 9.39 21.43 37.99
C ARG B 134 9.91 20.00 37.92
N THR B 135 11.22 19.79 38.15
CA THR B 135 11.82 18.47 38.01
C THR B 135 12.19 17.90 39.37
N LEU B 136 11.66 16.70 39.69
CA LEU B 136 11.96 16.00 40.92
C LEU B 136 13.00 14.90 40.66
N VAL B 137 14.00 14.78 41.54
CA VAL B 137 14.86 13.60 41.56
C VAL B 137 14.79 12.97 42.95
N GLN B 138 14.80 11.63 42.97
CA GLN B 138 14.90 10.87 44.21
C GLN B 138 16.21 10.11 44.22
N ARG B 139 16.98 10.32 45.28
CA ARG B 139 18.35 9.83 45.37
C ARG B 139 18.47 8.93 46.59
N ILE B 140 19.24 7.84 46.42
CA ILE B 140 19.22 6.69 47.32
C ILE B 140 20.65 6.30 47.66
N TRP B 141 20.92 6.11 48.95
CA TRP B 141 22.24 5.70 49.41
C TRP B 141 22.13 4.53 50.38
N THR B 142 23.11 3.61 50.29
CA THR B 142 23.09 2.36 51.04
C THR B 142 24.42 2.19 51.77
N THR B 143 24.37 1.75 53.05
CA THR B 143 25.57 1.24 53.70
C THR B 143 26.05 -0.02 52.98
N THR B 144 27.38 -0.19 52.89
CA THR B 144 27.98 -1.36 52.26
C THR B 144 29.04 -1.94 53.20
N SER B 145 28.75 -1.88 54.52
CA SER B 145 29.74 -2.04 55.56
C SER B 145 30.90 -1.08 55.30
N ASP B 146 32.13 -1.48 55.67
CA ASP B 146 33.35 -0.74 55.35
C ASP B 146 33.33 0.67 55.93
N GLY B 147 32.38 0.94 56.84
CA GLY B 147 32.22 2.25 57.47
C GLY B 147 31.71 3.33 56.50
N GLU B 148 31.00 2.92 55.44
CA GLU B 148 30.73 3.83 54.32
C GLU B 148 29.40 3.53 53.62
N ALA B 149 28.88 4.58 52.95
CA ALA B 149 27.68 4.48 52.13
C ALA B 149 27.90 5.10 50.75
N VAL B 150 27.18 4.56 49.75
CA VAL B 150 27.38 4.85 48.35
C VAL B 150 26.02 4.97 47.64
N GLU B 151 26.03 5.62 46.48
CA GLU B 151 24.81 5.86 45.69
C GLU B 151 24.31 4.56 45.08
N LEU B 152 23.01 4.30 45.21
CA LEU B 152 22.35 3.27 44.42
C LEU B 152 22.00 3.88 43.06
N ALA B 153 23.06 4.24 42.32
CA ALA B 153 23.00 5.22 41.24
C ALA B 153 22.04 4.78 40.13
N SER B 154 22.08 3.48 39.78
CA SER B 154 21.24 2.92 38.73
C SER B 154 19.75 3.03 39.07
N GLU B 155 19.43 3.22 40.37
CA GLU B 155 18.04 3.28 40.83
C GLU B 155 17.58 4.72 41.04
N THR B 156 18.37 5.71 40.58
CA THR B 156 17.99 7.11 40.67
C THR B 156 16.73 7.36 39.85
N LEU B 157 15.73 8.03 40.45
CA LEU B 157 14.48 8.26 39.77
C LEU B 157 14.25 9.75 39.51
N MET B 158 13.89 10.06 38.26
CA MET B 158 13.66 11.42 37.81
C MET B 158 12.24 11.52 37.27
N LYS B 159 11.46 12.48 37.80
CA LYS B 159 10.04 12.63 37.49
C LYS B 159 9.71 14.12 37.38
N ARG B 160 8.81 14.48 36.46
CA ARG B 160 8.41 15.87 36.28
C ARG B 160 7.01 16.11 36.85
N GLU B 161 6.88 17.23 37.57
CA GLU B 161 5.63 17.75 38.12
C GLU B 161 4.54 17.69 37.06
N LEU B 162 3.34 17.25 37.42
CA LEU B 162 2.28 17.28 36.41
C LEU B 162 1.73 18.70 36.32
N THR B 163 1.42 19.12 35.08
CA THR B 163 1.16 20.51 34.75
C THR B 163 -0.12 21.02 35.43
N SER B 164 -1.11 20.13 35.57
CA SER B 164 -2.34 20.46 36.26
C SER B 164 -2.85 19.21 36.96
N PHE B 165 -3.62 19.43 38.03
CA PHE B 165 -4.23 18.32 38.75
C PHE B 165 -5.48 18.78 39.50
N VAL B 166 -6.38 17.83 39.73
CA VAL B 166 -7.38 17.99 40.77
C VAL B 166 -7.30 16.80 41.70
N VAL B 167 -7.19 17.08 43.00
CA VAL B 167 -7.31 16.07 44.04
C VAL B 167 -8.32 16.55 45.06
N LEU B 168 -9.12 15.60 45.56
CA LEU B 168 -10.22 15.92 46.46
C LEU B 168 -9.92 15.30 47.81
N VAL B 169 -9.81 16.12 48.87
CA VAL B 169 -9.20 15.69 50.12
C VAL B 169 -10.07 16.11 51.31
N PRO B 170 -10.07 15.32 52.41
CA PRO B 170 -11.03 15.53 53.50
C PRO B 170 -10.64 16.62 54.49
N GLN B 171 -11.61 17.04 55.30
CA GLN B 171 -11.53 18.29 56.05
C GLN B 171 -12.44 18.23 57.28
N GLY B 172 -12.19 19.15 58.22
CA GLY B 172 -13.08 19.36 59.35
C GLY B 172 -12.83 18.36 60.47
N THR B 173 -13.41 18.64 61.64
CA THR B 173 -13.28 17.79 62.81
C THR B 173 -14.29 16.64 62.69
N PRO B 174 -13.89 15.37 62.92
CA PRO B 174 -14.83 14.25 62.89
C PRO B 174 -15.83 14.31 64.05
N ASP B 175 -17.01 13.74 63.80
CA ASP B 175 -18.15 13.85 64.69
C ASP B 175 -17.99 12.97 65.92
N VAL B 176 -17.42 11.77 65.73
CA VAL B 176 -17.22 10.79 66.79
C VAL B 176 -15.99 9.96 66.44
N GLN B 177 -15.28 9.43 67.45
CA GLN B 177 -14.19 8.49 67.23
C GLN B 177 -14.29 7.28 68.18
N LEU B 178 -13.99 6.10 67.62
CA LEU B 178 -13.84 4.86 68.37
C LEU B 178 -12.44 4.32 68.09
N ARG B 179 -11.79 3.75 69.12
CA ARG B 179 -10.41 3.31 69.04
C ARG B 179 -10.34 1.78 69.04
N LEU B 180 -10.58 1.16 67.89
CA LEU B 180 -10.61 -0.30 67.79
C LEU B 180 -9.19 -0.84 67.77
N THR B 181 -8.80 -1.50 68.87
CA THR B 181 -7.56 -2.27 68.91
C THR B 181 -7.69 -3.46 67.95
N ARG B 182 -6.56 -4.04 67.54
CA ARG B 182 -6.49 -4.99 66.44
C ARG B 182 -7.53 -6.12 66.55
N PRO B 183 -7.69 -6.82 67.70
CA PRO B 183 -8.65 -7.92 67.78
C PRO B 183 -10.08 -7.47 67.47
N GLN B 184 -10.53 -6.39 68.11
CA GLN B 184 -11.92 -5.97 67.96
C GLN B 184 -12.14 -5.24 66.64
N LEU B 185 -11.10 -4.59 66.08
CA LEU B 185 -11.13 -4.14 64.70
C LEU B 185 -11.45 -5.33 63.79
N THR B 186 -10.71 -6.45 63.96
CA THR B 186 -10.88 -7.65 63.16
C THR B 186 -12.32 -8.17 63.27
N LYS B 187 -12.88 -8.17 64.49
CA LYS B 187 -14.23 -8.67 64.70
C LYS B 187 -15.26 -7.81 63.99
N VAL B 188 -15.16 -6.48 64.17
CA VAL B 188 -16.02 -5.50 63.50
C VAL B 188 -15.92 -5.64 61.98
N LEU B 189 -14.72 -5.95 61.49
CA LEU B 189 -14.39 -6.05 60.08
C LEU B 189 -14.97 -7.34 59.50
N ASN B 190 -14.83 -8.46 60.23
CA ASN B 190 -15.33 -9.76 59.80
C ASN B 190 -16.86 -9.79 59.74
N ALA B 191 -17.54 -8.94 60.54
CA ALA B 191 -19.00 -8.90 60.57
C ALA B 191 -19.60 -8.22 59.33
N THR B 192 -18.78 -7.60 58.49
CA THR B 192 -19.27 -6.95 57.27
C THR B 192 -19.77 -7.99 56.26
N GLY B 193 -20.69 -7.55 55.40
CA GLY B 193 -21.27 -8.39 54.37
C GLY B 193 -20.34 -8.57 53.18
N ALA B 194 -20.91 -8.79 51.98
CA ALA B 194 -20.10 -9.06 50.80
C ALA B 194 -20.91 -8.77 49.53
N ASP B 195 -20.31 -9.04 48.35
CA ASP B 195 -20.98 -8.81 47.08
C ASP B 195 -21.38 -7.34 47.00
N SER B 196 -22.64 -7.06 46.60
CA SER B 196 -23.18 -5.72 46.56
C SER B 196 -24.61 -5.68 47.09
N ALA B 197 -25.28 -6.83 47.07
CA ALA B 197 -26.68 -6.92 47.49
C ALA B 197 -26.81 -6.79 49.01
N THR B 198 -25.86 -7.40 49.76
CA THR B 198 -26.06 -7.61 51.19
C THR B 198 -25.91 -6.30 51.96
N PRO B 199 -26.76 -6.04 52.99
CA PRO B 199 -26.66 -4.84 53.81
C PRO B 199 -25.62 -4.94 54.94
N THR B 200 -25.19 -3.77 55.44
CA THR B 200 -24.27 -3.64 56.56
C THR B 200 -24.48 -2.27 57.20
N THR B 201 -24.40 -2.18 58.54
CA THR B 201 -24.57 -0.90 59.22
C THR B 201 -23.67 -0.76 60.44
N PHE B 202 -23.16 0.46 60.62
CA PHE B 202 -22.47 0.88 61.83
C PHE B 202 -23.44 1.64 62.72
N GLU B 203 -23.30 1.46 64.03
CA GLU B 203 -24.23 2.01 65.01
C GLU B 203 -23.46 2.46 66.25
N LEU B 204 -23.93 3.56 66.86
CA LEU B 204 -23.59 3.88 68.24
C LEU B 204 -24.86 4.44 68.88
N GLY B 205 -25.59 3.57 69.57
CA GLY B 205 -26.84 3.93 70.24
C GLY B 205 -26.59 4.38 71.68
N VAL B 206 -27.69 4.78 72.35
CA VAL B 206 -27.63 5.30 73.71
C VAL B 206 -27.14 4.18 74.63
N ASN B 207 -26.35 4.57 75.65
CA ASN B 207 -25.58 3.65 76.50
C ASN B 207 -24.29 3.20 75.81
N GLY B 208 -24.08 3.56 74.54
CA GLY B 208 -22.81 3.36 73.87
C GLY B 208 -22.51 1.89 73.55
N LYS B 209 -23.46 1.21 72.90
CA LYS B 209 -23.37 -0.23 72.67
C LYS B 209 -22.46 -0.58 71.48
N PHE B 210 -22.17 0.40 70.62
CA PHE B 210 -21.51 0.19 69.33
C PHE B 210 -21.94 -1.14 68.70
N SER B 211 -23.25 -1.28 68.47
CA SER B 211 -23.83 -2.54 68.01
C SER B 211 -23.83 -2.62 66.49
N VAL B 212 -22.66 -2.90 65.88
CA VAL B 212 -22.58 -3.09 64.43
C VAL B 212 -23.32 -4.37 64.06
N PHE B 213 -24.07 -4.34 62.95
CA PHE B 213 -24.85 -5.51 62.55
C PHE B 213 -25.24 -5.51 61.07
N THR B 214 -25.75 -6.68 60.67
CA THR B 214 -26.44 -6.93 59.41
C THR B 214 -27.76 -7.65 59.74
N THR B 215 -28.56 -7.97 58.72
CA THR B 215 -29.77 -8.76 58.91
C THR B 215 -29.43 -10.19 59.33
N SER B 216 -28.15 -10.59 59.18
CA SER B 216 -27.69 -11.95 59.41
C SER B 216 -26.84 -12.08 60.69
N THR B 217 -26.04 -11.05 60.99
CA THR B 217 -24.92 -11.14 61.94
C THR B 217 -24.81 -9.88 62.80
N CYS B 218 -24.34 -10.02 64.05
CA CYS B 218 -24.35 -8.92 65.00
C CYS B 218 -23.17 -8.98 65.96
N VAL B 219 -22.63 -7.79 66.34
CA VAL B 219 -21.60 -7.66 67.37
C VAL B 219 -21.92 -6.45 68.24
N THR B 220 -21.21 -6.29 69.37
CA THR B 220 -21.45 -5.18 70.28
C THR B 220 -20.19 -4.89 71.12
N PHE B 221 -19.92 -3.60 71.39
CA PHE B 221 -18.75 -3.19 72.16
C PHE B 221 -19.05 -1.97 73.03
N ALA B 222 -18.62 -2.04 74.30
CA ALA B 222 -18.97 -1.05 75.31
C ALA B 222 -18.16 0.24 75.11
N ALA B 223 -18.77 1.23 74.46
CA ALA B 223 -18.14 2.52 74.25
C ALA B 223 -18.08 3.30 75.57
N ARG B 224 -16.90 3.84 75.88
CA ARG B 224 -16.70 4.72 77.03
C ARG B 224 -15.85 5.92 76.60
N GLU B 225 -16.23 7.10 77.07
CA GLU B 225 -15.75 8.36 76.52
C GLU B 225 -14.29 8.59 76.94
N ASN B 252 -14.67 -6.84 80.83
CA ASN B 252 -13.83 -5.64 80.56
C ASN B 252 -13.47 -5.57 79.07
N ALA B 253 -13.13 -6.72 78.47
CA ALA B 253 -12.62 -6.77 77.11
C ALA B 253 -13.70 -6.40 76.08
N LYS B 254 -14.90 -6.01 76.56
CA LYS B 254 -15.97 -5.57 75.69
C LYS B 254 -15.75 -4.14 75.18
N THR B 255 -14.84 -3.38 75.82
CA THR B 255 -14.87 -1.93 75.71
C THR B 255 -14.10 -1.40 74.49
N VAL B 256 -14.64 -0.32 73.92
CA VAL B 256 -13.96 0.50 72.93
C VAL B 256 -13.85 1.93 73.47
N TYR B 257 -12.61 2.41 73.64
CA TYR B 257 -12.36 3.75 74.12
C TYR B 257 -12.75 4.75 73.02
N GLY B 258 -13.46 5.82 73.39
CA GLY B 258 -14.15 6.65 72.41
C GLY B 258 -14.11 8.15 72.74
N GLU B 259 -14.47 8.96 71.74
CA GLU B 259 -14.50 10.42 71.88
C GLU B 259 -15.73 10.96 71.16
N ASN B 260 -16.43 11.93 71.77
CA ASN B 260 -17.62 12.52 71.16
C ASN B 260 -18.70 11.45 70.98
N THR B 261 -18.63 10.38 71.79
CA THR B 261 -19.59 9.28 71.69
C THR B 261 -20.99 9.74 72.10
N HIS B 262 -21.08 10.96 72.67
CA HIS B 262 -22.36 11.53 73.07
C HIS B 262 -23.38 11.45 71.94
N ARG B 263 -22.98 11.86 70.73
CA ARG B 263 -23.85 11.84 69.56
C ARG B 263 -24.16 10.39 69.19
N THR B 264 -25.45 10.06 69.01
CA THR B 264 -25.87 8.70 68.71
C THR B 264 -26.52 8.61 67.34
N PHE B 265 -26.30 7.47 66.66
CA PHE B 265 -26.66 7.32 65.25
C PHE B 265 -26.68 5.85 64.81
N SER B 266 -27.24 5.61 63.61
CA SER B 266 -27.09 4.34 62.90
C SER B 266 -27.11 4.60 61.39
N VAL B 267 -26.27 3.88 60.62
CA VAL B 267 -26.06 4.22 59.22
C VAL B 267 -25.62 3.00 58.42
N VAL B 268 -26.27 2.79 57.26
CA VAL B 268 -25.92 1.68 56.37
C VAL B 268 -24.78 2.09 55.44
N VAL B 269 -24.11 1.08 54.87
CA VAL B 269 -23.08 1.25 53.86
C VAL B 269 -23.34 0.29 52.70
N ASP B 270 -23.31 0.82 51.46
CA ASP B 270 -23.50 0.05 50.25
C ASP B 270 -22.15 -0.33 49.63
N ASP B 271 -21.05 0.23 50.15
CA ASP B 271 -19.72 0.06 49.57
C ASP B 271 -19.25 -1.40 49.72
N CYS B 272 -18.91 -1.99 48.57
CA CYS B 272 -18.32 -3.32 48.54
C CYS B 272 -16.84 -3.24 48.92
N SER B 273 -16.26 -4.41 49.18
CA SER B 273 -14.81 -4.63 49.23
C SER B 273 -14.14 -3.90 50.41
N MET B 274 -14.92 -3.32 51.34
CA MET B 274 -14.32 -2.57 52.44
C MET B 274 -13.23 -3.42 53.11
N ARG B 275 -13.60 -4.63 53.51
CA ARG B 275 -12.71 -5.56 54.20
C ARG B 275 -11.54 -5.97 53.29
N ALA B 276 -11.80 -6.11 51.99
CA ALA B 276 -10.74 -6.44 51.04
C ALA B 276 -9.65 -5.36 51.10
N VAL B 277 -10.07 -4.08 51.07
CA VAL B 277 -9.16 -2.95 51.17
C VAL B 277 -8.44 -3.01 52.52
N LEU B 278 -9.18 -3.26 53.60
CA LEU B 278 -8.60 -3.23 54.93
C LEU B 278 -7.64 -4.40 55.17
N ARG B 279 -7.64 -5.42 54.29
CA ARG B 279 -6.68 -6.52 54.37
C ARG B 279 -5.48 -6.24 53.45
N ARG B 280 -5.72 -5.84 52.20
CA ARG B 280 -4.65 -5.41 51.32
C ARG B 280 -3.66 -4.56 52.11
N LEU B 281 -4.20 -3.54 52.78
CA LEU B 281 -3.54 -2.88 53.89
C LEU B 281 -3.53 -3.85 55.06
N GLN B 282 -2.35 -4.21 55.56
CA GLN B 282 -2.29 -5.04 56.76
C GLN B 282 -2.61 -4.16 57.96
N VAL B 283 -3.92 -3.91 58.18
CA VAL B 283 -4.40 -3.03 59.23
C VAL B 283 -4.16 -3.69 60.58
N GLY B 284 -3.06 -3.30 61.24
CA GLY B 284 -2.76 -3.76 62.58
C GLY B 284 -3.51 -2.98 63.65
N GLY B 285 -4.85 -2.95 63.54
CA GLY B 285 -5.70 -2.17 64.42
C GLY B 285 -5.77 -0.70 64.00
N GLY B 286 -6.85 -0.01 64.40
CA GLY B 286 -7.04 1.35 63.92
C GLY B 286 -8.26 2.04 64.53
N THR B 287 -8.17 3.37 64.64
CA THR B 287 -9.31 4.18 65.04
C THR B 287 -10.24 4.36 63.84
N LEU B 288 -11.53 4.33 64.16
CA LEU B 288 -12.61 4.73 63.28
C LEU B 288 -13.03 6.14 63.71
N LYS B 289 -13.13 7.06 62.74
CA LYS B 289 -13.72 8.36 63.01
C LYS B 289 -14.71 8.71 61.90
N PHE B 290 -15.82 9.32 62.32
CA PHE B 290 -17.02 9.46 61.51
C PHE B 290 -17.20 10.92 61.09
N PHE B 291 -17.70 11.13 59.87
CA PHE B 291 -18.07 12.46 59.39
C PHE B 291 -19.53 12.41 58.96
N LEU B 292 -20.37 13.22 59.63
CA LEU B 292 -21.81 13.02 59.63
C LEU B 292 -22.59 14.30 59.31
N THR B 293 -21.94 15.47 59.42
CA THR B 293 -22.61 16.75 59.21
C THR B 293 -22.85 17.04 57.72
N THR B 294 -22.13 16.34 56.84
CA THR B 294 -22.21 16.58 55.42
C THR B 294 -23.44 15.88 54.83
N PRO B 295 -24.00 16.38 53.70
CA PRO B 295 -25.11 15.71 53.01
C PRO B 295 -24.87 14.27 52.56
N VAL B 296 -23.60 13.91 52.31
CA VAL B 296 -23.20 12.51 52.24
C VAL B 296 -22.19 12.25 53.35
N PRO B 297 -22.46 11.32 54.29
CA PRO B 297 -21.53 11.01 55.36
C PRO B 297 -20.41 10.05 54.91
N SER B 298 -19.34 9.99 55.70
CA SER B 298 -18.25 9.05 55.45
C SER B 298 -17.59 8.60 56.76
N LEU B 299 -16.93 7.44 56.70
CA LEU B 299 -16.21 6.86 57.83
C LEU B 299 -14.74 6.71 57.42
N CYS B 300 -13.85 7.29 58.23
CA CYS B 300 -12.42 7.22 57.99
C CYS B 300 -11.80 6.26 59.00
N VAL B 301 -11.05 5.27 58.48
CA VAL B 301 -10.36 4.26 59.28
C VAL B 301 -8.87 4.53 59.14
N THR B 302 -8.18 4.72 60.26
CA THR B 302 -6.74 4.97 60.22
C THR B 302 -6.04 4.03 61.20
N ALA B 303 -4.86 3.55 60.81
CA ALA B 303 -4.14 2.60 61.66
C ALA B 303 -3.76 3.26 62.97
N THR B 304 -3.72 2.48 64.05
CA THR B 304 -3.30 3.00 65.34
C THR B 304 -1.77 3.11 65.35
N GLY B 305 -1.29 4.34 65.59
CA GLY B 305 0.14 4.62 65.63
C GLY B 305 0.43 6.12 65.54
N PRO B 306 1.72 6.54 65.57
CA PRO B 306 2.08 7.95 65.46
C PRO B 306 1.86 8.52 64.05
N ASN B 307 2.04 7.65 63.04
CA ASN B 307 1.71 7.93 61.66
C ASN B 307 1.04 6.69 61.06
N ALA B 308 0.16 6.89 60.07
CA ALA B 308 -0.79 5.87 59.69
C ALA B 308 -1.27 6.06 58.26
N VAL B 309 -1.52 4.94 57.58
CA VAL B 309 -2.36 4.97 56.40
C VAL B 309 -3.81 5.15 56.87
N SER B 310 -4.59 5.85 56.04
CA SER B 310 -5.99 6.11 56.29
C SER B 310 -6.77 5.73 55.04
N ALA B 311 -7.97 5.18 55.22
CA ALA B 311 -8.88 4.92 54.12
C ALA B 311 -10.24 5.50 54.48
N VAL B 312 -10.88 6.14 53.50
CA VAL B 312 -12.12 6.87 53.70
C VAL B 312 -13.22 6.15 52.93
N PHE B 313 -14.27 5.70 53.63
CA PHE B 313 -15.35 4.96 53.01
C PHE B 313 -16.62 5.81 53.03
N LEU B 314 -17.23 5.99 51.85
CA LEU B 314 -18.49 6.70 51.72
C LEU B 314 -19.62 5.88 52.35
N LEU B 315 -20.31 6.49 53.31
CA LEU B 315 -21.51 5.90 53.89
C LEU B 315 -22.71 6.33 53.04
N LYS B 316 -23.84 5.64 53.24
CA LYS B 316 -25.12 6.03 52.66
C LYS B 316 -25.63 7.28 53.39
N PRO B 317 -26.29 8.25 52.71
CA PRO B 317 -26.95 9.36 53.39
C PRO B 317 -28.25 8.94 54.08
N GLN B 318 -28.19 7.80 54.77
CA GLN B 318 -29.35 7.17 55.38
C GLN B 318 -29.54 7.76 56.79
N LYS B 319 -29.48 9.11 56.87
CA LYS B 319 -29.82 9.88 58.06
C LYS B 319 -28.90 9.51 59.24
#